data_3WZS
# 
_entry.id   3WZS 
# 
_audit_conform.dict_name       mmcif_pdbx.dic 
_audit_conform.dict_version    5.398 
_audit_conform.dict_location   http://mmcif.pdb.org/dictionaries/ascii/mmcif_pdbx.dic 
# 
loop_
_database_2.database_id 
_database_2.database_code 
_database_2.pdbx_database_accession 
_database_2.pdbx_DOI 
PDB   3WZS         pdb_00003wzs 10.2210/pdb3wzs/pdb 
RCSB  RCSB096998   ?            ?                   
WWPDB D_1000096998 ?            ?                   
# 
loop_
_pdbx_audit_revision_history.ordinal 
_pdbx_audit_revision_history.data_content_type 
_pdbx_audit_revision_history.major_revision 
_pdbx_audit_revision_history.minor_revision 
_pdbx_audit_revision_history.revision_date 
1 'Structure model' 1 0 2014-12-03 
2 'Structure model' 1 1 2014-12-31 
3 'Structure model' 1 2 2024-10-30 
# 
_pdbx_audit_revision_details.ordinal             1 
_pdbx_audit_revision_details.revision_ordinal    1 
_pdbx_audit_revision_details.data_content_type   'Structure model' 
_pdbx_audit_revision_details.provider            repository 
_pdbx_audit_revision_details.type                'Initial release' 
_pdbx_audit_revision_details.description         ? 
_pdbx_audit_revision_details.details             ? 
# 
loop_
_pdbx_audit_revision_group.ordinal 
_pdbx_audit_revision_group.revision_ordinal 
_pdbx_audit_revision_group.data_content_type 
_pdbx_audit_revision_group.group 
1 2 'Structure model' 'Database references'  
2 3 'Structure model' 'Data collection'      
3 3 'Structure model' 'Database references'  
4 3 'Structure model' 'Derived calculations' 
5 3 'Structure model' 'Structure summary'    
# 
loop_
_pdbx_audit_revision_category.ordinal 
_pdbx_audit_revision_category.revision_ordinal 
_pdbx_audit_revision_category.data_content_type 
_pdbx_audit_revision_category.category 
1 3 'Structure model' chem_comp_atom            
2 3 'Structure model' chem_comp_bond            
3 3 'Structure model' database_2                
4 3 'Structure model' pdbx_entry_details        
5 3 'Structure model' pdbx_modification_feature 
6 3 'Structure model' struct_conn               
7 3 'Structure model' struct_ref_seq_dif        
8 3 'Structure model' struct_site               
# 
loop_
_pdbx_audit_revision_item.ordinal 
_pdbx_audit_revision_item.revision_ordinal 
_pdbx_audit_revision_item.data_content_type 
_pdbx_audit_revision_item.item 
1 3 'Structure model' '_database_2.pdbx_DOI'                
2 3 'Structure model' '_database_2.pdbx_database_accession' 
3 3 'Structure model' '_struct_conn.pdbx_leaving_atom_flag' 
4 3 'Structure model' '_struct_ref_seq_dif.details'         
5 3 'Structure model' '_struct_site.pdbx_auth_asym_id'      
6 3 'Structure model' '_struct_site.pdbx_auth_comp_id'      
7 3 'Structure model' '_struct_site.pdbx_auth_seq_id'       
# 
_pdbx_database_status.status_code                     REL 
_pdbx_database_status.entry_id                        3WZS 
_pdbx_database_status.recvd_initial_deposition_date   2014-10-03 
_pdbx_database_status.deposit_site                    PDBJ 
_pdbx_database_status.process_site                    PDBJ 
_pdbx_database_status.methods_development_category    ? 
_pdbx_database_status.status_code_sf                  REL 
_pdbx_database_status.status_code_mr                  ? 
_pdbx_database_status.SG_entry                        ? 
_pdbx_database_status.status_code_cs                  ? 
_pdbx_database_status.pdb_format_compatible           Y 
_pdbx_database_status.status_code_nmr_data            ? 
# 
_pdbx_database_related.db_name        PDB 
_pdbx_database_related.db_id          3wzt 
_pdbx_database_related.details        . 
_pdbx_database_related.content_type   unspecified 
# 
loop_
_audit_author.name 
_audit_author.pdbx_ordinal 
'Zhu, T.'   1 
'Satoh, T.' 2 
'Kato, K.'  3 
# 
_citation.id                        primary 
_citation.title                     
;Structural insight into substrate recognition by the endoplasmic reticulum folding-sensor enzyme: crystal structure of third thioredoxin-like domain of UDP-glucose:glycoprotein glucosyltransferase
;
_citation.journal_abbrev            'Sci Rep' 
_citation.journal_volume            4 
_citation.page_first                7322 
_citation.page_last                 7322 
_citation.year                      2014 
_citation.journal_id_ASTM           ? 
_citation.country                   UK 
_citation.journal_id_ISSN           2045-2322 
_citation.journal_id_CSD            ? 
_citation.book_publisher            ? 
_citation.pdbx_database_id_PubMed   25471383 
_citation.pdbx_database_id_DOI      10.1038/srep07322 
# 
loop_
_citation_author.citation_id 
_citation_author.name 
_citation_author.ordinal 
_citation_author.identifier_ORCID 
primary 'Zhu, T.'   1 ? 
primary 'Satoh, T.' 2 ? 
primary 'Kato, K.'  3 ? 
# 
loop_
_entity.id 
_entity.type 
_entity.src_method 
_entity.pdbx_description 
_entity.formula_weight 
_entity.pdbx_number_of_molecules 
_entity.pdbx_ec 
_entity.pdbx_mutation 
_entity.pdbx_fragment 
_entity.details 
1 polymer     man 'UDP-glucose-glycoprotein glucosyltransferase-like protein' 18390.176 1   ? ? 
'Trx3 domain, UNP residues 671-831' ? 
2 non-polymer syn 3,6,12,15,18,21,24-HEPTAOXAHEXATRIACONTAN-1-OL              536.782   1   ? ? ? ? 
3 water       nat water                                                       18.015    120 ? ? ? ? 
# 
_entity_poly.entity_id                      1 
_entity_poly.type                           'polypeptide(L)' 
_entity_poly.nstd_linkage                   no 
_entity_poly.nstd_monomer                   yes 
_entity_poly.pdbx_seq_one_letter_code       
;GSNVNKIYIENHDL(MSE)SKVPVIEASKESTRDDWAALTVVADLDDIEGQELVYYALRFRKSNDGVRLDIVHNPKDTSR
SPSVLAQRLKSREDKLLDFTRFLDLETALETGEFEPDVAYDASLANFLASSN(MSE)KAGDNFVILNGRVLGPITSADDF
KKEDFEVFLQA
;
_entity_poly.pdbx_seq_one_letter_code_can   
;GSNVNKIYIENHDLMSKVPVIEASKESTRDDWAALTVVADLDDIEGQELVYYALRFRKSNDGVRLDIVHNPKDTSRSPSV
LAQRLKSREDKLLDFTRFLDLETALETGEFEPDVAYDASLANFLASSNMKAGDNFVILNGRVLGPITSADDFKKEDFEVF
LQA
;
_entity_poly.pdbx_strand_id                 A 
_entity_poly.pdbx_target_identifier         ? 
# 
loop_
_pdbx_entity_nonpoly.entity_id 
_pdbx_entity_nonpoly.name 
_pdbx_entity_nonpoly.comp_id 
2 3,6,12,15,18,21,24-HEPTAOXAHEXATRIACONTAN-1-OL PQE 
3 water                                          HOH 
# 
loop_
_entity_poly_seq.entity_id 
_entity_poly_seq.num 
_entity_poly_seq.mon_id 
_entity_poly_seq.hetero 
1 1   GLY n 
1 2   SER n 
1 3   ASN n 
1 4   VAL n 
1 5   ASN n 
1 6   LYS n 
1 7   ILE n 
1 8   TYR n 
1 9   ILE n 
1 10  GLU n 
1 11  ASN n 
1 12  HIS n 
1 13  ASP n 
1 14  LEU n 
1 15  MSE n 
1 16  SER n 
1 17  LYS n 
1 18  VAL n 
1 19  PRO n 
1 20  VAL n 
1 21  ILE n 
1 22  GLU n 
1 23  ALA n 
1 24  SER n 
1 25  LYS n 
1 26  GLU n 
1 27  SER n 
1 28  THR n 
1 29  ARG n 
1 30  ASP n 
1 31  ASP n 
1 32  TRP n 
1 33  ALA n 
1 34  ALA n 
1 35  LEU n 
1 36  THR n 
1 37  VAL n 
1 38  VAL n 
1 39  ALA n 
1 40  ASP n 
1 41  LEU n 
1 42  ASP n 
1 43  ASP n 
1 44  ILE n 
1 45  GLU n 
1 46  GLY n 
1 47  GLN n 
1 48  GLU n 
1 49  LEU n 
1 50  VAL n 
1 51  TYR n 
1 52  TYR n 
1 53  ALA n 
1 54  LEU n 
1 55  ARG n 
1 56  PHE n 
1 57  ARG n 
1 58  LYS n 
1 59  SER n 
1 60  ASN n 
1 61  ASP n 
1 62  GLY n 
1 63  VAL n 
1 64  ARG n 
1 65  LEU n 
1 66  ASP n 
1 67  ILE n 
1 68  VAL n 
1 69  HIS n 
1 70  ASN n 
1 71  PRO n 
1 72  LYS n 
1 73  ASP n 
1 74  THR n 
1 75  SER n 
1 76  ARG n 
1 77  SER n 
1 78  PRO n 
1 79  SER n 
1 80  VAL n 
1 81  LEU n 
1 82  ALA n 
1 83  GLN n 
1 84  ARG n 
1 85  LEU n 
1 86  LYS n 
1 87  SER n 
1 88  ARG n 
1 89  GLU n 
1 90  ASP n 
1 91  LYS n 
1 92  LEU n 
1 93  LEU n 
1 94  ASP n 
1 95  PHE n 
1 96  THR n 
1 97  ARG n 
1 98  PHE n 
1 99  LEU n 
1 100 ASP n 
1 101 LEU n 
1 102 GLU n 
1 103 THR n 
1 104 ALA n 
1 105 LEU n 
1 106 GLU n 
1 107 THR n 
1 108 GLY n 
1 109 GLU n 
1 110 PHE n 
1 111 GLU n 
1 112 PRO n 
1 113 ASP n 
1 114 VAL n 
1 115 ALA n 
1 116 TYR n 
1 117 ASP n 
1 118 ALA n 
1 119 SER n 
1 120 LEU n 
1 121 ALA n 
1 122 ASN n 
1 123 PHE n 
1 124 LEU n 
1 125 ALA n 
1 126 SER n 
1 127 SER n 
1 128 ASN n 
1 129 MSE n 
1 130 LYS n 
1 131 ALA n 
1 132 GLY n 
1 133 ASP n 
1 134 ASN n 
1 135 PHE n 
1 136 VAL n 
1 137 ILE n 
1 138 LEU n 
1 139 ASN n 
1 140 GLY n 
1 141 ARG n 
1 142 VAL n 
1 143 LEU n 
1 144 GLY n 
1 145 PRO n 
1 146 ILE n 
1 147 THR n 
1 148 SER n 
1 149 ALA n 
1 150 ASP n 
1 151 ASP n 
1 152 PHE n 
1 153 LYS n 
1 154 LYS n 
1 155 GLU n 
1 156 ASP n 
1 157 PHE n 
1 158 GLU n 
1 159 VAL n 
1 160 PHE n 
1 161 LEU n 
1 162 GLN n 
1 163 ALA n 
# 
_entity_src_gen.entity_id                          1 
_entity_src_gen.pdbx_src_id                        1 
_entity_src_gen.pdbx_alt_source_flag               sample 
_entity_src_gen.pdbx_seq_type                      ? 
_entity_src_gen.pdbx_beg_seq_num                   ? 
_entity_src_gen.pdbx_end_seq_num                   ? 
_entity_src_gen.gene_src_common_name               ? 
_entity_src_gen.gene_src_genus                     ? 
_entity_src_gen.pdbx_gene_src_gene                 CTHT_0048990 
_entity_src_gen.gene_src_species                   ? 
_entity_src_gen.gene_src_strain                    'DSM 1495 / CBS 144.50 / IMI 039719' 
_entity_src_gen.gene_src_tissue                    ? 
_entity_src_gen.gene_src_tissue_fraction           ? 
_entity_src_gen.gene_src_details                   ? 
_entity_src_gen.pdbx_gene_src_fragment             ? 
_entity_src_gen.pdbx_gene_src_scientific_name      'Chaetomium thermophilum var. thermophilum DSM 1495' 
_entity_src_gen.pdbx_gene_src_ncbi_taxonomy_id     759272 
_entity_src_gen.pdbx_gene_src_variant              ? 
_entity_src_gen.pdbx_gene_src_cell_line            ? 
_entity_src_gen.pdbx_gene_src_atcc                 ? 
_entity_src_gen.pdbx_gene_src_organ                ? 
_entity_src_gen.pdbx_gene_src_organelle            ? 
_entity_src_gen.pdbx_gene_src_cell                 ? 
_entity_src_gen.pdbx_gene_src_cellular_location    ? 
_entity_src_gen.host_org_common_name               ? 
_entity_src_gen.pdbx_host_org_scientific_name      'Escherichia coli' 
_entity_src_gen.pdbx_host_org_ncbi_taxonomy_id     562 
_entity_src_gen.host_org_genus                     ? 
_entity_src_gen.pdbx_host_org_gene                 ? 
_entity_src_gen.pdbx_host_org_organ                ? 
_entity_src_gen.host_org_species                   ? 
_entity_src_gen.pdbx_host_org_tissue               ? 
_entity_src_gen.pdbx_host_org_tissue_fraction      ? 
_entity_src_gen.pdbx_host_org_strain               'BL21 star' 
_entity_src_gen.pdbx_host_org_variant              ? 
_entity_src_gen.pdbx_host_org_cell_line            ? 
_entity_src_gen.pdbx_host_org_atcc                 ? 
_entity_src_gen.pdbx_host_org_culture_collection   ? 
_entity_src_gen.pdbx_host_org_cell                 ? 
_entity_src_gen.pdbx_host_org_organelle            ? 
_entity_src_gen.pdbx_host_org_cellular_location    ? 
_entity_src_gen.pdbx_host_org_vector_type          plasmid 
_entity_src_gen.pdbx_host_org_vector               ? 
_entity_src_gen.host_org_details                   ? 
_entity_src_gen.expression_system_id               ? 
_entity_src_gen.plasmid_name                       'pCold-GST (modified)' 
_entity_src_gen.plasmid_details                    ? 
_entity_src_gen.pdbx_description                   ? 
# 
loop_
_chem_comp.id 
_chem_comp.type 
_chem_comp.mon_nstd_flag 
_chem_comp.name 
_chem_comp.pdbx_synonyms 
_chem_comp.formula 
_chem_comp.formula_weight 
ALA 'L-peptide linking' y ALANINE                                        ?            'C3 H7 N O2'     89.093  
ARG 'L-peptide linking' y ARGININE                                       ?            'C6 H15 N4 O2 1' 175.209 
ASN 'L-peptide linking' y ASPARAGINE                                     ?            'C4 H8 N2 O3'    132.118 
ASP 'L-peptide linking' y 'ASPARTIC ACID'                                ?            'C4 H7 N O4'     133.103 
GLN 'L-peptide linking' y GLUTAMINE                                      ?            'C5 H10 N2 O3'   146.144 
GLU 'L-peptide linking' y 'GLUTAMIC ACID'                                ?            'C5 H9 N O4'     147.129 
GLY 'peptide linking'   y GLYCINE                                        ?            'C2 H5 N O2'     75.067  
HIS 'L-peptide linking' y HISTIDINE                                      ?            'C6 H10 N3 O2 1' 156.162 
HOH non-polymer         . WATER                                          ?            'H2 O'           18.015  
ILE 'L-peptide linking' y ISOLEUCINE                                     ?            'C6 H13 N O2'    131.173 
LEU 'L-peptide linking' y LEUCINE                                        ?            'C6 H13 N O2'    131.173 
LYS 'L-peptide linking' y LYSINE                                         ?            'C6 H15 N2 O2 1' 147.195 
MSE 'L-peptide linking' n SELENOMETHIONINE                               ?            'C5 H11 N O2 Se' 196.106 
PHE 'L-peptide linking' y PHENYLALANINE                                  ?            'C9 H11 N O2'    165.189 
PQE non-polymer         . 3,6,12,15,18,21,24-HEPTAOXAHEXATRIACONTAN-1-OL ANAPOE-C12E8 'C29 H60 O8'     536.782 
PRO 'L-peptide linking' y PROLINE                                        ?            'C5 H9 N O2'     115.130 
SER 'L-peptide linking' y SERINE                                         ?            'C3 H7 N O3'     105.093 
THR 'L-peptide linking' y THREONINE                                      ?            'C4 H9 N O3'     119.119 
TRP 'L-peptide linking' y TRYPTOPHAN                                     ?            'C11 H12 N2 O2'  204.225 
TYR 'L-peptide linking' y TYROSINE                                       ?            'C9 H11 N O3'    181.189 
VAL 'L-peptide linking' y VALINE                                         ?            'C5 H11 N O2'    117.146 
# 
loop_
_pdbx_poly_seq_scheme.asym_id 
_pdbx_poly_seq_scheme.entity_id 
_pdbx_poly_seq_scheme.seq_id 
_pdbx_poly_seq_scheme.mon_id 
_pdbx_poly_seq_scheme.ndb_seq_num 
_pdbx_poly_seq_scheme.pdb_seq_num 
_pdbx_poly_seq_scheme.auth_seq_num 
_pdbx_poly_seq_scheme.pdb_mon_id 
_pdbx_poly_seq_scheme.auth_mon_id 
_pdbx_poly_seq_scheme.pdb_strand_id 
_pdbx_poly_seq_scheme.pdb_ins_code 
_pdbx_poly_seq_scheme.hetero 
A 1 1   GLY 1   669 ?   ?   ?   A . n 
A 1 2   SER 2   670 ?   ?   ?   A . n 
A 1 3   ASN 3   671 ?   ?   ?   A . n 
A 1 4   VAL 4   672 672 VAL VAL A . n 
A 1 5   ASN 5   673 673 ASN ASN A . n 
A 1 6   LYS 6   674 674 LYS LYS A . n 
A 1 7   ILE 7   675 675 ILE ILE A . n 
A 1 8   TYR 8   676 676 TYR TYR A . n 
A 1 9   ILE 9   677 677 ILE ILE A . n 
A 1 10  GLU 10  678 678 GLU GLU A . n 
A 1 11  ASN 11  679 679 ASN ASN A . n 
A 1 12  HIS 12  680 680 HIS HIS A . n 
A 1 13  ASP 13  681 681 ASP ASP A . n 
A 1 14  LEU 14  682 682 LEU LEU A . n 
A 1 15  MSE 15  683 683 MSE MSE A . n 
A 1 16  SER 16  684 684 SER SER A . n 
A 1 17  LYS 17  685 685 LYS LYS A . n 
A 1 18  VAL 18  686 686 VAL VAL A . n 
A 1 19  PRO 19  687 687 PRO PRO A . n 
A 1 20  VAL 20  688 688 VAL VAL A . n 
A 1 21  ILE 21  689 689 ILE ILE A . n 
A 1 22  GLU 22  690 690 GLU GLU A . n 
A 1 23  ALA 23  691 691 ALA ALA A . n 
A 1 24  SER 24  692 692 SER SER A . n 
A 1 25  LYS 25  693 693 LYS LYS A . n 
A 1 26  GLU 26  694 694 GLU GLU A . n 
A 1 27  SER 27  695 695 SER SER A . n 
A 1 28  THR 28  696 696 THR THR A . n 
A 1 29  ARG 29  697 697 ARG ARG A . n 
A 1 30  ASP 30  698 698 ASP ASP A . n 
A 1 31  ASP 31  699 699 ASP ASP A . n 
A 1 32  TRP 32  700 700 TRP TRP A . n 
A 1 33  ALA 33  701 701 ALA ALA A . n 
A 1 34  ALA 34  702 702 ALA ALA A . n 
A 1 35  LEU 35  703 703 LEU LEU A . n 
A 1 36  THR 36  704 704 THR THR A . n 
A 1 37  VAL 37  705 705 VAL VAL A . n 
A 1 38  VAL 38  706 706 VAL VAL A . n 
A 1 39  ALA 39  707 707 ALA ALA A . n 
A 1 40  ASP 40  708 708 ASP ASP A . n 
A 1 41  LEU 41  709 709 LEU LEU A . n 
A 1 42  ASP 42  710 710 ASP ASP A . n 
A 1 43  ASP 43  711 711 ASP ASP A . n 
A 1 44  ILE 44  712 712 ILE ILE A . n 
A 1 45  GLU 45  713 713 GLU GLU A . n 
A 1 46  GLY 46  714 714 GLY GLY A . n 
A 1 47  GLN 47  715 715 GLN GLN A . n 
A 1 48  GLU 48  716 716 GLU GLU A . n 
A 1 49  LEU 49  717 717 LEU LEU A . n 
A 1 50  VAL 50  718 718 VAL VAL A . n 
A 1 51  TYR 51  719 719 TYR TYR A . n 
A 1 52  TYR 52  720 720 TYR TYR A . n 
A 1 53  ALA 53  721 721 ALA ALA A . n 
A 1 54  LEU 54  722 722 LEU LEU A . n 
A 1 55  ARG 55  723 723 ARG ARG A . n 
A 1 56  PHE 56  724 724 PHE PHE A . n 
A 1 57  ARG 57  725 725 ARG ARG A . n 
A 1 58  LYS 58  726 726 LYS LYS A . n 
A 1 59  SER 59  727 727 SER SER A . n 
A 1 60  ASN 60  728 728 ASN ASN A . n 
A 1 61  ASP 61  729 729 ASP ASP A . n 
A 1 62  GLY 62  730 730 GLY GLY A . n 
A 1 63  VAL 63  731 731 VAL VAL A . n 
A 1 64  ARG 64  732 732 ARG ARG A . n 
A 1 65  LEU 65  733 733 LEU LEU A . n 
A 1 66  ASP 66  734 734 ASP ASP A . n 
A 1 67  ILE 67  735 735 ILE ILE A . n 
A 1 68  VAL 68  736 736 VAL VAL A . n 
A 1 69  HIS 69  737 737 HIS HIS A . n 
A 1 70  ASN 70  738 738 ASN ASN A . n 
A 1 71  PRO 71  739 739 PRO PRO A . n 
A 1 72  LYS 72  740 740 LYS LYS A . n 
A 1 73  ASP 73  741 741 ASP ASP A . n 
A 1 74  THR 74  742 742 THR THR A . n 
A 1 75  SER 75  743 743 SER SER A . n 
A 1 76  ARG 76  744 744 ARG ARG A . n 
A 1 77  SER 77  745 745 SER SER A . n 
A 1 78  PRO 78  746 746 PRO PRO A . n 
A 1 79  SER 79  747 747 SER SER A . n 
A 1 80  VAL 80  748 748 VAL VAL A . n 
A 1 81  LEU 81  749 749 LEU LEU A . n 
A 1 82  ALA 82  750 750 ALA ALA A . n 
A 1 83  GLN 83  751 751 GLN GLN A . n 
A 1 84  ARG 84  752 752 ARG ARG A . n 
A 1 85  LEU 85  753 753 LEU LEU A . n 
A 1 86  LYS 86  754 754 LYS LYS A . n 
A 1 87  SER 87  755 755 SER SER A . n 
A 1 88  ARG 88  756 756 ARG ARG A . n 
A 1 89  GLU 89  757 757 GLU GLU A . n 
A 1 90  ASP 90  758 758 ASP ASP A . n 
A 1 91  LYS 91  759 759 LYS LYS A . n 
A 1 92  LEU 92  760 760 LEU LEU A . n 
A 1 93  LEU 93  761 761 LEU LEU A . n 
A 1 94  ASP 94  762 762 ASP ASP A . n 
A 1 95  PHE 95  763 763 PHE PHE A . n 
A 1 96  THR 96  764 764 THR THR A . n 
A 1 97  ARG 97  765 765 ARG ARG A . n 
A 1 98  PHE 98  766 766 PHE PHE A . n 
A 1 99  LEU 99  767 767 LEU LEU A . n 
A 1 100 ASP 100 768 768 ASP ASP A . n 
A 1 101 LEU 101 769 769 LEU LEU A . n 
A 1 102 GLU 102 770 770 GLU GLU A . n 
A 1 103 THR 103 771 771 THR THR A . n 
A 1 104 ALA 104 772 772 ALA ALA A . n 
A 1 105 LEU 105 773 773 LEU LEU A . n 
A 1 106 GLU 106 774 774 GLU GLU A . n 
A 1 107 THR 107 775 775 THR THR A . n 
A 1 108 GLY 108 776 776 GLY GLY A . n 
A 1 109 GLU 109 777 777 GLU GLU A . n 
A 1 110 PHE 110 778 778 PHE PHE A . n 
A 1 111 GLU 111 779 779 GLU GLU A . n 
A 1 112 PRO 112 780 780 PRO PRO A . n 
A 1 113 ASP 113 781 781 ASP ASP A . n 
A 1 114 VAL 114 782 782 VAL VAL A . n 
A 1 115 ALA 115 783 783 ALA ALA A . n 
A 1 116 TYR 116 784 784 TYR TYR A . n 
A 1 117 ASP 117 785 785 ASP ASP A . n 
A 1 118 ALA 118 786 786 ALA ALA A . n 
A 1 119 SER 119 787 787 SER SER A . n 
A 1 120 LEU 120 788 788 LEU LEU A . n 
A 1 121 ALA 121 789 789 ALA ALA A . n 
A 1 122 ASN 122 790 790 ASN ASN A . n 
A 1 123 PHE 123 791 791 PHE PHE A . n 
A 1 124 LEU 124 792 792 LEU LEU A . n 
A 1 125 ALA 125 793 793 ALA ALA A . n 
A 1 126 SER 126 794 794 SER SER A . n 
A 1 127 SER 127 795 795 SER SER A . n 
A 1 128 ASN 128 796 796 ASN ASN A . n 
A 1 129 MSE 129 797 797 MSE MSE A . n 
A 1 130 LYS 130 798 798 LYS LYS A . n 
A 1 131 ALA 131 799 799 ALA ALA A . n 
A 1 132 GLY 132 800 800 GLY GLY A . n 
A 1 133 ASP 133 801 801 ASP ASP A . n 
A 1 134 ASN 134 802 802 ASN ASN A . n 
A 1 135 PHE 135 803 803 PHE PHE A . n 
A 1 136 VAL 136 804 804 VAL VAL A . n 
A 1 137 ILE 137 805 805 ILE ILE A . n 
A 1 138 LEU 138 806 806 LEU LEU A . n 
A 1 139 ASN 139 807 807 ASN ASN A . n 
A 1 140 GLY 140 808 808 GLY GLY A . n 
A 1 141 ARG 141 809 809 ARG ARG A . n 
A 1 142 VAL 142 810 810 VAL VAL A . n 
A 1 143 LEU 143 811 811 LEU LEU A . n 
A 1 144 GLY 144 812 812 GLY GLY A . n 
A 1 145 PRO 145 813 813 PRO PRO A . n 
A 1 146 ILE 146 814 814 ILE ILE A . n 
A 1 147 THR 147 815 815 THR THR A . n 
A 1 148 SER 148 816 816 SER SER A . n 
A 1 149 ALA 149 817 ?   ?   ?   A . n 
A 1 150 ASP 150 818 ?   ?   ?   A . n 
A 1 151 ASP 151 819 ?   ?   ?   A . n 
A 1 152 PHE 152 820 ?   ?   ?   A . n 
A 1 153 LYS 153 821 ?   ?   ?   A . n 
A 1 154 LYS 154 822 ?   ?   ?   A . n 
A 1 155 GLU 155 823 ?   ?   ?   A . n 
A 1 156 ASP 156 824 ?   ?   ?   A . n 
A 1 157 PHE 157 825 ?   ?   ?   A . n 
A 1 158 GLU 158 826 ?   ?   ?   A . n 
A 1 159 VAL 159 827 ?   ?   ?   A . n 
A 1 160 PHE 160 828 ?   ?   ?   A . n 
A 1 161 LEU 161 829 ?   ?   ?   A . n 
A 1 162 GLN 162 830 ?   ?   ?   A . n 
A 1 163 ALA 163 831 ?   ?   ?   A . n 
# 
loop_
_pdbx_nonpoly_scheme.asym_id 
_pdbx_nonpoly_scheme.entity_id 
_pdbx_nonpoly_scheme.mon_id 
_pdbx_nonpoly_scheme.ndb_seq_num 
_pdbx_nonpoly_scheme.pdb_seq_num 
_pdbx_nonpoly_scheme.auth_seq_num 
_pdbx_nonpoly_scheme.pdb_mon_id 
_pdbx_nonpoly_scheme.auth_mon_id 
_pdbx_nonpoly_scheme.pdb_strand_id 
_pdbx_nonpoly_scheme.pdb_ins_code 
B 2 PQE 1   2000 2000 PQE PQE A . 
C 3 HOH 1   2101 1    HOH HOH A . 
C 3 HOH 2   2102 2    HOH HOH A . 
C 3 HOH 3   2103 3    HOH HOH A . 
C 3 HOH 4   2104 4    HOH HOH A . 
C 3 HOH 5   2105 5    HOH HOH A . 
C 3 HOH 6   2106 6    HOH HOH A . 
C 3 HOH 7   2107 7    HOH HOH A . 
C 3 HOH 8   2108 8    HOH HOH A . 
C 3 HOH 9   2109 9    HOH HOH A . 
C 3 HOH 10  2110 10   HOH HOH A . 
C 3 HOH 11  2111 11   HOH HOH A . 
C 3 HOH 12  2112 12   HOH HOH A . 
C 3 HOH 13  2113 13   HOH HOH A . 
C 3 HOH 14  2114 14   HOH HOH A . 
C 3 HOH 15  2115 15   HOH HOH A . 
C 3 HOH 16  2116 16   HOH HOH A . 
C 3 HOH 17  2117 17   HOH HOH A . 
C 3 HOH 18  2118 18   HOH HOH A . 
C 3 HOH 19  2119 19   HOH HOH A . 
C 3 HOH 20  2120 20   HOH HOH A . 
C 3 HOH 21  2121 21   HOH HOH A . 
C 3 HOH 22  2122 22   HOH HOH A . 
C 3 HOH 23  2123 23   HOH HOH A . 
C 3 HOH 24  2124 24   HOH HOH A . 
C 3 HOH 25  2125 25   HOH HOH A . 
C 3 HOH 26  2126 26   HOH HOH A . 
C 3 HOH 27  2127 27   HOH HOH A . 
C 3 HOH 28  2128 28   HOH HOH A . 
C 3 HOH 29  2129 29   HOH HOH A . 
C 3 HOH 30  2130 30   HOH HOH A . 
C 3 HOH 31  2131 31   HOH HOH A . 
C 3 HOH 32  2132 32   HOH HOH A . 
C 3 HOH 33  2133 33   HOH HOH A . 
C 3 HOH 34  2134 34   HOH HOH A . 
C 3 HOH 35  2135 35   HOH HOH A . 
C 3 HOH 36  2136 36   HOH HOH A . 
C 3 HOH 37  2137 37   HOH HOH A . 
C 3 HOH 38  2138 38   HOH HOH A . 
C 3 HOH 39  2139 39   HOH HOH A . 
C 3 HOH 40  2140 40   HOH HOH A . 
C 3 HOH 41  2141 41   HOH HOH A . 
C 3 HOH 42  2142 42   HOH HOH A . 
C 3 HOH 43  2143 43   HOH HOH A . 
C 3 HOH 44  2144 44   HOH HOH A . 
C 3 HOH 45  2145 45   HOH HOH A . 
C 3 HOH 46  2146 46   HOH HOH A . 
C 3 HOH 47  2147 47   HOH HOH A . 
C 3 HOH 48  2148 48   HOH HOH A . 
C 3 HOH 49  2149 49   HOH HOH A . 
C 3 HOH 50  2150 50   HOH HOH A . 
C 3 HOH 51  2151 51   HOH HOH A . 
C 3 HOH 52  2152 52   HOH HOH A . 
C 3 HOH 53  2153 53   HOH HOH A . 
C 3 HOH 54  2154 54   HOH HOH A . 
C 3 HOH 55  2155 55   HOH HOH A . 
C 3 HOH 56  2156 56   HOH HOH A . 
C 3 HOH 57  2157 57   HOH HOH A . 
C 3 HOH 58  2158 58   HOH HOH A . 
C 3 HOH 59  2159 59   HOH HOH A . 
C 3 HOH 60  2160 60   HOH HOH A . 
C 3 HOH 61  2161 61   HOH HOH A . 
C 3 HOH 62  2162 62   HOH HOH A . 
C 3 HOH 63  2163 63   HOH HOH A . 
C 3 HOH 64  2164 64   HOH HOH A . 
C 3 HOH 65  2165 65   HOH HOH A . 
C 3 HOH 66  2166 66   HOH HOH A . 
C 3 HOH 67  2167 67   HOH HOH A . 
C 3 HOH 68  2168 68   HOH HOH A . 
C 3 HOH 69  2169 69   HOH HOH A . 
C 3 HOH 70  2170 70   HOH HOH A . 
C 3 HOH 71  2171 71   HOH HOH A . 
C 3 HOH 72  2172 72   HOH HOH A . 
C 3 HOH 73  2173 73   HOH HOH A . 
C 3 HOH 74  2174 74   HOH HOH A . 
C 3 HOH 75  2175 75   HOH HOH A . 
C 3 HOH 76  2176 76   HOH HOH A . 
C 3 HOH 77  2177 77   HOH HOH A . 
C 3 HOH 78  2178 78   HOH HOH A . 
C 3 HOH 79  2179 79   HOH HOH A . 
C 3 HOH 80  2180 80   HOH HOH A . 
C 3 HOH 81  2181 81   HOH HOH A . 
C 3 HOH 82  2182 82   HOH HOH A . 
C 3 HOH 83  2183 83   HOH HOH A . 
C 3 HOH 84  2184 84   HOH HOH A . 
C 3 HOH 85  2185 85   HOH HOH A . 
C 3 HOH 86  2186 86   HOH HOH A . 
C 3 HOH 87  2187 87   HOH HOH A . 
C 3 HOH 88  2188 88   HOH HOH A . 
C 3 HOH 89  2189 89   HOH HOH A . 
C 3 HOH 90  2190 90   HOH HOH A . 
C 3 HOH 91  2191 91   HOH HOH A . 
C 3 HOH 92  2192 92   HOH HOH A . 
C 3 HOH 93  2193 93   HOH HOH A . 
C 3 HOH 94  2194 94   HOH HOH A . 
C 3 HOH 95  2195 95   HOH HOH A . 
C 3 HOH 96  2196 96   HOH HOH A . 
C 3 HOH 97  2197 97   HOH HOH A . 
C 3 HOH 98  2198 98   HOH HOH A . 
C 3 HOH 99  2199 99   HOH HOH A . 
C 3 HOH 100 2200 100  HOH HOH A . 
C 3 HOH 101 2201 101  HOH HOH A . 
C 3 HOH 102 2202 102  HOH HOH A . 
C 3 HOH 103 2203 103  HOH HOH A . 
C 3 HOH 104 2204 104  HOH HOH A . 
C 3 HOH 105 2205 105  HOH HOH A . 
C 3 HOH 106 2206 106  HOH HOH A . 
C 3 HOH 107 2207 107  HOH HOH A . 
C 3 HOH 108 2208 108  HOH HOH A . 
C 3 HOH 109 2209 109  HOH HOH A . 
C 3 HOH 110 2210 110  HOH HOH A . 
C 3 HOH 111 2211 111  HOH HOH A . 
C 3 HOH 112 2212 112  HOH HOH A . 
C 3 HOH 113 2213 113  HOH HOH A . 
C 3 HOH 114 2214 114  HOH HOH A . 
C 3 HOH 115 2215 115  HOH HOH A . 
C 3 HOH 116 2216 116  HOH HOH A . 
C 3 HOH 117 2217 117  HOH HOH A . 
C 3 HOH 118 2218 118  HOH HOH A . 
C 3 HOH 119 2219 119  HOH HOH A . 
C 3 HOH 120 2220 120  HOH HOH A . 
# 
loop_
_software.name 
_software.classification 
_software.version 
_software.citation_id 
_software.pdbx_ordinal 
HKL-2000  'data collection' .        ? 1 
SHELXS    phasing           .        ? 2 
REFMAC    refinement        5.8.0069 ? 3 
DENZO     'data reduction'  .        ? 4 
SCALEPACK 'data scaling'    .        ? 5 
# 
_cell.entry_id           3WZS 
_cell.length_a           46.2 
_cell.length_b           93.6 
_cell.length_c           81.9 
_cell.angle_alpha        90.0 
_cell.angle_beta         90.0 
_cell.angle_gamma        90.0 
_cell.Z_PDB              8 
_cell.pdbx_unique_axis   ? 
_cell.length_a_esd       ? 
_cell.length_b_esd       ? 
_cell.length_c_esd       ? 
_cell.angle_alpha_esd    ? 
_cell.angle_beta_esd     ? 
_cell.angle_gamma_esd    ? 
# 
_symmetry.entry_id                         3WZS 
_symmetry.space_group_name_H-M             'C 2 2 21' 
_symmetry.pdbx_full_space_group_name_H-M   ? 
_symmetry.cell_setting                     ? 
_symmetry.Int_Tables_number                20 
_symmetry.space_group_name_Hall            ? 
# 
_exptl.entry_id          3WZS 
_exptl.method            'X-RAY DIFFRACTION' 
_exptl.crystals_number   1 
# 
_exptl_crystal.id                    1 
_exptl_crystal.density_meas          ? 
_exptl_crystal.density_Matthews      2.41 
_exptl_crystal.density_percent_sol   48.90 
_exptl_crystal.description           ? 
_exptl_crystal.F_000                 ? 
_exptl_crystal.preparation           ? 
# 
_exptl_crystal_grow.crystal_id      1 
_exptl_crystal_grow.method          'VAPOR DIFFUSION, HANGING DROP' 
_exptl_crystal_grow.temp            289 
_exptl_crystal_grow.temp_details    ? 
_exptl_crystal_grow.pH              7.0 
_exptl_crystal_grow.pdbx_details    
'23% PEG3350, 0.1M Tris-HCl (pH 7.0), 0.2M ammonium acetate, VAPOR DIFFUSION, HANGING DROP, temperature 289K' 
_exptl_crystal_grow.pdbx_pH_range   . 
# 
_diffrn.id                     1 
_diffrn.ambient_temp           95 
_diffrn.ambient_temp_details   ? 
_diffrn.crystal_id             1 
# 
_diffrn_detector.diffrn_id              1 
_diffrn_detector.detector               CCD 
_diffrn_detector.type                   'ADSC QUANTUM 210' 
_diffrn_detector.pdbx_collection_date   2014-06-14 
_diffrn_detector.details                ? 
# 
_diffrn_radiation.diffrn_id                        1 
_diffrn_radiation.wavelength_id                    1 
_diffrn_radiation.pdbx_monochromatic_or_laue_m_l   M 
_diffrn_radiation.monochromator                    Si111 
_diffrn_radiation.pdbx_diffrn_protocol             'SINGLE WAVELENGTH' 
_diffrn_radiation.pdbx_scattering_type             x-ray 
# 
_diffrn_radiation_wavelength.id           1 
_diffrn_radiation_wavelength.wavelength   0.97921 
_diffrn_radiation_wavelength.wt           1.0 
# 
_diffrn_source.diffrn_id                   1 
_diffrn_source.source                      SYNCHROTRON 
_diffrn_source.type                        'PHOTON FACTORY BEAMLINE AR-NW12A' 
_diffrn_source.pdbx_synchrotron_site       'Photon Factory' 
_diffrn_source.pdbx_synchrotron_beamline   AR-NW12A 
_diffrn_source.pdbx_wavelength             ? 
_diffrn_source.pdbx_wavelength_list        0.97921 
# 
_reflns.entry_id                     3WZS 
_reflns.observed_criterion_sigma_I   -3 
_reflns.observed_criterion_sigma_F   ? 
_reflns.d_resolution_low             50 
_reflns.d_resolution_high            1.70 
_reflns.number_obs                   19829 
_reflns.number_all                   20126 
_reflns.percent_possible_obs         98.5 
_reflns.pdbx_Rmerge_I_obs            0.082 
_reflns.pdbx_Rsym_value              ? 
_reflns.pdbx_netI_over_sigmaI        47.9 
_reflns.B_iso_Wilson_estimate        17.6 
_reflns.pdbx_redundancy              6.8 
_reflns.R_free_details               ? 
_reflns.limit_h_max                  ? 
_reflns.limit_h_min                  ? 
_reflns.limit_k_max                  ? 
_reflns.limit_k_min                  ? 
_reflns.limit_l_max                  ? 
_reflns.limit_l_min                  ? 
_reflns.observed_criterion_F_max     ? 
_reflns.observed_criterion_F_min     ? 
_reflns.pdbx_chi_squared             ? 
_reflns.pdbx_scaling_rejects         ? 
_reflns.pdbx_ordinal                 1 
_reflns.pdbx_diffrn_id               1 
# 
_reflns_shell.d_res_high                  1.70 
_reflns_shell.d_res_low                   1.73 
_reflns_shell.percent_possible_all        98.9 
_reflns_shell.Rmerge_I_obs                0.366 
_reflns_shell.pdbx_Rsym_value             ? 
_reflns_shell.meanI_over_sigI_obs         7.2 
_reflns_shell.pdbx_redundancy             6.8 
_reflns_shell.percent_possible_obs        ? 
_reflns_shell.number_unique_all           970 
_reflns_shell.number_measured_all         ? 
_reflns_shell.number_measured_obs         ? 
_reflns_shell.number_unique_obs           ? 
_reflns_shell.pdbx_chi_squared            ? 
_reflns_shell.pdbx_rejects                ? 
_reflns_shell.pdbx_netI_over_sigmaI_obs   ? 
_reflns_shell.number_possible             ? 
_reflns_shell.Rmerge_F_all                ? 
_reflns_shell.Rmerge_F_obs                ? 
_reflns_shell.Rmerge_I_all                ? 
_reflns_shell.meanI_over_sigI_all         ? 
_reflns_shell.pdbx_Rrim_I_all             ? 
_reflns_shell.pdbx_Rpim_I_all             ? 
_reflns_shell.pdbx_ordinal                1 
_reflns_shell.pdbx_diffrn_id              1 
# 
_refine.entry_id                                 3WZS 
_refine.ls_number_reflns_obs                     18450 
_refine.ls_number_reflns_all                     18450 
_refine.pdbx_ls_sigma_I                          ? 
_refine.pdbx_ls_sigma_F                          ? 
_refine.pdbx_data_cutoff_high_absF               ? 
_refine.pdbx_data_cutoff_low_absF                ? 
_refine.pdbx_data_cutoff_high_rms_absF           ? 
_refine.ls_d_res_low                             20.00 
_refine.ls_d_res_high                            1.70 
_refine.ls_percent_reflns_obs                    97.39 
_refine.ls_R_factor_obs                          0.205 
_refine.ls_R_factor_all                          ? 
_refine.ls_R_factor_R_work                       0.203 
_refine.ls_R_factor_R_free                       0.247 
_refine.ls_R_factor_R_free_error                 ? 
_refine.ls_R_factor_R_free_error_details         ? 
_refine.ls_percent_reflns_R_free                 5.0 
_refine.ls_number_reflns_R_free                  976 
_refine.ls_number_parameters                     ? 
_refine.ls_number_restraints                     ? 
_refine.occupancy_min                            ? 
_refine.occupancy_max                            ? 
_refine.correlation_coeff_Fo_to_Fc               0.952 
_refine.correlation_coeff_Fo_to_Fc_free          0.926 
_refine.B_iso_mean                               25.318 
_refine.aniso_B[1][1]                            1.02 
_refine.aniso_B[2][2]                            -0.81 
_refine.aniso_B[3][3]                            -0.20 
_refine.aniso_B[1][2]                            0.00 
_refine.aniso_B[1][3]                            0.00 
_refine.aniso_B[2][3]                            0.00 
_refine.solvent_model_details                    MASK 
_refine.solvent_model_param_ksol                 ? 
_refine.solvent_model_param_bsol                 ? 
_refine.pdbx_solvent_vdw_probe_radii             1.20 
_refine.pdbx_solvent_ion_probe_radii             0.80 
_refine.pdbx_solvent_shrinkage_radii             0.80 
_refine.pdbx_ls_cross_valid_method               THROUGHOUT 
_refine.details                                  'HYDROGENS HAVE BEEN ADDED IN THE RIDING POSITIONS' 
_refine.pdbx_starting_model                      ? 
_refine.pdbx_method_to_determine_struct          SAD 
_refine.pdbx_isotropic_thermal_model             ? 
_refine.pdbx_stereochemistry_target_values       'MAXIMUM LIKELIHOOD' 
_refine.pdbx_stereochem_target_val_spec_case     ? 
_refine.pdbx_R_Free_selection_details            RANDOM 
_refine.pdbx_overall_ESU_R                       0.112 
_refine.pdbx_overall_ESU_R_Free                  0.115 
_refine.overall_SU_ML                            0.070 
_refine.pdbx_overall_phase_error                 ? 
_refine.overall_SU_B                             2.065 
_refine.overall_SU_R_Cruickshank_DPI             ? 
_refine.ls_redundancy_reflns_obs                 ? 
_refine.B_iso_min                                ? 
_refine.B_iso_max                                ? 
_refine.overall_SU_R_free                        ? 
_refine.ls_wR_factor_R_free                      ? 
_refine.ls_wR_factor_R_work                      ? 
_refine.overall_FOM_free_R_set                   ? 
_refine.overall_FOM_work_R_set                   ? 
_refine.pdbx_diffrn_id                           1 
_refine.pdbx_refine_id                           'X-RAY DIFFRACTION' 
_refine.pdbx_TLS_residual_ADP_flag               ? 
_refine.pdbx_overall_SU_R_free_Cruickshank_DPI   ? 
_refine.pdbx_overall_SU_R_Blow_DPI               ? 
_refine.pdbx_overall_SU_R_free_Blow_DPI          ? 
# 
_refine_hist.pdbx_refine_id                   'X-RAY DIFFRACTION' 
_refine_hist.cycle_id                         LAST 
_refine_hist.pdbx_number_atoms_protein        1143 
_refine_hist.pdbx_number_atoms_nucleic_acid   0 
_refine_hist.pdbx_number_atoms_ligand         37 
_refine_hist.number_atoms_solvent             120 
_refine_hist.number_atoms_total               1300 
_refine_hist.d_res_high                       1.70 
_refine_hist.d_res_low                        20.00 
# 
loop_
_refine_ls_restr.type 
_refine_ls_restr.dev_ideal 
_refine_ls_restr.dev_ideal_target 
_refine_ls_restr.weight 
_refine_ls_restr.number 
_refine_ls_restr.pdbx_restraint_function 
_refine_ls_restr.pdbx_refine_id 
r_bond_refined_d             0.011 0.019  ? 1224 ? 'X-RAY DIFFRACTION' 
r_bond_other_d               0.001 0.020  ? 1203 ? 'X-RAY DIFFRACTION' 
r_angle_refined_deg          1.465 2.005  ? 1651 ? 'X-RAY DIFFRACTION' 
r_angle_other_deg            0.768 3.000  ? 2783 ? 'X-RAY DIFFRACTION' 
r_dihedral_angle_1_deg       ?     ?      ? ?    ? 'X-RAY DIFFRACTION' 
r_dihedral_angle_2_deg       ?     ?      ? ?    ? 'X-RAY DIFFRACTION' 
r_dihedral_angle_3_deg       ?     ?      ? ?    ? 'X-RAY DIFFRACTION' 
r_dihedral_angle_4_deg       ?     ?      ? ?    ? 'X-RAY DIFFRACTION' 
r_chiral_restr               0.083 0.200  ? 188  ? 'X-RAY DIFFRACTION' 
r_gen_planes_refined         0.006 0.020  ? 1353 ? 'X-RAY DIFFRACTION' 
r_gen_planes_other           0.001 0.020  ? 260  ? 'X-RAY DIFFRACTION' 
r_nbd_refined                ?     ?      ? ?    ? 'X-RAY DIFFRACTION' 
r_nbd_other                  ?     ?      ? ?    ? 'X-RAY DIFFRACTION' 
r_nbtor_refined              ?     ?      ? ?    ? 'X-RAY DIFFRACTION' 
r_nbtor_other                ?     ?      ? ?    ? 'X-RAY DIFFRACTION' 
r_xyhbond_nbd_refined        ?     ?      ? ?    ? 'X-RAY DIFFRACTION' 
r_xyhbond_nbd_other          ?     ?      ? ?    ? 'X-RAY DIFFRACTION' 
r_metal_ion_refined          ?     ?      ? ?    ? 'X-RAY DIFFRACTION' 
r_metal_ion_other            ?     ?      ? ?    ? 'X-RAY DIFFRACTION' 
r_symmetry_vdw_refined       ?     ?      ? ?    ? 'X-RAY DIFFRACTION' 
r_symmetry_vdw_other         ?     ?      ? ?    ? 'X-RAY DIFFRACTION' 
r_symmetry_hbond_refined     ?     ?      ? ?    ? 'X-RAY DIFFRACTION' 
r_symmetry_hbond_other       ?     ?      ? ?    ? 'X-RAY DIFFRACTION' 
r_symmetry_metal_ion_refined ?     ?      ? ?    ? 'X-RAY DIFFRACTION' 
r_symmetry_metal_ion_other   ?     ?      ? ?    ? 'X-RAY DIFFRACTION' 
r_mcbond_it                  1.685 2.166  ? 590  ? 'X-RAY DIFFRACTION' 
r_mcbond_other               1.676 2.162  ? 589  ? 'X-RAY DIFFRACTION' 
r_mcangle_it                 2.663 3.239  ? 739  ? 'X-RAY DIFFRACTION' 
r_mcangle_other              2.666 3.242  ? 740  ? 'X-RAY DIFFRACTION' 
r_scbond_it                  2.250 2.725  ? 633  ? 'X-RAY DIFFRACTION' 
r_scbond_other               2.250 2.724  ? 633  ? 'X-RAY DIFFRACTION' 
r_scangle_it                 ?     ?      ? ?    ? 'X-RAY DIFFRACTION' 
r_scangle_other              3.571 3.866  ? 910  ? 'X-RAY DIFFRACTION' 
r_long_range_B_refined       5.123 23.360 ? 1048 ? 'X-RAY DIFFRACTION' 
r_long_range_B_other         4.948 23.136 ? 997  ? 'X-RAY DIFFRACTION' 
r_rigid_bond_restr           ?     ?      ? ?    ? 'X-RAY DIFFRACTION' 
r_sphericity_free            ?     ?      ? ?    ? 'X-RAY DIFFRACTION' 
r_sphericity_bonded          ?     ?      ? ?    ? 'X-RAY DIFFRACTION' 
# 
_refine_ls_shell.pdbx_refine_id                   'X-RAY DIFFRACTION' 
_refine_ls_shell.pdbx_total_number_of_bins_used   20 
_refine_ls_shell.d_res_high                       1.700 
_refine_ls_shell.d_res_low                        1.744 
_refine_ls_shell.number_reflns_R_work             1353 
_refine_ls_shell.R_factor_R_work                  0.217 
_refine_ls_shell.percent_reflns_obs               99.16 
_refine_ls_shell.R_factor_R_free                  0.243 
_refine_ls_shell.R_factor_R_free_error            ? 
_refine_ls_shell.percent_reflns_R_free            ? 
_refine_ls_shell.number_reflns_R_free             65 
_refine_ls_shell.number_reflns_all                ? 
_refine_ls_shell.R_factor_all                     ? 
_refine_ls_shell.number_reflns_obs                ? 
_refine_ls_shell.redundancy_reflns_obs            ? 
# 
_struct.entry_id                  3WZS 
_struct.title                     'Crystal structure of Trx3 domain of UGGT (detergent-bound form)' 
_struct.pdbx_model_details        ? 
_struct.pdbx_CASP_flag            ? 
_struct.pdbx_model_type_details   ? 
# 
_struct_keywords.entry_id        3WZS 
_struct_keywords.pdbx_keywords   TRANSFERASE 
_struct_keywords.text            
'Thioredoxin fold, Endoplasmic reticulum, Quality control, glucosyltransferase, folding sensor, Thioredoxin-like, TRANSFERASE' 
# 
loop_
_struct_asym.id 
_struct_asym.pdbx_blank_PDB_chainid_flag 
_struct_asym.pdbx_modified 
_struct_asym.entity_id 
_struct_asym.details 
A N N 1 ? 
B N N 2 ? 
C N N 3 ? 
# 
_struct_ref.id                         1 
_struct_ref.db_name                    UNP 
_struct_ref.db_code                    G0SB58_CHATD 
_struct_ref.pdbx_db_accession          G0SB58 
_struct_ref.entity_id                  1 
_struct_ref.pdbx_seq_one_letter_code   
;NVNKIYIENHDLMSKVPVIEASKESTRDDWAALTVVADLDDIEGQELVYYALRFRKSNDGVRLDIVHNPKDTSRSPSVLA
QRLKSREDKLLDFTRFLDLETALETGEFEPDVAYDASLANFLASSNMKAGDNFVILNGRVLGPITSADDFKKEDFEVFLQ
A
;
_struct_ref.pdbx_align_begin           671 
_struct_ref.pdbx_db_isoform            ? 
# 
_struct_ref_seq.align_id                      1 
_struct_ref_seq.ref_id                        1 
_struct_ref_seq.pdbx_PDB_id_code              3WZS 
_struct_ref_seq.pdbx_strand_id                A 
_struct_ref_seq.seq_align_beg                 3 
_struct_ref_seq.pdbx_seq_align_beg_ins_code   ? 
_struct_ref_seq.seq_align_end                 163 
_struct_ref_seq.pdbx_seq_align_end_ins_code   ? 
_struct_ref_seq.pdbx_db_accession             G0SB58 
_struct_ref_seq.db_align_beg                  671 
_struct_ref_seq.pdbx_db_align_beg_ins_code    ? 
_struct_ref_seq.db_align_end                  831 
_struct_ref_seq.pdbx_db_align_end_ins_code    ? 
_struct_ref_seq.pdbx_auth_seq_align_beg       671 
_struct_ref_seq.pdbx_auth_seq_align_end       831 
# 
loop_
_struct_ref_seq_dif.align_id 
_struct_ref_seq_dif.pdbx_pdb_id_code 
_struct_ref_seq_dif.mon_id 
_struct_ref_seq_dif.pdbx_pdb_strand_id 
_struct_ref_seq_dif.seq_num 
_struct_ref_seq_dif.pdbx_pdb_ins_code 
_struct_ref_seq_dif.pdbx_seq_db_name 
_struct_ref_seq_dif.pdbx_seq_db_accession_code 
_struct_ref_seq_dif.db_mon_id 
_struct_ref_seq_dif.pdbx_seq_db_seq_num 
_struct_ref_seq_dif.details 
_struct_ref_seq_dif.pdbx_auth_seq_num 
_struct_ref_seq_dif.pdbx_ordinal 
1 3WZS GLY A 1 ? UNP G0SB58 ? ? 'expression tag' 669 1 
1 3WZS SER A 2 ? UNP G0SB58 ? ? 'expression tag' 670 2 
# 
_pdbx_struct_assembly.id                   1 
_pdbx_struct_assembly.details              author_and_software_defined_assembly 
_pdbx_struct_assembly.method_details       PISA 
_pdbx_struct_assembly.oligomeric_details   monomeric 
_pdbx_struct_assembly.oligomeric_count     1 
# 
_pdbx_struct_assembly_gen.assembly_id       1 
_pdbx_struct_assembly_gen.oper_expression   1 
_pdbx_struct_assembly_gen.asym_id_list      A,B,C 
# 
_pdbx_struct_oper_list.id                   1 
_pdbx_struct_oper_list.type                 'identity operation' 
_pdbx_struct_oper_list.name                 1_555 
_pdbx_struct_oper_list.symmetry_operation   x,y,z 
_pdbx_struct_oper_list.matrix[1][1]         1.0000000000 
_pdbx_struct_oper_list.matrix[1][2]         0.0000000000 
_pdbx_struct_oper_list.matrix[1][3]         0.0000000000 
_pdbx_struct_oper_list.vector[1]            0.0000000000 
_pdbx_struct_oper_list.matrix[2][1]         0.0000000000 
_pdbx_struct_oper_list.matrix[2][2]         1.0000000000 
_pdbx_struct_oper_list.matrix[2][3]         0.0000000000 
_pdbx_struct_oper_list.vector[2]            0.0000000000 
_pdbx_struct_oper_list.matrix[3][1]         0.0000000000 
_pdbx_struct_oper_list.matrix[3][2]         0.0000000000 
_pdbx_struct_oper_list.matrix[3][3]         1.0000000000 
_pdbx_struct_oper_list.vector[3]            0.0000000000 
# 
_struct_biol.id        1 
_struct_biol.details   ? 
# 
loop_
_struct_conf.conf_type_id 
_struct_conf.id 
_struct_conf.pdbx_PDB_helix_id 
_struct_conf.beg_label_comp_id 
_struct_conf.beg_label_asym_id 
_struct_conf.beg_label_seq_id 
_struct_conf.pdbx_beg_PDB_ins_code 
_struct_conf.end_label_comp_id 
_struct_conf.end_label_asym_id 
_struct_conf.end_label_seq_id 
_struct_conf.pdbx_end_PDB_ins_code 
_struct_conf.beg_auth_comp_id 
_struct_conf.beg_auth_asym_id 
_struct_conf.beg_auth_seq_id 
_struct_conf.end_auth_comp_id 
_struct_conf.end_auth_asym_id 
_struct_conf.end_auth_seq_id 
_struct_conf.pdbx_PDB_helix_class 
_struct_conf.details 
_struct_conf.pdbx_PDB_helix_length 
HELX_P HELX_P1 1 ASN A 5   ? GLU A 10  ? ASN A 673 GLU A 678 1 ? 6  
HELX_P HELX_P2 2 ASN A 11  ? VAL A 18  ? ASN A 679 VAL A 686 1 ? 8  
HELX_P HELX_P3 3 ASP A 43  ? ASN A 60  ? ASP A 711 ASN A 728 1 ? 18 
HELX_P HELX_P4 4 PRO A 78  ? ARG A 88  ? PRO A 746 ARG A 756 1 ? 11 
HELX_P HELX_P5 5 GLU A 89  ? PHE A 95  ? GLU A 757 PHE A 763 5 ? 7  
HELX_P HELX_P6 6 ARG A 97  ? THR A 107 ? ARG A 765 THR A 775 1 ? 11 
HELX_P HELX_P7 7 ASP A 113 ? SER A 127 ? ASP A 781 SER A 795 1 ? 15 
# 
_struct_conf_type.id          HELX_P 
_struct_conf_type.criteria    ? 
_struct_conf_type.reference   ? 
# 
loop_
_struct_conn.id 
_struct_conn.conn_type_id 
_struct_conn.pdbx_leaving_atom_flag 
_struct_conn.pdbx_PDB_id 
_struct_conn.ptnr1_label_asym_id 
_struct_conn.ptnr1_label_comp_id 
_struct_conn.ptnr1_label_seq_id 
_struct_conn.ptnr1_label_atom_id 
_struct_conn.pdbx_ptnr1_label_alt_id 
_struct_conn.pdbx_ptnr1_PDB_ins_code 
_struct_conn.pdbx_ptnr1_standard_comp_id 
_struct_conn.ptnr1_symmetry 
_struct_conn.ptnr2_label_asym_id 
_struct_conn.ptnr2_label_comp_id 
_struct_conn.ptnr2_label_seq_id 
_struct_conn.ptnr2_label_atom_id 
_struct_conn.pdbx_ptnr2_label_alt_id 
_struct_conn.pdbx_ptnr2_PDB_ins_code 
_struct_conn.ptnr1_auth_asym_id 
_struct_conn.ptnr1_auth_comp_id 
_struct_conn.ptnr1_auth_seq_id 
_struct_conn.ptnr2_auth_asym_id 
_struct_conn.ptnr2_auth_comp_id 
_struct_conn.ptnr2_auth_seq_id 
_struct_conn.ptnr2_symmetry 
_struct_conn.pdbx_ptnr3_label_atom_id 
_struct_conn.pdbx_ptnr3_label_seq_id 
_struct_conn.pdbx_ptnr3_label_comp_id 
_struct_conn.pdbx_ptnr3_label_asym_id 
_struct_conn.pdbx_ptnr3_label_alt_id 
_struct_conn.pdbx_ptnr3_PDB_ins_code 
_struct_conn.details 
_struct_conn.pdbx_dist_value 
_struct_conn.pdbx_value_order 
_struct_conn.pdbx_role 
covale1 covale both ? A LEU 14  C ? ? ? 1_555 A MSE 15  N ? ? A LEU 682 A MSE 683 1_555 ? ? ? ? ? ? ? 1.325 ? ? 
covale2 covale both ? A MSE 15  C ? ? ? 1_555 A SER 16  N ? ? A MSE 683 A SER 684 1_555 ? ? ? ? ? ? ? 1.331 ? ? 
covale3 covale both ? A ASN 128 C ? ? ? 1_555 A MSE 129 N ? ? A ASN 796 A MSE 797 1_555 ? ? ? ? ? ? ? 1.324 ? ? 
covale4 covale both ? A MSE 129 C ? ? ? 1_555 A LYS 130 N ? ? A MSE 797 A LYS 798 1_555 ? ? ? ? ? ? ? 1.329 ? ? 
# 
_struct_conn_type.id          covale 
_struct_conn_type.criteria    ? 
_struct_conn_type.reference   ? 
# 
loop_
_pdbx_modification_feature.ordinal 
_pdbx_modification_feature.label_comp_id 
_pdbx_modification_feature.label_asym_id 
_pdbx_modification_feature.label_seq_id 
_pdbx_modification_feature.label_alt_id 
_pdbx_modification_feature.modified_residue_label_comp_id 
_pdbx_modification_feature.modified_residue_label_asym_id 
_pdbx_modification_feature.modified_residue_label_seq_id 
_pdbx_modification_feature.modified_residue_label_alt_id 
_pdbx_modification_feature.auth_comp_id 
_pdbx_modification_feature.auth_asym_id 
_pdbx_modification_feature.auth_seq_id 
_pdbx_modification_feature.PDB_ins_code 
_pdbx_modification_feature.symmetry 
_pdbx_modification_feature.modified_residue_auth_comp_id 
_pdbx_modification_feature.modified_residue_auth_asym_id 
_pdbx_modification_feature.modified_residue_auth_seq_id 
_pdbx_modification_feature.modified_residue_PDB_ins_code 
_pdbx_modification_feature.modified_residue_symmetry 
_pdbx_modification_feature.comp_id_linking_atom 
_pdbx_modification_feature.modified_residue_id_linking_atom 
_pdbx_modification_feature.modified_residue_id 
_pdbx_modification_feature.ref_pcm_id 
_pdbx_modification_feature.ref_comp_id 
_pdbx_modification_feature.type 
_pdbx_modification_feature.category 
1 MSE A 15  ? . . . . MSE A 683 ? 1_555 . . . . . . . MET 1 MSE Selenomethionine 'Named protein modification' 
2 MSE A 129 ? . . . . MSE A 797 ? 1_555 . . . . . . . MET 1 MSE Selenomethionine 'Named protein modification' 
# 
_struct_mon_prot_cis.pdbx_id                1 
_struct_mon_prot_cis.label_comp_id          GLY 
_struct_mon_prot_cis.label_seq_id           144 
_struct_mon_prot_cis.label_asym_id          A 
_struct_mon_prot_cis.label_alt_id           . 
_struct_mon_prot_cis.pdbx_PDB_ins_code      ? 
_struct_mon_prot_cis.auth_comp_id           GLY 
_struct_mon_prot_cis.auth_seq_id            812 
_struct_mon_prot_cis.auth_asym_id           A 
_struct_mon_prot_cis.pdbx_label_comp_id_2   PRO 
_struct_mon_prot_cis.pdbx_label_seq_id_2    145 
_struct_mon_prot_cis.pdbx_label_asym_id_2   A 
_struct_mon_prot_cis.pdbx_PDB_ins_code_2    ? 
_struct_mon_prot_cis.pdbx_auth_comp_id_2    PRO 
_struct_mon_prot_cis.pdbx_auth_seq_id_2     813 
_struct_mon_prot_cis.pdbx_auth_asym_id_2    A 
_struct_mon_prot_cis.pdbx_PDB_model_num     1 
_struct_mon_prot_cis.pdbx_omega_angle       8.52 
# 
_struct_sheet.id               A 
_struct_sheet.type             ? 
_struct_sheet.number_strands   5 
_struct_sheet.details          ? 
# 
loop_
_struct_sheet_order.sheet_id 
_struct_sheet_order.range_id_1 
_struct_sheet_order.range_id_2 
_struct_sheet_order.offset 
_struct_sheet_order.sense 
A 1 2 ? anti-parallel 
A 2 3 ? parallel      
A 3 4 ? anti-parallel 
A 4 5 ? anti-parallel 
# 
loop_
_struct_sheet_range.sheet_id 
_struct_sheet_range.id 
_struct_sheet_range.beg_label_comp_id 
_struct_sheet_range.beg_label_asym_id 
_struct_sheet_range.beg_label_seq_id 
_struct_sheet_range.pdbx_beg_PDB_ins_code 
_struct_sheet_range.end_label_comp_id 
_struct_sheet_range.end_label_asym_id 
_struct_sheet_range.end_label_seq_id 
_struct_sheet_range.pdbx_end_PDB_ins_code 
_struct_sheet_range.beg_auth_comp_id 
_struct_sheet_range.beg_auth_asym_id 
_struct_sheet_range.beg_auth_seq_id 
_struct_sheet_range.end_auth_comp_id 
_struct_sheet_range.end_auth_asym_id 
_struct_sheet_range.end_auth_seq_id 
A 1 VAL A 20  ? ILE A 21  ? VAL A 688 ILE A 689 
A 2 VAL A 63  ? HIS A 69  ? VAL A 731 HIS A 737 
A 3 ALA A 33  ? ALA A 39  ? ALA A 701 ALA A 707 
A 4 PHE A 135 ? LEU A 138 ? PHE A 803 LEU A 806 
A 5 ARG A 141 ? LEU A 143 ? ARG A 809 LEU A 811 
# 
loop_
_pdbx_struct_sheet_hbond.sheet_id 
_pdbx_struct_sheet_hbond.range_id_1 
_pdbx_struct_sheet_hbond.range_id_2 
_pdbx_struct_sheet_hbond.range_1_label_atom_id 
_pdbx_struct_sheet_hbond.range_1_label_comp_id 
_pdbx_struct_sheet_hbond.range_1_label_asym_id 
_pdbx_struct_sheet_hbond.range_1_label_seq_id 
_pdbx_struct_sheet_hbond.range_1_PDB_ins_code 
_pdbx_struct_sheet_hbond.range_1_auth_atom_id 
_pdbx_struct_sheet_hbond.range_1_auth_comp_id 
_pdbx_struct_sheet_hbond.range_1_auth_asym_id 
_pdbx_struct_sheet_hbond.range_1_auth_seq_id 
_pdbx_struct_sheet_hbond.range_2_label_atom_id 
_pdbx_struct_sheet_hbond.range_2_label_comp_id 
_pdbx_struct_sheet_hbond.range_2_label_asym_id 
_pdbx_struct_sheet_hbond.range_2_label_seq_id 
_pdbx_struct_sheet_hbond.range_2_PDB_ins_code 
_pdbx_struct_sheet_hbond.range_2_auth_atom_id 
_pdbx_struct_sheet_hbond.range_2_auth_comp_id 
_pdbx_struct_sheet_hbond.range_2_auth_asym_id 
_pdbx_struct_sheet_hbond.range_2_auth_seq_id 
A 1 2 N ILE A 21  ? N ILE A 689 O LEU A 65  ? O LEU A 733 
A 2 3 O VAL A 68  ? O VAL A 736 N VAL A 37  ? N VAL A 705 
A 3 4 N VAL A 38  ? N VAL A 706 O PHE A 135 ? O PHE A 803 
A 4 5 N LEU A 138 ? N LEU A 806 O ARG A 141 ? O ARG A 809 
# 
_struct_site.id                   AC1 
_struct_site.pdbx_evidence_code   Software 
_struct_site.pdbx_auth_asym_id    A 
_struct_site.pdbx_auth_comp_id    PQE 
_struct_site.pdbx_auth_seq_id     2000 
_struct_site.pdbx_auth_ins_code   ? 
_struct_site.pdbx_num_residues    8 
_struct_site.details              'BINDING SITE FOR RESIDUE PQE A 2000' 
# 
loop_
_struct_site_gen.id 
_struct_site_gen.site_id 
_struct_site_gen.pdbx_num_res 
_struct_site_gen.label_comp_id 
_struct_site_gen.label_asym_id 
_struct_site_gen.label_seq_id 
_struct_site_gen.pdbx_auth_ins_code 
_struct_site_gen.auth_comp_id 
_struct_site_gen.auth_asym_id 
_struct_site_gen.auth_seq_id 
_struct_site_gen.label_atom_id 
_struct_site_gen.label_alt_id 
_struct_site_gen.symmetry 
_struct_site_gen.details 
1 AC1 8 ASP A 30  ? ASP A 698 . ? 1_555 ? 
2 AC1 8 ASP A 31  ? ASP A 699 . ? 1_555 ? 
3 AC1 8 TYR A 52  ? TYR A 720 . ? 1_555 ? 
4 AC1 8 GLU A 111 ? GLU A 779 . ? 5_555 ? 
5 AC1 8 VAL A 136 ? VAL A 804 . ? 4_565 ? 
6 AC1 8 LEU A 138 ? LEU A 806 . ? 1_555 ? 
7 AC1 8 LEU A 143 ? LEU A 811 . ? 4_565 ? 
8 AC1 8 ILE A 146 ? ILE A 814 . ? 4_565 ? 
# 
_pdbx_entry_details.entry_id                   3WZS 
_pdbx_entry_details.compound_details           ? 
_pdbx_entry_details.source_details             ? 
_pdbx_entry_details.nonpolymer_details         ? 
_pdbx_entry_details.sequence_details           ? 
_pdbx_entry_details.has_ligand_of_interest     ? 
_pdbx_entry_details.has_protein_modification   Y 
# 
loop_
_pdbx_struct_mod_residue.id 
_pdbx_struct_mod_residue.label_asym_id 
_pdbx_struct_mod_residue.label_comp_id 
_pdbx_struct_mod_residue.label_seq_id 
_pdbx_struct_mod_residue.auth_asym_id 
_pdbx_struct_mod_residue.auth_comp_id 
_pdbx_struct_mod_residue.auth_seq_id 
_pdbx_struct_mod_residue.PDB_ins_code 
_pdbx_struct_mod_residue.parent_comp_id 
_pdbx_struct_mod_residue.details 
1 A MSE 15  A MSE 683 ? MET SELENOMETHIONINE 
2 A MSE 129 A MSE 797 ? MET SELENOMETHIONINE 
# 
loop_
_pdbx_unobs_or_zero_occ_residues.id 
_pdbx_unobs_or_zero_occ_residues.PDB_model_num 
_pdbx_unobs_or_zero_occ_residues.polymer_flag 
_pdbx_unobs_or_zero_occ_residues.occupancy_flag 
_pdbx_unobs_or_zero_occ_residues.auth_asym_id 
_pdbx_unobs_or_zero_occ_residues.auth_comp_id 
_pdbx_unobs_or_zero_occ_residues.auth_seq_id 
_pdbx_unobs_or_zero_occ_residues.PDB_ins_code 
_pdbx_unobs_or_zero_occ_residues.label_asym_id 
_pdbx_unobs_or_zero_occ_residues.label_comp_id 
_pdbx_unobs_or_zero_occ_residues.label_seq_id 
1  1 Y 1 A GLY 669 ? A GLY 1   
2  1 Y 1 A SER 670 ? A SER 2   
3  1 Y 1 A ASN 671 ? A ASN 3   
4  1 Y 1 A ALA 817 ? A ALA 149 
5  1 Y 1 A ASP 818 ? A ASP 150 
6  1 Y 1 A ASP 819 ? A ASP 151 
7  1 Y 1 A PHE 820 ? A PHE 152 
8  1 Y 1 A LYS 821 ? A LYS 153 
9  1 Y 1 A LYS 822 ? A LYS 154 
10 1 Y 1 A GLU 823 ? A GLU 155 
11 1 Y 1 A ASP 824 ? A ASP 156 
12 1 Y 1 A PHE 825 ? A PHE 157 
13 1 Y 1 A GLU 826 ? A GLU 158 
14 1 Y 1 A VAL 827 ? A VAL 159 
15 1 Y 1 A PHE 828 ? A PHE 160 
16 1 Y 1 A LEU 829 ? A LEU 161 
17 1 Y 1 A GLN 830 ? A GLN 162 
18 1 Y 1 A ALA 831 ? A ALA 163 
# 
loop_
_chem_comp_atom.comp_id 
_chem_comp_atom.atom_id 
_chem_comp_atom.type_symbol 
_chem_comp_atom.pdbx_aromatic_flag 
_chem_comp_atom.pdbx_stereo_config 
_chem_comp_atom.pdbx_ordinal 
ALA N    N  N N 1   
ALA CA   C  N S 2   
ALA C    C  N N 3   
ALA O    O  N N 4   
ALA CB   C  N N 5   
ALA OXT  O  N N 6   
ALA H    H  N N 7   
ALA H2   H  N N 8   
ALA HA   H  N N 9   
ALA HB1  H  N N 10  
ALA HB2  H  N N 11  
ALA HB3  H  N N 12  
ALA HXT  H  N N 13  
ARG N    N  N N 14  
ARG CA   C  N S 15  
ARG C    C  N N 16  
ARG O    O  N N 17  
ARG CB   C  N N 18  
ARG CG   C  N N 19  
ARG CD   C  N N 20  
ARG NE   N  N N 21  
ARG CZ   C  N N 22  
ARG NH1  N  N N 23  
ARG NH2  N  N N 24  
ARG OXT  O  N N 25  
ARG H    H  N N 26  
ARG H2   H  N N 27  
ARG HA   H  N N 28  
ARG HB2  H  N N 29  
ARG HB3  H  N N 30  
ARG HG2  H  N N 31  
ARG HG3  H  N N 32  
ARG HD2  H  N N 33  
ARG HD3  H  N N 34  
ARG HE   H  N N 35  
ARG HH11 H  N N 36  
ARG HH12 H  N N 37  
ARG HH21 H  N N 38  
ARG HH22 H  N N 39  
ARG HXT  H  N N 40  
ASN N    N  N N 41  
ASN CA   C  N S 42  
ASN C    C  N N 43  
ASN O    O  N N 44  
ASN CB   C  N N 45  
ASN CG   C  N N 46  
ASN OD1  O  N N 47  
ASN ND2  N  N N 48  
ASN OXT  O  N N 49  
ASN H    H  N N 50  
ASN H2   H  N N 51  
ASN HA   H  N N 52  
ASN HB2  H  N N 53  
ASN HB3  H  N N 54  
ASN HD21 H  N N 55  
ASN HD22 H  N N 56  
ASN HXT  H  N N 57  
ASP N    N  N N 58  
ASP CA   C  N S 59  
ASP C    C  N N 60  
ASP O    O  N N 61  
ASP CB   C  N N 62  
ASP CG   C  N N 63  
ASP OD1  O  N N 64  
ASP OD2  O  N N 65  
ASP OXT  O  N N 66  
ASP H    H  N N 67  
ASP H2   H  N N 68  
ASP HA   H  N N 69  
ASP HB2  H  N N 70  
ASP HB3  H  N N 71  
ASP HD2  H  N N 72  
ASP HXT  H  N N 73  
GLN N    N  N N 74  
GLN CA   C  N S 75  
GLN C    C  N N 76  
GLN O    O  N N 77  
GLN CB   C  N N 78  
GLN CG   C  N N 79  
GLN CD   C  N N 80  
GLN OE1  O  N N 81  
GLN NE2  N  N N 82  
GLN OXT  O  N N 83  
GLN H    H  N N 84  
GLN H2   H  N N 85  
GLN HA   H  N N 86  
GLN HB2  H  N N 87  
GLN HB3  H  N N 88  
GLN HG2  H  N N 89  
GLN HG3  H  N N 90  
GLN HE21 H  N N 91  
GLN HE22 H  N N 92  
GLN HXT  H  N N 93  
GLU N    N  N N 94  
GLU CA   C  N S 95  
GLU C    C  N N 96  
GLU O    O  N N 97  
GLU CB   C  N N 98  
GLU CG   C  N N 99  
GLU CD   C  N N 100 
GLU OE1  O  N N 101 
GLU OE2  O  N N 102 
GLU OXT  O  N N 103 
GLU H    H  N N 104 
GLU H2   H  N N 105 
GLU HA   H  N N 106 
GLU HB2  H  N N 107 
GLU HB3  H  N N 108 
GLU HG2  H  N N 109 
GLU HG3  H  N N 110 
GLU HE2  H  N N 111 
GLU HXT  H  N N 112 
GLY N    N  N N 113 
GLY CA   C  N N 114 
GLY C    C  N N 115 
GLY O    O  N N 116 
GLY OXT  O  N N 117 
GLY H    H  N N 118 
GLY H2   H  N N 119 
GLY HA2  H  N N 120 
GLY HA3  H  N N 121 
GLY HXT  H  N N 122 
HIS N    N  N N 123 
HIS CA   C  N S 124 
HIS C    C  N N 125 
HIS O    O  N N 126 
HIS CB   C  N N 127 
HIS CG   C  Y N 128 
HIS ND1  N  Y N 129 
HIS CD2  C  Y N 130 
HIS CE1  C  Y N 131 
HIS NE2  N  Y N 132 
HIS OXT  O  N N 133 
HIS H    H  N N 134 
HIS H2   H  N N 135 
HIS HA   H  N N 136 
HIS HB2  H  N N 137 
HIS HB3  H  N N 138 
HIS HD1  H  N N 139 
HIS HD2  H  N N 140 
HIS HE1  H  N N 141 
HIS HE2  H  N N 142 
HIS HXT  H  N N 143 
HOH O    O  N N 144 
HOH H1   H  N N 145 
HOH H2   H  N N 146 
ILE N    N  N N 147 
ILE CA   C  N S 148 
ILE C    C  N N 149 
ILE O    O  N N 150 
ILE CB   C  N S 151 
ILE CG1  C  N N 152 
ILE CG2  C  N N 153 
ILE CD1  C  N N 154 
ILE OXT  O  N N 155 
ILE H    H  N N 156 
ILE H2   H  N N 157 
ILE HA   H  N N 158 
ILE HB   H  N N 159 
ILE HG12 H  N N 160 
ILE HG13 H  N N 161 
ILE HG21 H  N N 162 
ILE HG22 H  N N 163 
ILE HG23 H  N N 164 
ILE HD11 H  N N 165 
ILE HD12 H  N N 166 
ILE HD13 H  N N 167 
ILE HXT  H  N N 168 
LEU N    N  N N 169 
LEU CA   C  N S 170 
LEU C    C  N N 171 
LEU O    O  N N 172 
LEU CB   C  N N 173 
LEU CG   C  N N 174 
LEU CD1  C  N N 175 
LEU CD2  C  N N 176 
LEU OXT  O  N N 177 
LEU H    H  N N 178 
LEU H2   H  N N 179 
LEU HA   H  N N 180 
LEU HB2  H  N N 181 
LEU HB3  H  N N 182 
LEU HG   H  N N 183 
LEU HD11 H  N N 184 
LEU HD12 H  N N 185 
LEU HD13 H  N N 186 
LEU HD21 H  N N 187 
LEU HD22 H  N N 188 
LEU HD23 H  N N 189 
LEU HXT  H  N N 190 
LYS N    N  N N 191 
LYS CA   C  N S 192 
LYS C    C  N N 193 
LYS O    O  N N 194 
LYS CB   C  N N 195 
LYS CG   C  N N 196 
LYS CD   C  N N 197 
LYS CE   C  N N 198 
LYS NZ   N  N N 199 
LYS OXT  O  N N 200 
LYS H    H  N N 201 
LYS H2   H  N N 202 
LYS HA   H  N N 203 
LYS HB2  H  N N 204 
LYS HB3  H  N N 205 
LYS HG2  H  N N 206 
LYS HG3  H  N N 207 
LYS HD2  H  N N 208 
LYS HD3  H  N N 209 
LYS HE2  H  N N 210 
LYS HE3  H  N N 211 
LYS HZ1  H  N N 212 
LYS HZ2  H  N N 213 
LYS HZ3  H  N N 214 
LYS HXT  H  N N 215 
MSE N    N  N N 216 
MSE CA   C  N S 217 
MSE C    C  N N 218 
MSE O    O  N N 219 
MSE OXT  O  N N 220 
MSE CB   C  N N 221 
MSE CG   C  N N 222 
MSE SE   SE N N 223 
MSE CE   C  N N 224 
MSE H    H  N N 225 
MSE H2   H  N N 226 
MSE HA   H  N N 227 
MSE HXT  H  N N 228 
MSE HB2  H  N N 229 
MSE HB3  H  N N 230 
MSE HG2  H  N N 231 
MSE HG3  H  N N 232 
MSE HE1  H  N N 233 
MSE HE2  H  N N 234 
MSE HE3  H  N N 235 
PHE N    N  N N 236 
PHE CA   C  N S 237 
PHE C    C  N N 238 
PHE O    O  N N 239 
PHE CB   C  N N 240 
PHE CG   C  Y N 241 
PHE CD1  C  Y N 242 
PHE CD2  C  Y N 243 
PHE CE1  C  Y N 244 
PHE CE2  C  Y N 245 
PHE CZ   C  Y N 246 
PHE OXT  O  N N 247 
PHE H    H  N N 248 
PHE H2   H  N N 249 
PHE HA   H  N N 250 
PHE HB2  H  N N 251 
PHE HB3  H  N N 252 
PHE HD1  H  N N 253 
PHE HD2  H  N N 254 
PHE HE1  H  N N 255 
PHE HE2  H  N N 256 
PHE HZ   H  N N 257 
PHE HXT  H  N N 258 
PQE O47  O  N N 259 
PQE C68  C  N N 260 
PQE C52  C  N N 261 
PQE O70  O  N N 262 
PQE C55  C  N N 263 
PQE C58  C  N N 264 
PQE O71  O  N N 265 
PQE C61  C  N N 266 
PQE C62  C  N N 267 
PQE C63  C  N N 268 
PQE C66  C  N N 269 
PQE C67  C  N N 270 
PQE O72  O  N N 271 
PQE C65  C  N N 272 
PQE C64  C  N N 273 
PQE O73  O  N N 274 
PQE C60  C  N N 275 
PQE C59  C  N N 276 
PQE O74  O  N N 277 
PQE C57  C  N N 278 
PQE C56  C  N N 279 
PQE O75  O  N N 280 
PQE C54  C  N N 281 
PQE C53  C  N N 282 
PQE O76  O  N N 283 
PQE C51  C  N N 284 
PQE C50  C  N N 285 
PQE C49  C  N N 286 
PQE C48  C  N N 287 
PQE C47  C  N N 288 
PQE C46  C  N N 289 
PQE C45  C  N N 290 
PQE C44  C  N N 291 
PQE C43  C  N N 292 
PQE C42  C  N N 293 
PQE C41  C  N N 294 
PQE C40  C  N N 295 
PQE HO47 H  N N 296 
PQE H681 H  N N 297 
PQE H682 H  N N 298 
PQE H521 H  N N 299 
PQE H522 H  N N 300 
PQE H551 H  N N 301 
PQE H552 H  N N 302 
PQE H581 H  N N 303 
PQE H582 H  N N 304 
PQE H611 H  N N 305 
PQE H612 H  N N 306 
PQE H621 H  N N 307 
PQE H622 H  N N 308 
PQE H631 H  N N 309 
PQE H632 H  N N 310 
PQE H661 H  N N 311 
PQE H662 H  N N 312 
PQE H671 H  N N 313 
PQE H672 H  N N 314 
PQE H651 H  N N 315 
PQE H652 H  N N 316 
PQE H641 H  N N 317 
PQE H642 H  N N 318 
PQE H601 H  N N 319 
PQE H602 H  N N 320 
PQE H591 H  N N 321 
PQE H592 H  N N 322 
PQE H571 H  N N 323 
PQE H572 H  N N 324 
PQE H561 H  N N 325 
PQE H562 H  N N 326 
PQE H541 H  N N 327 
PQE H542 H  N N 328 
PQE H531 H  N N 329 
PQE H532 H  N N 330 
PQE H511 H  N N 331 
PQE H512 H  N N 332 
PQE H501 H  N N 333 
PQE H502 H  N N 334 
PQE H491 H  N N 335 
PQE H492 H  N N 336 
PQE H481 H  N N 337 
PQE H482 H  N N 338 
PQE H471 H  N N 339 
PQE H472 H  N N 340 
PQE H461 H  N N 341 
PQE H462 H  N N 342 
PQE H451 H  N N 343 
PQE H452 H  N N 344 
PQE H441 H  N N 345 
PQE H442 H  N N 346 
PQE H431 H  N N 347 
PQE H432 H  N N 348 
PQE H421 H  N N 349 
PQE H422 H  N N 350 
PQE H411 H  N N 351 
PQE H412 H  N N 352 
PQE H401 H  N N 353 
PQE H402 H  N N 354 
PQE H403 H  N N 355 
PRO N    N  N N 356 
PRO CA   C  N S 357 
PRO C    C  N N 358 
PRO O    O  N N 359 
PRO CB   C  N N 360 
PRO CG   C  N N 361 
PRO CD   C  N N 362 
PRO OXT  O  N N 363 
PRO H    H  N N 364 
PRO HA   H  N N 365 
PRO HB2  H  N N 366 
PRO HB3  H  N N 367 
PRO HG2  H  N N 368 
PRO HG3  H  N N 369 
PRO HD2  H  N N 370 
PRO HD3  H  N N 371 
PRO HXT  H  N N 372 
SER N    N  N N 373 
SER CA   C  N S 374 
SER C    C  N N 375 
SER O    O  N N 376 
SER CB   C  N N 377 
SER OG   O  N N 378 
SER OXT  O  N N 379 
SER H    H  N N 380 
SER H2   H  N N 381 
SER HA   H  N N 382 
SER HB2  H  N N 383 
SER HB3  H  N N 384 
SER HG   H  N N 385 
SER HXT  H  N N 386 
THR N    N  N N 387 
THR CA   C  N S 388 
THR C    C  N N 389 
THR O    O  N N 390 
THR CB   C  N R 391 
THR OG1  O  N N 392 
THR CG2  C  N N 393 
THR OXT  O  N N 394 
THR H    H  N N 395 
THR H2   H  N N 396 
THR HA   H  N N 397 
THR HB   H  N N 398 
THR HG1  H  N N 399 
THR HG21 H  N N 400 
THR HG22 H  N N 401 
THR HG23 H  N N 402 
THR HXT  H  N N 403 
TRP N    N  N N 404 
TRP CA   C  N S 405 
TRP C    C  N N 406 
TRP O    O  N N 407 
TRP CB   C  N N 408 
TRP CG   C  Y N 409 
TRP CD1  C  Y N 410 
TRP CD2  C  Y N 411 
TRP NE1  N  Y N 412 
TRP CE2  C  Y N 413 
TRP CE3  C  Y N 414 
TRP CZ2  C  Y N 415 
TRP CZ3  C  Y N 416 
TRP CH2  C  Y N 417 
TRP OXT  O  N N 418 
TRP H    H  N N 419 
TRP H2   H  N N 420 
TRP HA   H  N N 421 
TRP HB2  H  N N 422 
TRP HB3  H  N N 423 
TRP HD1  H  N N 424 
TRP HE1  H  N N 425 
TRP HE3  H  N N 426 
TRP HZ2  H  N N 427 
TRP HZ3  H  N N 428 
TRP HH2  H  N N 429 
TRP HXT  H  N N 430 
TYR N    N  N N 431 
TYR CA   C  N S 432 
TYR C    C  N N 433 
TYR O    O  N N 434 
TYR CB   C  N N 435 
TYR CG   C  Y N 436 
TYR CD1  C  Y N 437 
TYR CD2  C  Y N 438 
TYR CE1  C  Y N 439 
TYR CE2  C  Y N 440 
TYR CZ   C  Y N 441 
TYR OH   O  N N 442 
TYR OXT  O  N N 443 
TYR H    H  N N 444 
TYR H2   H  N N 445 
TYR HA   H  N N 446 
TYR HB2  H  N N 447 
TYR HB3  H  N N 448 
TYR HD1  H  N N 449 
TYR HD2  H  N N 450 
TYR HE1  H  N N 451 
TYR HE2  H  N N 452 
TYR HH   H  N N 453 
TYR HXT  H  N N 454 
VAL N    N  N N 455 
VAL CA   C  N S 456 
VAL C    C  N N 457 
VAL O    O  N N 458 
VAL CB   C  N N 459 
VAL CG1  C  N N 460 
VAL CG2  C  N N 461 
VAL OXT  O  N N 462 
VAL H    H  N N 463 
VAL H2   H  N N 464 
VAL HA   H  N N 465 
VAL HB   H  N N 466 
VAL HG11 H  N N 467 
VAL HG12 H  N N 468 
VAL HG13 H  N N 469 
VAL HG21 H  N N 470 
VAL HG22 H  N N 471 
VAL HG23 H  N N 472 
VAL HXT  H  N N 473 
# 
loop_
_chem_comp_bond.comp_id 
_chem_comp_bond.atom_id_1 
_chem_comp_bond.atom_id_2 
_chem_comp_bond.value_order 
_chem_comp_bond.pdbx_aromatic_flag 
_chem_comp_bond.pdbx_stereo_config 
_chem_comp_bond.pdbx_ordinal 
ALA N   CA   sing N N 1   
ALA N   H    sing N N 2   
ALA N   H2   sing N N 3   
ALA CA  C    sing N N 4   
ALA CA  CB   sing N N 5   
ALA CA  HA   sing N N 6   
ALA C   O    doub N N 7   
ALA C   OXT  sing N N 8   
ALA CB  HB1  sing N N 9   
ALA CB  HB2  sing N N 10  
ALA CB  HB3  sing N N 11  
ALA OXT HXT  sing N N 12  
ARG N   CA   sing N N 13  
ARG N   H    sing N N 14  
ARG N   H2   sing N N 15  
ARG CA  C    sing N N 16  
ARG CA  CB   sing N N 17  
ARG CA  HA   sing N N 18  
ARG C   O    doub N N 19  
ARG C   OXT  sing N N 20  
ARG CB  CG   sing N N 21  
ARG CB  HB2  sing N N 22  
ARG CB  HB3  sing N N 23  
ARG CG  CD   sing N N 24  
ARG CG  HG2  sing N N 25  
ARG CG  HG3  sing N N 26  
ARG CD  NE   sing N N 27  
ARG CD  HD2  sing N N 28  
ARG CD  HD3  sing N N 29  
ARG NE  CZ   sing N N 30  
ARG NE  HE   sing N N 31  
ARG CZ  NH1  sing N N 32  
ARG CZ  NH2  doub N N 33  
ARG NH1 HH11 sing N N 34  
ARG NH1 HH12 sing N N 35  
ARG NH2 HH21 sing N N 36  
ARG NH2 HH22 sing N N 37  
ARG OXT HXT  sing N N 38  
ASN N   CA   sing N N 39  
ASN N   H    sing N N 40  
ASN N   H2   sing N N 41  
ASN CA  C    sing N N 42  
ASN CA  CB   sing N N 43  
ASN CA  HA   sing N N 44  
ASN C   O    doub N N 45  
ASN C   OXT  sing N N 46  
ASN CB  CG   sing N N 47  
ASN CB  HB2  sing N N 48  
ASN CB  HB3  sing N N 49  
ASN CG  OD1  doub N N 50  
ASN CG  ND2  sing N N 51  
ASN ND2 HD21 sing N N 52  
ASN ND2 HD22 sing N N 53  
ASN OXT HXT  sing N N 54  
ASP N   CA   sing N N 55  
ASP N   H    sing N N 56  
ASP N   H2   sing N N 57  
ASP CA  C    sing N N 58  
ASP CA  CB   sing N N 59  
ASP CA  HA   sing N N 60  
ASP C   O    doub N N 61  
ASP C   OXT  sing N N 62  
ASP CB  CG   sing N N 63  
ASP CB  HB2  sing N N 64  
ASP CB  HB3  sing N N 65  
ASP CG  OD1  doub N N 66  
ASP CG  OD2  sing N N 67  
ASP OD2 HD2  sing N N 68  
ASP OXT HXT  sing N N 69  
GLN N   CA   sing N N 70  
GLN N   H    sing N N 71  
GLN N   H2   sing N N 72  
GLN CA  C    sing N N 73  
GLN CA  CB   sing N N 74  
GLN CA  HA   sing N N 75  
GLN C   O    doub N N 76  
GLN C   OXT  sing N N 77  
GLN CB  CG   sing N N 78  
GLN CB  HB2  sing N N 79  
GLN CB  HB3  sing N N 80  
GLN CG  CD   sing N N 81  
GLN CG  HG2  sing N N 82  
GLN CG  HG3  sing N N 83  
GLN CD  OE1  doub N N 84  
GLN CD  NE2  sing N N 85  
GLN NE2 HE21 sing N N 86  
GLN NE2 HE22 sing N N 87  
GLN OXT HXT  sing N N 88  
GLU N   CA   sing N N 89  
GLU N   H    sing N N 90  
GLU N   H2   sing N N 91  
GLU CA  C    sing N N 92  
GLU CA  CB   sing N N 93  
GLU CA  HA   sing N N 94  
GLU C   O    doub N N 95  
GLU C   OXT  sing N N 96  
GLU CB  CG   sing N N 97  
GLU CB  HB2  sing N N 98  
GLU CB  HB3  sing N N 99  
GLU CG  CD   sing N N 100 
GLU CG  HG2  sing N N 101 
GLU CG  HG3  sing N N 102 
GLU CD  OE1  doub N N 103 
GLU CD  OE2  sing N N 104 
GLU OE2 HE2  sing N N 105 
GLU OXT HXT  sing N N 106 
GLY N   CA   sing N N 107 
GLY N   H    sing N N 108 
GLY N   H2   sing N N 109 
GLY CA  C    sing N N 110 
GLY CA  HA2  sing N N 111 
GLY CA  HA3  sing N N 112 
GLY C   O    doub N N 113 
GLY C   OXT  sing N N 114 
GLY OXT HXT  sing N N 115 
HIS N   CA   sing N N 116 
HIS N   H    sing N N 117 
HIS N   H2   sing N N 118 
HIS CA  C    sing N N 119 
HIS CA  CB   sing N N 120 
HIS CA  HA   sing N N 121 
HIS C   O    doub N N 122 
HIS C   OXT  sing N N 123 
HIS CB  CG   sing N N 124 
HIS CB  HB2  sing N N 125 
HIS CB  HB3  sing N N 126 
HIS CG  ND1  sing Y N 127 
HIS CG  CD2  doub Y N 128 
HIS ND1 CE1  doub Y N 129 
HIS ND1 HD1  sing N N 130 
HIS CD2 NE2  sing Y N 131 
HIS CD2 HD2  sing N N 132 
HIS CE1 NE2  sing Y N 133 
HIS CE1 HE1  sing N N 134 
HIS NE2 HE2  sing N N 135 
HIS OXT HXT  sing N N 136 
HOH O   H1   sing N N 137 
HOH O   H2   sing N N 138 
ILE N   CA   sing N N 139 
ILE N   H    sing N N 140 
ILE N   H2   sing N N 141 
ILE CA  C    sing N N 142 
ILE CA  CB   sing N N 143 
ILE CA  HA   sing N N 144 
ILE C   O    doub N N 145 
ILE C   OXT  sing N N 146 
ILE CB  CG1  sing N N 147 
ILE CB  CG2  sing N N 148 
ILE CB  HB   sing N N 149 
ILE CG1 CD1  sing N N 150 
ILE CG1 HG12 sing N N 151 
ILE CG1 HG13 sing N N 152 
ILE CG2 HG21 sing N N 153 
ILE CG2 HG22 sing N N 154 
ILE CG2 HG23 sing N N 155 
ILE CD1 HD11 sing N N 156 
ILE CD1 HD12 sing N N 157 
ILE CD1 HD13 sing N N 158 
ILE OXT HXT  sing N N 159 
LEU N   CA   sing N N 160 
LEU N   H    sing N N 161 
LEU N   H2   sing N N 162 
LEU CA  C    sing N N 163 
LEU CA  CB   sing N N 164 
LEU CA  HA   sing N N 165 
LEU C   O    doub N N 166 
LEU C   OXT  sing N N 167 
LEU CB  CG   sing N N 168 
LEU CB  HB2  sing N N 169 
LEU CB  HB3  sing N N 170 
LEU CG  CD1  sing N N 171 
LEU CG  CD2  sing N N 172 
LEU CG  HG   sing N N 173 
LEU CD1 HD11 sing N N 174 
LEU CD1 HD12 sing N N 175 
LEU CD1 HD13 sing N N 176 
LEU CD2 HD21 sing N N 177 
LEU CD2 HD22 sing N N 178 
LEU CD2 HD23 sing N N 179 
LEU OXT HXT  sing N N 180 
LYS N   CA   sing N N 181 
LYS N   H    sing N N 182 
LYS N   H2   sing N N 183 
LYS CA  C    sing N N 184 
LYS CA  CB   sing N N 185 
LYS CA  HA   sing N N 186 
LYS C   O    doub N N 187 
LYS C   OXT  sing N N 188 
LYS CB  CG   sing N N 189 
LYS CB  HB2  sing N N 190 
LYS CB  HB3  sing N N 191 
LYS CG  CD   sing N N 192 
LYS CG  HG2  sing N N 193 
LYS CG  HG3  sing N N 194 
LYS CD  CE   sing N N 195 
LYS CD  HD2  sing N N 196 
LYS CD  HD3  sing N N 197 
LYS CE  NZ   sing N N 198 
LYS CE  HE2  sing N N 199 
LYS CE  HE3  sing N N 200 
LYS NZ  HZ1  sing N N 201 
LYS NZ  HZ2  sing N N 202 
LYS NZ  HZ3  sing N N 203 
LYS OXT HXT  sing N N 204 
MSE N   CA   sing N N 205 
MSE N   H    sing N N 206 
MSE N   H2   sing N N 207 
MSE CA  C    sing N N 208 
MSE CA  CB   sing N N 209 
MSE CA  HA   sing N N 210 
MSE C   O    doub N N 211 
MSE C   OXT  sing N N 212 
MSE OXT HXT  sing N N 213 
MSE CB  CG   sing N N 214 
MSE CB  HB2  sing N N 215 
MSE CB  HB3  sing N N 216 
MSE CG  SE   sing N N 217 
MSE CG  HG2  sing N N 218 
MSE CG  HG3  sing N N 219 
MSE SE  CE   sing N N 220 
MSE CE  HE1  sing N N 221 
MSE CE  HE2  sing N N 222 
MSE CE  HE3  sing N N 223 
PHE N   CA   sing N N 224 
PHE N   H    sing N N 225 
PHE N   H2   sing N N 226 
PHE CA  C    sing N N 227 
PHE CA  CB   sing N N 228 
PHE CA  HA   sing N N 229 
PHE C   O    doub N N 230 
PHE C   OXT  sing N N 231 
PHE CB  CG   sing N N 232 
PHE CB  HB2  sing N N 233 
PHE CB  HB3  sing N N 234 
PHE CG  CD1  doub Y N 235 
PHE CG  CD2  sing Y N 236 
PHE CD1 CE1  sing Y N 237 
PHE CD1 HD1  sing N N 238 
PHE CD2 CE2  doub Y N 239 
PHE CD2 HD2  sing N N 240 
PHE CE1 CZ   doub Y N 241 
PHE CE1 HE1  sing N N 242 
PHE CE2 CZ   sing Y N 243 
PHE CE2 HE2  sing N N 244 
PHE CZ  HZ   sing N N 245 
PHE OXT HXT  sing N N 246 
PQE O47 C68  sing N N 247 
PQE O47 HO47 sing N N 248 
PQE C68 C52  sing N N 249 
PQE C68 H681 sing N N 250 
PQE C68 H682 sing N N 251 
PQE C52 O70  sing N N 252 
PQE C52 H521 sing N N 253 
PQE C52 H522 sing N N 254 
PQE O70 C55  sing N N 255 
PQE C55 C58  sing N N 256 
PQE C55 H551 sing N N 257 
PQE C55 H552 sing N N 258 
PQE C58 O71  sing N N 259 
PQE C58 H581 sing N N 260 
PQE C58 H582 sing N N 261 
PQE O71 C61  sing N N 262 
PQE C61 C62  sing N N 263 
PQE C61 H611 sing N N 264 
PQE C61 H612 sing N N 265 
PQE C62 C63  sing N N 266 
PQE C62 H621 sing N N 267 
PQE C62 H622 sing N N 268 
PQE C63 C66  sing N N 269 
PQE C63 H631 sing N N 270 
PQE C63 H632 sing N N 271 
PQE C66 C67  sing N N 272 
PQE C66 H661 sing N N 273 
PQE C66 H662 sing N N 274 
PQE C67 O72  sing N N 275 
PQE C67 H671 sing N N 276 
PQE C67 H672 sing N N 277 
PQE O72 C65  sing N N 278 
PQE C65 C64  sing N N 279 
PQE C65 H651 sing N N 280 
PQE C65 H652 sing N N 281 
PQE C64 O73  sing N N 282 
PQE C64 H641 sing N N 283 
PQE C64 H642 sing N N 284 
PQE O73 C60  sing N N 285 
PQE C60 C59  sing N N 286 
PQE C60 H601 sing N N 287 
PQE C60 H602 sing N N 288 
PQE C59 O74  sing N N 289 
PQE C59 H591 sing N N 290 
PQE C59 H592 sing N N 291 
PQE O74 C57  sing N N 292 
PQE C57 C56  sing N N 293 
PQE C57 H571 sing N N 294 
PQE C57 H572 sing N N 295 
PQE C56 O75  sing N N 296 
PQE C56 H561 sing N N 297 
PQE C56 H562 sing N N 298 
PQE O75 C54  sing N N 299 
PQE C54 C53  sing N N 300 
PQE C54 H541 sing N N 301 
PQE C54 H542 sing N N 302 
PQE C53 O76  sing N N 303 
PQE C53 H531 sing N N 304 
PQE C53 H532 sing N N 305 
PQE O76 C51  sing N N 306 
PQE C51 C50  sing N N 307 
PQE C51 H511 sing N N 308 
PQE C51 H512 sing N N 309 
PQE C50 C49  sing N N 310 
PQE C50 H501 sing N N 311 
PQE C50 H502 sing N N 312 
PQE C49 C48  sing N N 313 
PQE C49 H491 sing N N 314 
PQE C49 H492 sing N N 315 
PQE C48 C47  sing N N 316 
PQE C48 H481 sing N N 317 
PQE C48 H482 sing N N 318 
PQE C47 C46  sing N N 319 
PQE C47 H471 sing N N 320 
PQE C47 H472 sing N N 321 
PQE C46 C45  sing N N 322 
PQE C46 H461 sing N N 323 
PQE C46 H462 sing N N 324 
PQE C45 C44  sing N N 325 
PQE C45 H451 sing N N 326 
PQE C45 H452 sing N N 327 
PQE C44 C43  sing N N 328 
PQE C44 H441 sing N N 329 
PQE C44 H442 sing N N 330 
PQE C43 C42  sing N N 331 
PQE C43 H431 sing N N 332 
PQE C43 H432 sing N N 333 
PQE C42 C41  sing N N 334 
PQE C42 H421 sing N N 335 
PQE C42 H422 sing N N 336 
PQE C41 C40  sing N N 337 
PQE C41 H411 sing N N 338 
PQE C41 H412 sing N N 339 
PQE C40 H401 sing N N 340 
PQE C40 H402 sing N N 341 
PQE C40 H403 sing N N 342 
PRO N   CA   sing N N 343 
PRO N   CD   sing N N 344 
PRO N   H    sing N N 345 
PRO CA  C    sing N N 346 
PRO CA  CB   sing N N 347 
PRO CA  HA   sing N N 348 
PRO C   O    doub N N 349 
PRO C   OXT  sing N N 350 
PRO CB  CG   sing N N 351 
PRO CB  HB2  sing N N 352 
PRO CB  HB3  sing N N 353 
PRO CG  CD   sing N N 354 
PRO CG  HG2  sing N N 355 
PRO CG  HG3  sing N N 356 
PRO CD  HD2  sing N N 357 
PRO CD  HD3  sing N N 358 
PRO OXT HXT  sing N N 359 
SER N   CA   sing N N 360 
SER N   H    sing N N 361 
SER N   H2   sing N N 362 
SER CA  C    sing N N 363 
SER CA  CB   sing N N 364 
SER CA  HA   sing N N 365 
SER C   O    doub N N 366 
SER C   OXT  sing N N 367 
SER CB  OG   sing N N 368 
SER CB  HB2  sing N N 369 
SER CB  HB3  sing N N 370 
SER OG  HG   sing N N 371 
SER OXT HXT  sing N N 372 
THR N   CA   sing N N 373 
THR N   H    sing N N 374 
THR N   H2   sing N N 375 
THR CA  C    sing N N 376 
THR CA  CB   sing N N 377 
THR CA  HA   sing N N 378 
THR C   O    doub N N 379 
THR C   OXT  sing N N 380 
THR CB  OG1  sing N N 381 
THR CB  CG2  sing N N 382 
THR CB  HB   sing N N 383 
THR OG1 HG1  sing N N 384 
THR CG2 HG21 sing N N 385 
THR CG2 HG22 sing N N 386 
THR CG2 HG23 sing N N 387 
THR OXT HXT  sing N N 388 
TRP N   CA   sing N N 389 
TRP N   H    sing N N 390 
TRP N   H2   sing N N 391 
TRP CA  C    sing N N 392 
TRP CA  CB   sing N N 393 
TRP CA  HA   sing N N 394 
TRP C   O    doub N N 395 
TRP C   OXT  sing N N 396 
TRP CB  CG   sing N N 397 
TRP CB  HB2  sing N N 398 
TRP CB  HB3  sing N N 399 
TRP CG  CD1  doub Y N 400 
TRP CG  CD2  sing Y N 401 
TRP CD1 NE1  sing Y N 402 
TRP CD1 HD1  sing N N 403 
TRP CD2 CE2  doub Y N 404 
TRP CD2 CE3  sing Y N 405 
TRP NE1 CE2  sing Y N 406 
TRP NE1 HE1  sing N N 407 
TRP CE2 CZ2  sing Y N 408 
TRP CE3 CZ3  doub Y N 409 
TRP CE3 HE3  sing N N 410 
TRP CZ2 CH2  doub Y N 411 
TRP CZ2 HZ2  sing N N 412 
TRP CZ3 CH2  sing Y N 413 
TRP CZ3 HZ3  sing N N 414 
TRP CH2 HH2  sing N N 415 
TRP OXT HXT  sing N N 416 
TYR N   CA   sing N N 417 
TYR N   H    sing N N 418 
TYR N   H2   sing N N 419 
TYR CA  C    sing N N 420 
TYR CA  CB   sing N N 421 
TYR CA  HA   sing N N 422 
TYR C   O    doub N N 423 
TYR C   OXT  sing N N 424 
TYR CB  CG   sing N N 425 
TYR CB  HB2  sing N N 426 
TYR CB  HB3  sing N N 427 
TYR CG  CD1  doub Y N 428 
TYR CG  CD2  sing Y N 429 
TYR CD1 CE1  sing Y N 430 
TYR CD1 HD1  sing N N 431 
TYR CD2 CE2  doub Y N 432 
TYR CD2 HD2  sing N N 433 
TYR CE1 CZ   doub Y N 434 
TYR CE1 HE1  sing N N 435 
TYR CE2 CZ   sing Y N 436 
TYR CE2 HE2  sing N N 437 
TYR CZ  OH   sing N N 438 
TYR OH  HH   sing N N 439 
TYR OXT HXT  sing N N 440 
VAL N   CA   sing N N 441 
VAL N   H    sing N N 442 
VAL N   H2   sing N N 443 
VAL CA  C    sing N N 444 
VAL CA  CB   sing N N 445 
VAL CA  HA   sing N N 446 
VAL C   O    doub N N 447 
VAL C   OXT  sing N N 448 
VAL CB  CG1  sing N N 449 
VAL CB  CG2  sing N N 450 
VAL CB  HB   sing N N 451 
VAL CG1 HG11 sing N N 452 
VAL CG1 HG12 sing N N 453 
VAL CG1 HG13 sing N N 454 
VAL CG2 HG21 sing N N 455 
VAL CG2 HG22 sing N N 456 
VAL CG2 HG23 sing N N 457 
VAL OXT HXT  sing N N 458 
# 
_atom_sites.entry_id                    3WZS 
_atom_sites.fract_transf_matrix[1][1]   -0.01154524 
_atom_sites.fract_transf_matrix[1][2]   -0.01607686 
_atom_sites.fract_transf_matrix[1][3]   -0.00875070 
_atom_sites.fract_transf_matrix[2][1]   -0.00422178 
_atom_sites.fract_transf_matrix[2][2]   0.00685328 
_atom_sites.fract_transf_matrix[2][3]   -0.00702089 
_atom_sites.fract_transf_matrix[3][1]   0.00912876 
_atom_sites.fract_transf_matrix[3][2]   -0.00232989 
_atom_sites.fract_transf_matrix[3][3]   -0.00776354 
_atom_sites.fract_transf_vector[1]      0.451594 
_atom_sites.fract_transf_vector[2]      0.367983 
_atom_sites.fract_transf_vector[3]      0.080568 
# 
loop_
_atom_type.symbol 
C  
N  
O  
SE 
# 
loop_
_atom_site.group_PDB 
_atom_site.id 
_atom_site.type_symbol 
_atom_site.label_atom_id 
_atom_site.label_alt_id 
_atom_site.label_comp_id 
_atom_site.label_asym_id 
_atom_site.label_entity_id 
_atom_site.label_seq_id 
_atom_site.pdbx_PDB_ins_code 
_atom_site.Cartn_x 
_atom_site.Cartn_y 
_atom_site.Cartn_z 
_atom_site.occupancy 
_atom_site.B_iso_or_equiv 
_atom_site.pdbx_formal_charge 
_atom_site.auth_seq_id 
_atom_site.auth_comp_id 
_atom_site.auth_asym_id 
_atom_site.auth_atom_id 
_atom_site.pdbx_PDB_model_num 
ATOM   1    N  N   . VAL A 1 4   ? 6.224   8.466   -18.041 1.00 45.18 ? 672  VAL A N   1 
ATOM   2    C  CA  . VAL A 1 4   ? 4.966   7.993   -17.377 1.00 43.99 ? 672  VAL A CA  1 
ATOM   3    C  C   . VAL A 1 4   ? 5.289   6.830   -16.448 1.00 42.63 ? 672  VAL A C   1 
ATOM   4    O  O   . VAL A 1 4   ? 4.764   6.722   -15.322 1.00 45.66 ? 672  VAL A O   1 
ATOM   5    C  CB  . VAL A 1 4   ? 3.909   7.473   -18.389 1.00 45.70 ? 672  VAL A CB  1 
ATOM   6    C  CG1 . VAL A 1 4   ? 2.522   7.501   -17.752 1.00 46.22 ? 672  VAL A CG1 1 
ATOM   7    C  CG2 . VAL A 1 4   ? 3.945   8.252   -19.700 1.00 47.35 ? 672  VAL A CG2 1 
ATOM   8    N  N   . ASN A 1 5   ? 6.144   5.957   -16.961 1.00 36.65 ? 673  ASN A N   1 
ATOM   9    C  CA  . ASN A 1 5   ? 6.390   4.630   -16.397 1.00 37.08 ? 673  ASN A CA  1 
ATOM   10   C  C   . ASN A 1 5   ? 7.369   4.661   -15.228 1.00 32.15 ? 673  ASN A C   1 
ATOM   11   O  O   . ASN A 1 5   ? 7.582   3.625   -14.583 1.00 30.43 ? 673  ASN A O   1 
ATOM   12   C  CB  . ASN A 1 5   ? 6.973   3.702   -17.483 1.00 37.84 ? 673  ASN A CB  1 
ATOM   13   C  CG  . ASN A 1 5   ? 6.053   3.542   -18.680 1.00 39.53 ? 673  ASN A CG  1 
ATOM   14   O  OD1 . ASN A 1 5   ? 4.961   3.001   -18.547 1.00 45.61 ? 673  ASN A OD1 1 
ATOM   15   N  ND2 . ASN A 1 5   ? 6.479   4.019   -19.850 1.00 39.21 ? 673  ASN A ND2 1 
ATOM   16   N  N   . LYS A 1 6   ? 8.016   5.806   -15.013 1.00 29.69 ? 674  LYS A N   1 
ATOM   17   C  CA  . LYS A 1 6   ? 9.351   5.827   -14.392 1.00 28.31 ? 674  LYS A CA  1 
ATOM   18   C  C   . LYS A 1 6   ? 9.230   5.471   -12.921 1.00 24.42 ? 674  LYS A C   1 
ATOM   19   O  O   . LYS A 1 6   ? 10.067  4.787   -12.358 1.00 22.42 ? 674  LYS A O   1 
ATOM   20   C  CB  . LYS A 1 6   ? 9.999   7.205   -14.560 1.00 30.45 ? 674  LYS A CB  1 
ATOM   21   C  CG  . LYS A 1 6   ? 11.331  7.386   -13.860 1.00 31.60 ? 674  LYS A CG  1 
ATOM   22   C  CD  . LYS A 1 6   ? 12.027  8.686   -14.266 1.00 34.49 ? 674  LYS A CD  1 
ATOM   23   C  CE  . LYS A 1 6   ? 13.421  8.769   -13.673 1.00 37.44 ? 674  LYS A CE  1 
ATOM   24   N  NZ  . LYS A 1 6   ? 14.198  9.978   -14.096 1.00 38.11 ? 674  LYS A NZ  1 
ATOM   25   N  N   . ILE A 1 7   ? 8.131   5.909   -12.310 1.00 23.34 ? 675  ILE A N   1 
ATOM   26   C  CA  . ILE A 1 7   ? 7.838   5.541   -10.937 1.00 22.11 ? 675  ILE A CA  1 
ATOM   27   C  C   . ILE A 1 7   ? 7.787   4.005   -10.792 1.00 20.98 ? 675  ILE A C   1 
ATOM   28   O  O   . ILE A 1 7   ? 8.213   3.473   -9.789  1.00 23.23 ? 675  ILE A O   1 
ATOM   29   C  CB  . ILE A 1 7   ? 6.550   6.270   -10.440 1.00 22.56 ? 675  ILE A CB  1 
ATOM   30   C  CG1 . ILE A 1 7   ? 6.410   6.186   -8.924  1.00 23.97 ? 675  ILE A CG1 1 
ATOM   31   C  CG2 . ILE A 1 7   ? 5.269   5.772   -11.121 1.00 23.67 ? 675  ILE A CG2 1 
ATOM   32   C  CD1 . ILE A 1 7   ? 5.491   7.262   -8.380  1.00 26.05 ? 675  ILE A CD1 1 
ATOM   33   N  N   . TYR A 1 8   ? 7.275   3.306   -11.805 1.00 19.24 ? 676  TYR A N   1 
ATOM   34   C  CA  . TYR A 1 8   ? 7.143   1.859   -11.753 1.00 19.58 ? 676  TYR A CA  1 
ATOM   35   C  C   . TYR A 1 8   ? 8.438   1.122   -12.103 1.00 20.57 ? 676  TYR A C   1 
ATOM   36   O  O   . TYR A 1 8   ? 8.681   -0.005  -11.629 1.00 26.70 ? 676  TYR A O   1 
ATOM   37   C  CB  . TYR A 1 8   ? 6.001   1.401   -12.660 1.00 19.54 ? 676  TYR A CB  1 
ATOM   38   C  CG  . TYR A 1 8   ? 4.652   2.019   -12.320 1.00 19.16 ? 676  TYR A CG  1 
ATOM   39   C  CD1 . TYR A 1 8   ? 4.019   1.701   -11.120 1.00 21.53 ? 676  TYR A CD1 1 
ATOM   40   C  CD2 . TYR A 1 8   ? 3.998   2.881   -13.198 1.00 19.92 ? 676  TYR A CD2 1 
ATOM   41   C  CE1 . TYR A 1 8   ? 2.769   2.246   -10.797 1.00 20.15 ? 676  TYR A CE1 1 
ATOM   42   C  CE2 . TYR A 1 8   ? 2.744   3.435   -12.877 1.00 21.09 ? 676  TYR A CE2 1 
ATOM   43   C  CZ  . TYR A 1 8   ? 2.150   3.115   -11.674 1.00 20.15 ? 676  TYR A CZ  1 
ATOM   44   O  OH  . TYR A 1 8   ? 0.886   3.632   -11.337 1.00 18.68 ? 676  TYR A OH  1 
ATOM   45   N  N   . ILE A 1 9   ? 9.307   1.771   -12.869 1.00 19.18 ? 677  ILE A N   1 
ATOM   46   C  CA  . ILE A 1 9   ? 10.572  1.180   -13.265 1.00 19.37 ? 677  ILE A CA  1 
ATOM   47   C  C   . ILE A 1 9   ? 11.631  1.288   -12.171 1.00 19.50 ? 677  ILE A C   1 
ATOM   48   O  O   . ILE A 1 9   ? 12.436  0.395   -11.997 1.00 18.52 ? 677  ILE A O   1 
ATOM   49   C  CB  . ILE A 1 9   ? 11.071  1.865   -14.558 1.00 19.13 ? 677  ILE A CB  1 
ATOM   50   C  CG1 . ILE A 1 9   ? 10.155  1.480   -15.710 1.00 21.67 ? 677  ILE A CG1 1 
ATOM   51   C  CG2 . ILE A 1 9   ? 12.545  1.520   -14.859 1.00 19.70 ? 677  ILE A CG2 1 
ATOM   52   C  CD1 . ILE A 1 9   ? 10.227  2.385   -16.924 1.00 24.24 ? 677  ILE A CD1 1 
ATOM   53   N  N   . GLU A 1 10  ? 11.676  2.413   -11.471 1.00 20.02 ? 678  GLU A N   1 
ATOM   54   C  CA  . GLU A 1 10  ? 12.765  2.679   -10.540 1.00 21.97 ? 678  GLU A CA  1 
ATOM   55   C  C   . GLU A 1 10  ? 12.539  2.011   -9.178  1.00 22.20 ? 678  GLU A C   1 
ATOM   56   O  O   . GLU A 1 10  ? 13.442  1.998   -8.346  1.00 23.00 ? 678  GLU A O   1 
ATOM   57   C  CB  . GLU A 1 10  ? 12.910  4.187   -10.315 1.00 26.52 ? 678  GLU A CB  1 
ATOM   58   C  CG  . GLU A 1 10  ? 13.448  4.964   -11.482 1.00 30.23 ? 678  GLU A CG  1 
ATOM   59   C  CD  . GLU A 1 10  ? 13.881  6.357   -11.055 1.00 34.08 ? 678  GLU A CD  1 
ATOM   60   O  OE1 . GLU A 1 10  ? 13.019  7.129   -10.559 1.00 38.74 ? 678  GLU A OE1 1 
ATOM   61   O  OE2 . GLU A 1 10  ? 15.080  6.661   -11.195 1.00 40.34 ? 678  GLU A OE2 1 
ATOM   62   N  N   . ASN A 1 11  ? 11.356  1.446   -8.947  1.00 19.28 ? 679  ASN A N   1 
ATOM   63   C  CA  . ASN A 1 11  ? 11.021  0.971   -7.602  1.00 18.83 ? 679  ASN A CA  1 
ATOM   64   C  C   . ASN A 1 11  ? 10.535  -0.482  -7.586  1.00 17.23 ? 679  ASN A C   1 
ATOM   65   O  O   . ASN A 1 11  ? 9.739   -0.888  -6.762  1.00 15.61 ? 679  ASN A O   1 
ATOM   66   C  CB  . ASN A 1 11  ? 9.964   1.898   -7.029  1.00 19.41 ? 679  ASN A CB  1 
ATOM   67   C  CG  . ASN A 1 11  ? 10.436  3.308   -6.941  1.00 19.13 ? 679  ASN A CG  1 
ATOM   68   O  OD1 . ASN A 1 11  ? 11.316  3.605   -6.140  1.00 22.13 ? 679  ASN A OD1 1 
ATOM   69   N  ND2 . ASN A 1 11  ? 9.867   4.201   -7.769  1.00 19.98 ? 679  ASN A ND2 1 
ATOM   70   N  N   . HIS A 1 12  ? 11.036  -1.296  -8.508  1.00 16.36 ? 680  HIS A N   1 
ATOM   71   C  CA  . HIS A 1 12  ? 10.657  -2.699  -8.537  1.00 17.23 ? 680  HIS A CA  1 
ATOM   72   C  C   . HIS A 1 12  ? 10.932  -3.453  -7.232  1.00 16.14 ? 680  HIS A C   1 
ATOM   73   O  O   . HIS A 1 12  ? 10.189  -4.327  -6.873  1.00 15.85 ? 680  HIS A O   1 
ATOM   74   C  CB  . HIS A 1 12  ? 11.428  -3.429  -9.627  1.00 16.43 ? 680  HIS A CB  1 
ATOM   75   C  CG  . HIS A 1 12  ? 11.032  -3.079  -11.019 1.00 16.87 ? 680  HIS A CG  1 
ATOM   76   N  ND1 . HIS A 1 12  ? 9.729   -3.081  -11.468 1.00 15.96 ? 680  HIS A ND1 1 
ATOM   77   C  CD2 . HIS A 1 12  ? 11.794  -2.759  -12.088 1.00 16.44 ? 680  HIS A CD2 1 
ATOM   78   C  CE1 . HIS A 1 12  ? 9.700   -2.736  -12.736 1.00 16.73 ? 680  HIS A CE1 1 
ATOM   79   N  NE2 . HIS A 1 12  ? 10.941  -2.539  -13.137 1.00 16.10 ? 680  HIS A NE2 1 
ATOM   80   N  N   . ASP A 1 13  ? 12.060  -3.197  -6.563  1.00 16.30 ? 681  ASP A N   1 
ATOM   81   C  CA  . ASP A 1 13  ? 12.376  -3.891  -5.314  1.00 16.40 ? 681  ASP A CA  1 
ATOM   82   C  C   . ASP A 1 13  ? 11.290  -3.642  -4.237  1.00 16.53 ? 681  ASP A C   1 
ATOM   83   O  O   . ASP A 1 13  ? 10.761  -4.585  -3.643  1.00 16.16 ? 681  ASP A O   1 
ATOM   84   C  CB  . ASP A 1 13  ? 13.712  -3.420  -4.746  1.00 18.86 ? 681  ASP A CB  1 
ATOM   85   C  CG  . ASP A 1 13  ? 14.909  -3.867  -5.568  1.00 22.18 ? 681  ASP A CG  1 
ATOM   86   O  OD1 . ASP A 1 13  ? 14.750  -4.646  -6.523  1.00 22.61 ? 681  ASP A OD1 1 
ATOM   87   O  OD2 . ASP A 1 13  ? 16.033  -3.431  -5.239  1.00 27.05 ? 681  ASP A OD2 1 
ATOM   88   N  N   . LEU A 1 14  ? 10.977  -2.371  -4.016  1.00 15.53 ? 682  LEU A N   1 
ATOM   89   C  CA  . LEU A 1 14  ? 9.855   -2.011  -3.099  1.00 15.73 ? 682  LEU A CA  1 
ATOM   90   C  C   . LEU A 1 14  ? 8.536   -2.656  -3.531  1.00 16.00 ? 682  LEU A C   1 
ATOM   91   O  O   . LEU A 1 14  ? 7.861   -3.339  -2.739  1.00 15.26 ? 682  LEU A O   1 
ATOM   92   C  CB  . LEU A 1 14  ? 9.666   -0.506  -3.053  1.00 15.77 ? 682  LEU A CB  1 
ATOM   93   C  CG  . LEU A 1 14  ? 8.475   -0.003  -2.228  1.00 16.59 ? 682  LEU A CG  1 
ATOM   94   C  CD1 . LEU A 1 14  ? 8.678   -0.312  -0.755  1.00 16.83 ? 682  LEU A CD1 1 
ATOM   95   C  CD2 . LEU A 1 14  ? 8.253   1.477   -2.497  1.00 16.96 ? 682  LEU A CD2 1 
HETATM 96   N  N   . MSE A 1 15  ? 8.194   -2.483  -4.799  1.00 15.67 ? 683  MSE A N   1 
HETATM 97   C  CA  A MSE A 1 15  ? 6.860   -2.850  -5.293  0.70 16.69 ? 683  MSE A CA  1 
HETATM 98   C  CA  B MSE A 1 15  ? 6.857   -2.854  -5.274  0.30 17.93 ? 683  MSE A CA  1 
HETATM 99   C  C   . MSE A 1 15  ? 6.720   -4.359  -5.396  1.00 17.36 ? 683  MSE A C   1 
HETATM 100  O  O   . MSE A 1 15  ? 5.596   -4.897  -5.431  1.00 16.90 ? 683  MSE A O   1 
HETATM 101  C  CB  A MSE A 1 15  ? 6.557   -2.108  -6.603  0.70 17.31 ? 683  MSE A CB  1 
HETATM 102  C  CB  B MSE A 1 15  ? 6.544   -2.140  -6.588  0.30 20.49 ? 683  MSE A CB  1 
HETATM 103  C  CG  A MSE A 1 15  ? 6.551   -0.577  -6.395  0.70 19.25 ? 683  MSE A CG  1 
HETATM 104  C  CG  B MSE A 1 15  ? 6.466   -0.619  -6.406  0.30 23.91 ? 683  MSE A CG  1 
HETATM 105  SE SE  A MSE A 1 15  ? 6.541   0.428   -8.093  0.70 24.07 ? 683  MSE A SE  1 
HETATM 106  SE SE  B MSE A 1 15  ? 5.333   -0.128  -4.864  0.30 31.57 ? 683  MSE A SE  1 
HETATM 107  C  CE  A MSE A 1 15  ? 6.225   2.259   -7.420  0.70 21.76 ? 683  MSE A CE  1 
HETATM 108  C  CE  B MSE A 1 15  ? 5.337   1.832   -5.067  0.30 29.94 ? 683  MSE A CE  1 
ATOM   109  N  N   . SER A 1 16  ? 7.838   -5.080  -5.441  1.00 15.56 ? 684  SER A N   1 
ATOM   110  C  CA  . SER A 1 16  ? 7.802   -6.570  -5.336  1.00 16.48 ? 684  SER A CA  1 
ATOM   111  C  C   . SER A 1 16  ? 7.474   -7.126  -3.962  1.00 16.56 ? 684  SER A C   1 
ATOM   112  O  O   . SER A 1 16  ? 7.106   -8.316  -3.859  1.00 17.27 ? 684  SER A O   1 
ATOM   113  C  CB  . SER A 1 16  ? 9.123   -7.194  -5.803  1.00 18.63 ? 684  SER A CB  1 
ATOM   114  O  OG  . SER A 1 16  ? 10.130  -7.065  -4.821  1.00 20.24 ? 684  SER A OG  1 
ATOM   115  N  N   . LYS A 1 17  ? 7.665   -6.320  -2.905  1.00 15.61 ? 685  LYS A N   1 
ATOM   116  C  CA  . LYS A 1 17  ? 7.504   -6.763  -1.527  1.00 15.82 ? 685  LYS A CA  1 
ATOM   117  C  C   . LYS A 1 17  ? 6.214   -6.292  -0.848  1.00 15.35 ? 685  LYS A C   1 
ATOM   118  O  O   . LYS A 1 17  ? 5.782   -6.915  0.132   1.00 17.13 ? 685  LYS A O   1 
ATOM   119  C  CB  . LYS A 1 17  ? 8.693   -6.304  -0.683  1.00 16.13 ? 685  LYS A CB  1 
ATOM   120  C  CG  . LYS A 1 17  ? 9.993   -6.986  -1.097  1.00 18.55 ? 685  LYS A CG  1 
ATOM   121  C  CD  . LYS A 1 17  ? 11.148  -6.461  -0.290  1.00 19.53 ? 685  LYS A CD  1 
ATOM   122  C  CE  . LYS A 1 17  ? 12.403  -7.316  -0.493  1.00 21.39 ? 685  LYS A CE  1 
ATOM   123  N  NZ  . LYS A 1 17  ? 13.510  -6.778  0.352   1.00 23.55 ? 685  LYS A NZ  1 
ATOM   124  N  N   . VAL A 1 18  ? 5.587   -5.246  -1.372  1.00 15.25 ? 686  VAL A N   1 
ATOM   125  C  CA  . VAL A 1 18  ? 4.388   -4.698  -0.705  1.00 14.34 ? 686  VAL A CA  1 
ATOM   126  C  C   . VAL A 1 18  ? 3.185   -5.652  -0.886  1.00 15.08 ? 686  VAL A C   1 
ATOM   127  O  O   . VAL A 1 18  ? 3.156   -6.465  -1.836  1.00 14.51 ? 686  VAL A O   1 
ATOM   128  C  CB  . VAL A 1 18  ? 4.034   -3.294  -1.223  1.00 14.51 ? 686  VAL A CB  1 
ATOM   129  C  CG1 . VAL A 1 18  ? 5.138   -2.318  -0.936  1.00 14.72 ? 686  VAL A CG1 1 
ATOM   130  C  CG2 . VAL A 1 18  ? 3.739   -3.322  -2.714  1.00 14.79 ? 686  VAL A CG2 1 
ATOM   131  N  N   . PRO A 1 19  ? 2.175   -5.539  -0.017  1.00 14.06 ? 687  PRO A N   1 
ATOM   132  C  CA  . PRO A 1 19  ? 0.919   -6.254  -0.224  1.00 14.62 ? 687  PRO A CA  1 
ATOM   133  C  C   . PRO A 1 19  ? 0.276   -5.852  -1.538  1.00 15.15 ? 687  PRO A C   1 
ATOM   134  O  O   . PRO A 1 19  ? 0.280   -4.667  -1.900  1.00 14.86 ? 687  PRO A O   1 
ATOM   135  C  CB  . PRO A 1 19  ? 0.062   -5.874  0.992   1.00 15.07 ? 687  PRO A CB  1 
ATOM   136  C  CG  . PRO A 1 19  ? 1.081   -5.437  2.030   1.00 15.58 ? 687  PRO A CG  1 
ATOM   137  C  CD  . PRO A 1 19  ? 2.180   -4.796  1.253   1.00 15.06 ? 687  PRO A CD  1 
ATOM   138  N  N   . VAL A 1 20  ? -0.214  -6.869  -2.262  1.00 15.81 ? 688  VAL A N   1 
ATOM   139  C  CA  A VAL A 1 20  ? -0.837  -6.696  -3.579  0.50 16.02 ? 688  VAL A CA  1 
ATOM   140  C  CA  B VAL A 1 20  ? -0.879  -6.654  -3.553  0.50 16.24 ? 688  VAL A CA  1 
ATOM   141  C  C   . VAL A 1 20  ? -2.114  -7.539  -3.640  1.00 16.67 ? 688  VAL A C   1 
ATOM   142  O  O   . VAL A 1 20  ? -2.128  -8.695  -3.168  1.00 16.80 ? 688  VAL A O   1 
ATOM   143  C  CB  A VAL A 1 20  ? 0.146   -7.072  -4.723  0.50 16.94 ? 688  VAL A CB  1 
ATOM   144  C  CB  B VAL A 1 20  ? 0.035   -6.892  -4.788  0.50 17.37 ? 688  VAL A CB  1 
ATOM   145  C  CG1 A VAL A 1 20  ? 0.739   -8.449  -4.504  0.50 16.38 ? 688  VAL A CG1 1 
ATOM   146  C  CG1 B VAL A 1 20  ? -0.554  -6.257  -6.035  0.50 17.01 ? 688  VAL A CG1 1 
ATOM   147  C  CG2 A VAL A 1 20  ? -0.511  -7.004  -6.093  0.50 16.57 ? 688  VAL A CG2 1 
ATOM   148  C  CG2 B VAL A 1 20  ? 1.425   -6.325  -4.581  0.50 17.43 ? 688  VAL A CG2 1 
ATOM   149  N  N   . ILE A 1 21  ? -3.172  -6.958  -4.203  1.00 15.81 ? 689  ILE A N   1 
ATOM   150  C  CA  . ILE A 1 21  ? -4.299  -7.709  -4.733  1.00 16.58 ? 689  ILE A CA  1 
ATOM   151  C  C   . ILE A 1 21  ? -4.285  -7.560  -6.248  1.00 17.56 ? 689  ILE A C   1 
ATOM   152  O  O   . ILE A 1 21  ? -4.485  -6.469  -6.782  1.00 16.06 ? 689  ILE A O   1 
ATOM   153  C  CB  . ILE A 1 21  ? -5.634  -7.198  -4.146  1.00 16.21 ? 689  ILE A CB  1 
ATOM   154  C  CG1 . ILE A 1 21  ? -5.586  -7.115  -2.614  1.00 17.96 ? 689  ILE A CG1 1 
ATOM   155  C  CG2 . ILE A 1 21  ? -6.782  -8.090  -4.650  1.00 16.77 ? 689  ILE A CG2 1 
ATOM   156  C  CD1 . ILE A 1 21  ? -6.799  -6.470  -2.011  1.00 18.03 ? 689  ILE A CD1 1 
ATOM   157  N  N   . GLU A 1 22  ? -3.999  -8.659  -6.952  1.00 20.74 ? 690  GLU A N   1 
ATOM   158  C  CA  . GLU A 1 22  ? -3.898  -8.596  -8.412  1.00 22.68 ? 690  GLU A CA  1 
ATOM   159  C  C   . GLU A 1 22  ? -5.285  -8.405  -9.024  1.00 21.94 ? 690  GLU A C   1 
ATOM   160  O  O   . GLU A 1 22  ? -6.288  -8.761  -8.404  1.00 21.96 ? 690  GLU A O   1 
ATOM   161  C  CB  . GLU A 1 22  ? -3.281  -9.866  -9.002  1.00 26.77 ? 690  GLU A CB  1 
ATOM   162  C  CG  . GLU A 1 22  ? -1.949  -10.261 -8.393  1.00 29.39 ? 690  GLU A CG  1 
ATOM   163  C  CD  . GLU A 1 22  ? -0.766  -9.446  -8.847  1.00 32.25 ? 690  GLU A CD  1 
ATOM   164  O  OE1 . GLU A 1 22  ? -0.903  -8.439  -9.597  1.00 33.17 ? 690  GLU A OE1 1 
ATOM   165  O  OE2 . GLU A 1 22  ? 0.347   -9.822  -8.412  1.00 38.04 ? 690  GLU A OE2 1 
ATOM   166  N  N   . ALA A 1 23  ? -5.323  -7.819  -10.222 1.00 22.41 ? 691  ALA A N   1 
ATOM   167  C  CA  . ALA A 1 23  ? -6.542  -7.816  -11.040 1.00 26.45 ? 691  ALA A CA  1 
ATOM   168  C  C   . ALA A 1 23  ? -6.976  -9.260  -11.237 1.00 29.38 ? 691  ALA A C   1 
ATOM   169  O  O   . ALA A 1 23  ? -6.124  -10.135 -11.401 1.00 26.60 ? 691  ALA A O   1 
ATOM   170  C  CB  . ALA A 1 23  ? -6.310  -7.140  -12.374 1.00 26.46 ? 691  ALA A CB  1 
ATOM   171  N  N   . SER A 1 24  ? -8.285  -9.496  -11.170 1.00 32.11 ? 692  SER A N   1 
ATOM   172  C  CA  . SER A 1 24  ? -8.872  -10.801 -11.505 1.00 38.38 ? 692  SER A CA  1 
ATOM   173  C  C   . SER A 1 24  ? -8.357  -11.274 -12.868 1.00 40.87 ? 692  SER A C   1 
ATOM   174  O  O   . SER A 1 24  ? -8.175  -10.476 -13.788 1.00 40.55 ? 692  SER A O   1 
ATOM   175  C  CB  . SER A 1 24  ? -10.407 -10.707 -11.490 1.00 40.57 ? 692  SER A CB  1 
ATOM   176  O  OG  . SER A 1 24  ? -11.041 -11.958 -11.741 1.00 42.59 ? 692  SER A OG  1 
ATOM   177  N  N   . LYS A 1 25  ? -8.100  -12.573 -12.978 1.00 45.42 ? 693  LYS A N   1 
ATOM   178  C  CA  . LYS A 1 25  ? -7.845  -13.202 -14.274 1.00 49.39 ? 693  LYS A CA  1 
ATOM   179  C  C   . LYS A 1 25  ? -9.053  -13.081 -15.213 1.00 49.85 ? 693  LYS A C   1 
ATOM   180  O  O   . LYS A 1 25  ? -8.892  -12.859 -16.411 1.00 51.12 ? 693  LYS A O   1 
ATOM   181  C  CB  . LYS A 1 25  ? -7.468  -14.674 -14.085 1.00 51.30 ? 693  LYS A CB  1 
ATOM   182  C  CG  . LYS A 1 25  ? -6.181  -14.904 -13.303 1.00 55.17 ? 693  LYS A CG  1 
ATOM   183  C  CD  . LYS A 1 25  ? -4.968  -14.344 -14.029 1.00 56.21 ? 693  LYS A CD  1 
ATOM   184  C  CE  . LYS A 1 25  ? -3.677  -14.928 -13.477 1.00 57.73 ? 693  LYS A CE  1 
ATOM   185  N  NZ  . LYS A 1 25  ? -2.494  -14.424 -14.227 1.00 58.26 ? 693  LYS A NZ  1 
ATOM   186  N  N   . GLU A 1 26  ? -10.254 -13.205 -14.657 1.00 53.03 ? 694  GLU A N   1 
ATOM   187  C  CA  . GLU A 1 26  ? -11.485 -13.167 -15.451 1.00 57.87 ? 694  GLU A CA  1 
ATOM   188  C  C   . GLU A 1 26  ? -11.939 -11.744 -15.816 1.00 57.74 ? 694  GLU A C   1 
ATOM   189  O  O   . GLU A 1 26  ? -12.832 -11.582 -16.639 1.00 58.68 ? 694  GLU A O   1 
ATOM   190  C  CB  . GLU A 1 26  ? -12.605 -13.911 -14.718 1.00 61.32 ? 694  GLU A CB  1 
ATOM   191  C  CG  . GLU A 1 26  ? -12.254 -15.359 -14.393 1.00 67.14 ? 694  GLU A CG  1 
ATOM   192  C  CD  . GLU A 1 26  ? -13.443 -16.176 -13.915 1.00 71.64 ? 694  GLU A CD  1 
ATOM   193  O  OE1 . GLU A 1 26  ? -14.323 -15.610 -13.228 1.00 74.71 ? 694  GLU A OE1 1 
ATOM   194  O  OE2 . GLU A 1 26  ? -13.493 -17.392 -14.220 1.00 74.56 ? 694  GLU A OE2 1 
ATOM   195  N  N   . SER A 1 27  ? -11.329 -10.718 -15.221 1.00 57.20 ? 695  SER A N   1 
ATOM   196  C  CA  . SER A 1 27  ? -11.575 -9.326  -15.642 1.00 53.25 ? 695  SER A CA  1 
ATOM   197  C  C   . SER A 1 27  ? -10.988 -9.032  -17.030 1.00 54.51 ? 695  SER A C   1 
ATOM   198  O  O   . SER A 1 27  ? -10.030 -9.675  -17.453 1.00 54.08 ? 695  SER A O   1 
ATOM   199  C  CB  . SER A 1 27  ? -11.007 -8.337  -14.614 1.00 50.68 ? 695  SER A CB  1 
ATOM   200  O  OG  . SER A 1 27  ? -9.582  -8.322  -14.621 1.00 43.23 ? 695  SER A OG  1 
ATOM   201  N  N   . THR A 1 28  ? -11.567 -8.047  -17.719 1.00 57.89 ? 696  THR A N   1 
ATOM   202  C  CA  . THR A 1 28  ? -11.127 -7.664  -19.070 1.00 57.18 ? 696  THR A CA  1 
ATOM   203  C  C   . THR A 1 28  ? -9.976  -6.647  -19.049 1.00 57.89 ? 696  THR A C   1 
ATOM   204  O  O   . THR A 1 28  ? -9.713  -5.999  -18.027 1.00 53.13 ? 696  THR A O   1 
ATOM   205  C  CB  . THR A 1 28  ? -12.292 -7.090  -19.913 1.00 57.60 ? 696  THR A CB  1 
ATOM   206  O  OG1 . THR A 1 28  ? -12.679 -5.802  -19.414 1.00 57.24 ? 696  THR A OG1 1 
ATOM   207  C  CG2 . THR A 1 28  ? -13.503 -8.033  -19.894 1.00 57.37 ? 696  THR A CG2 1 
ATOM   208  N  N   . ARG A 1 29  ? -9.306  -6.514  -20.192 1.00 58.41 ? 697  ARG A N   1 
ATOM   209  C  CA  . ARG A 1 29  ? -8.215  -5.544  -20.366 1.00 61.29 ? 697  ARG A CA  1 
ATOM   210  C  C   . ARG A 1 29  ? -8.682  -4.092  -20.195 1.00 58.14 ? 697  ARG A C   1 
ATOM   211  O  O   . ARG A 1 29  ? -7.964  -3.285  -19.606 1.00 51.91 ? 697  ARG A O   1 
ATOM   212  C  CB  . ARG A 1 29  ? -7.542  -5.711  -21.741 1.00 67.75 ? 697  ARG A CB  1 
ATOM   213  C  CG  . ARG A 1 29  ? -6.214  -6.461  -21.704 1.00 73.09 ? 697  ARG A CG  1 
ATOM   214  C  CD  . ARG A 1 29  ? -5.695  -6.781  -23.104 1.00 76.18 ? 697  ARG A CD  1 
ATOM   215  N  NE  . ARG A 1 29  ? -4.925  -8.028  -23.147 1.00 80.39 ? 697  ARG A NE  1 
ATOM   216  C  CZ  . ARG A 1 29  ? -5.441  -9.257  -23.041 1.00 83.07 ? 697  ARG A CZ  1 
ATOM   217  N  NH1 . ARG A 1 29  ? -6.750  -9.441  -22.878 1.00 84.67 ? 697  ARG A NH1 1 
ATOM   218  N  NH2 . ARG A 1 29  ? -4.640  -10.316 -23.097 1.00 84.62 ? 697  ARG A NH2 1 
ATOM   219  N  N   . ASP A 1 30  ? -9.872  -3.771  -20.712 1.00 55.65 ? 698  ASP A N   1 
ATOM   220  C  CA  . ASP A 1 30  ? -10.452 -2.423  -20.602 1.00 53.68 ? 698  ASP A CA  1 
ATOM   221  C  C   . ASP A 1 30  ? -10.853 -2.039  -19.176 1.00 47.95 ? 698  ASP A C   1 
ATOM   222  O  O   . ASP A 1 30  ? -10.925 -0.856  -18.858 1.00 47.02 ? 698  ASP A O   1 
ATOM   223  C  CB  . ASP A 1 30  ? -11.697 -2.284  -21.497 1.00 59.06 ? 698  ASP A CB  1 
ATOM   224  C  CG  . ASP A 1 30  ? -11.366 -2.318  -22.985 1.00 61.17 ? 698  ASP A CG  1 
ATOM   225  O  OD1 . ASP A 1 30  ? -10.399 -1.649  -23.408 1.00 65.45 ? 698  ASP A OD1 1 
ATOM   226  O  OD2 . ASP A 1 30  ? -12.084 -3.012  -23.736 1.00 66.04 ? 698  ASP A OD2 1 
ATOM   227  N  N   . ASP A 1 31  ? -11.139 -3.028  -18.333 1.00 42.55 ? 699  ASP A N   1 
ATOM   228  C  CA  . ASP A 1 31  ? -11.442 -2.773  -16.924 1.00 40.58 ? 699  ASP A CA  1 
ATOM   229  C  C   . ASP A 1 31  ? -10.175 -2.643  -16.047 1.00 34.64 ? 699  ASP A C   1 
ATOM   230  O  O   . ASP A 1 31  ? -10.293 -2.373  -14.849 1.00 33.84 ? 699  ASP A O   1 
ATOM   231  C  CB  . ASP A 1 31  ? -12.359 -3.871  -16.370 1.00 41.89 ? 699  ASP A CB  1 
ATOM   232  C  CG  . ASP A 1 31  ? -13.710 -3.918  -17.078 1.00 45.30 ? 699  ASP A CG  1 
ATOM   233  O  OD1 . ASP A 1 31  ? -13.861 -3.237  -18.120 1.00 46.92 ? 699  ASP A OD1 1 
ATOM   234  O  OD2 . ASP A 1 31  ? -14.614 -4.641  -16.603 1.00 46.38 ? 699  ASP A OD2 1 
ATOM   235  N  N   . TRP A 1 32  ? -8.993  -2.846  -16.632 1.00 33.15 ? 700  TRP A N   1 
ATOM   236  C  CA  . TRP A 1 32  ? -7.732  -2.857  -15.866 1.00 31.05 ? 700  TRP A CA  1 
ATOM   237  C  C   . TRP A 1 32  ? -7.376  -1.442  -15.416 1.00 27.96 ? 700  TRP A C   1 
ATOM   238  O  O   . TRP A 1 32  ? -7.465  -0.489  -16.208 1.00 30.52 ? 700  TRP A O   1 
ATOM   239  C  CB  . TRP A 1 32  ? -6.584  -3.442  -16.693 1.00 32.73 ? 700  TRP A CB  1 
ATOM   240  C  CG  . TRP A 1 32  ? -5.373  -3.789  -15.859 1.00 32.51 ? 700  TRP A CG  1 
ATOM   241  C  CD1 . TRP A 1 32  ? -5.185  -4.921  -15.109 1.00 32.18 ? 700  TRP A CD1 1 
ATOM   242  C  CD2 . TRP A 1 32  ? -4.204  -2.996  -15.687 1.00 31.90 ? 700  TRP A CD2 1 
ATOM   243  N  NE1 . TRP A 1 32  ? -3.969  -4.882  -14.494 1.00 31.05 ? 700  TRP A NE1 1 
ATOM   244  C  CE2 . TRP A 1 32  ? -3.343  -3.707  -14.826 1.00 32.95 ? 700  TRP A CE2 1 
ATOM   245  C  CE3 . TRP A 1 32  ? -3.798  -1.744  -16.174 1.00 31.33 ? 700  TRP A CE3 1 
ATOM   246  C  CZ2 . TRP A 1 32  ? -2.093  -3.208  -14.431 1.00 32.70 ? 700  TRP A CZ2 1 
ATOM   247  C  CZ3 . TRP A 1 32  ? -2.556  -1.261  -15.802 1.00 32.67 ? 700  TRP A CZ3 1 
ATOM   248  C  CH2 . TRP A 1 32  ? -1.717  -1.998  -14.934 1.00 30.24 ? 700  TRP A CH2 1 
ATOM   249  N  N   . ALA A 1 33  ? -6.963  -1.302  -14.152 1.00 24.53 ? 701  ALA A N   1 
ATOM   250  C  CA  . ALA A 1 33  ? -6.340  -0.062  -13.674 1.00 22.29 ? 701  ALA A CA  1 
ATOM   251  C  C   . ALA A 1 33  ? -5.294  -0.419  -12.606 1.00 19.02 ? 701  ALA A C   1 
ATOM   252  O  O   . ALA A 1 33  ? -5.430  -1.414  -11.930 1.00 20.81 ? 701  ALA A O   1 
ATOM   253  C  CB  . ALA A 1 33  ? -7.387  0.865   -13.090 1.00 22.85 ? 701  ALA A CB  1 
ATOM   254  N  N   . ALA A 1 34  ? -4.311  0.445   -12.428 1.00 18.24 ? 702  ALA A N   1 
ATOM   255  C  CA  . ALA A 1 34  ? -3.225  0.194   -11.465 1.00 17.47 ? 702  ALA A CA  1 
ATOM   256  C  C   . ALA A 1 34  ? -3.361  1.245   -10.371 1.00 14.99 ? 702  ALA A C   1 
ATOM   257  O  O   . ALA A 1 34  ? -3.092  2.434   -10.604 1.00 15.60 ? 702  ALA A O   1 
ATOM   258  C  CB  . ALA A 1 34  ? -1.891  0.354   -12.144 1.00 17.76 ? 702  ALA A CB  1 
ATOM   259  N  N   . LEU A 1 35  ? -3.765  0.829   -9.188  1.00 14.39 ? 703  LEU A N   1 
ATOM   260  C  CA  . LEU A 1 35  ? -3.918  1.744   -8.076  1.00 14.43 ? 703  LEU A CA  1 
ATOM   261  C  C   . LEU A 1 35  ? -2.942  1.396   -6.937  1.00 13.19 ? 703  LEU A C   1 
ATOM   262  O  O   . LEU A 1 35  ? -2.959  0.287   -6.446  1.00 12.86 ? 703  LEU A O   1 
ATOM   263  C  CB  . LEU A 1 35  ? -5.334  1.650   -7.557  1.00 15.08 ? 703  LEU A CB  1 
ATOM   264  C  CG  . LEU A 1 35  ? -5.616  2.455   -6.295  1.00 14.94 ? 703  LEU A CG  1 
ATOM   265  C  CD1 . LEU A 1 35  ? -5.388  3.939   -6.551  1.00 15.81 ? 703  LEU A CD1 1 
ATOM   266  C  CD2 . LEU A 1 35  ? -7.034  2.172   -5.815  1.00 16.51 ? 703  LEU A CD2 1 
ATOM   267  N  N   . THR A 1 36  ? -2.115  2.369   -6.549  1.00 12.75 ? 704  THR A N   1 
ATOM   268  C  CA  . THR A 1 36  ? -1.229  2.235   -5.382  1.00 13.86 ? 704  THR A CA  1 
ATOM   269  C  C   . THR A 1 36  ? -1.749  3.177   -4.319  1.00 12.97 ? 704  THR A C   1 
ATOM   270  O  O   . THR A 1 36  ? -1.964  4.348   -4.618  1.00 12.57 ? 704  THR A O   1 
ATOM   271  C  CB  . THR A 1 36  ? 0.234   2.583   -5.728  1.00 13.43 ? 704  THR A CB  1 
ATOM   272  O  OG1 . THR A 1 36  ? 0.687   1.789   -6.843  1.00 15.44 ? 704  THR A OG1 1 
ATOM   273  C  CG2 . THR A 1 36  ? 1.139   2.354   -4.516  1.00 14.12 ? 704  THR A CG2 1 
ATOM   274  N  N   . VAL A 1 37  ? -1.965  2.678   -3.102  1.00 12.46 ? 705  VAL A N   1 
ATOM   275  C  CA  . VAL A 1 37  ? -2.292  3.567   -1.961  1.00 13.68 ? 705  VAL A CA  1 
ATOM   276  C  C   . VAL A 1 37  ? -1.050  3.634   -1.075  1.00 12.55 ? 705  VAL A C   1 
ATOM   277  O  O   . VAL A 1 37  ? -0.545  2.594   -0.660  1.00 13.00 ? 705  VAL A O   1 
ATOM   278  C  CB  . VAL A 1 37  ? -3.540  3.144   -1.195  1.00 14.72 ? 705  VAL A CB  1 
ATOM   279  C  CG1 . VAL A 1 37  ? -3.836  4.070   -0.055  1.00 15.07 ? 705  VAL A CG1 1 
ATOM   280  C  CG2 . VAL A 1 37  ? -4.709  3.119   -2.118  1.00 17.16 ? 705  VAL A CG2 1 
ATOM   281  N  N   . VAL A 1 38  ? -0.569  4.855   -0.853  1.00 12.99 ? 706  VAL A N   1 
ATOM   282  C  CA  . VAL A 1 38  ? 0.577   5.091   -0.010  1.00 13.04 ? 706  VAL A CA  1 
ATOM   283  C  C   . VAL A 1 38  ? 0.075   5.856   1.214   1.00 13.77 ? 706  VAL A C   1 
ATOM   284  O  O   . VAL A 1 38  ? -0.516  6.928   1.078   1.00 13.32 ? 706  VAL A O   1 
ATOM   285  C  CB  . VAL A 1 38  ? 1.673   5.907   -0.747  1.00 13.97 ? 706  VAL A CB  1 
ATOM   286  C  CG1 . VAL A 1 38  ? 2.860   6.117   0.194   1.00 14.34 ? 706  VAL A CG1 1 
ATOM   287  C  CG2 . VAL A 1 38  ? 2.059   5.246   -2.055  1.00 14.48 ? 706  VAL A CG2 1 
ATOM   288  N  N   . ALA A 1 39  ? 0.175   5.249   2.395   1.00 13.47 ? 707  ALA A N   1 
ATOM   289  C  CA  . ALA A 1 39  ? -0.449  5.866   3.551   1.00 13.68 ? 707  ALA A CA  1 
ATOM   290  C  C   . ALA A 1 39  ? 0.251   5.484   4.851   1.00 14.47 ? 707  ALA A C   1 
ATOM   291  O  O   . ALA A 1 39  ? 0.801   4.397   4.943   1.00 13.48 ? 707  ALA A O   1 
ATOM   292  C  CB  . ALA A 1 39  ? -1.891  5.474   3.612   1.00 14.53 ? 707  ALA A CB  1 
ATOM   293  N  N   . ASP A 1 40  ? 0.194   6.386   5.837   1.00 14.29 ? 708  ASP A N   1 
ATOM   294  C  CA  . ASP A 1 40  ? 0.764   6.115   7.148   1.00 13.93 ? 708  ASP A CA  1 
ATOM   295  C  C   . ASP A 1 40  ? -0.188  5.238   7.974   1.00 14.66 ? 708  ASP A C   1 
ATOM   296  O  O   . ASP A 1 40  ? -1.196  5.718   8.509   1.00 13.57 ? 708  ASP A O   1 
ATOM   297  C  CB  . ASP A 1 40  ? 1.144   7.443   7.829   1.00 15.01 ? 708  ASP A CB  1 
ATOM   298  C  CG  . ASP A 1 40  ? 1.798   7.251   9.152   1.00 15.56 ? 708  ASP A CG  1 
ATOM   299  O  OD1 . ASP A 1 40  ? 1.773   6.099   9.645   1.00 16.65 ? 708  ASP A OD1 1 
ATOM   300  O  OD2 . ASP A 1 40  ? 2.331   8.268   9.695   1.00 17.76 ? 708  ASP A OD2 1 
ATOM   301  N  N   . LEU A 1 41  ? 0.076   3.929   8.003   1.00 14.13 ? 709  LEU A N   1 
ATOM   302  C  CA  . LEU A 1 41  ? -0.750  2.995   8.693   1.00 14.92 ? 709  LEU A CA  1 
ATOM   303  C  C   . LEU A 1 41  ? -0.548  2.976   10.226  1.00 14.76 ? 709  LEU A C   1 
ATOM   304  O  O   . LEU A 1 41  ? -1.141  2.126   10.898  1.00 15.31 ? 709  LEU A O   1 
ATOM   305  C  CB  . LEU A 1 41  ? -0.628  1.586   8.053   1.00 16.23 ? 709  LEU A CB  1 
ATOM   306  C  CG  . LEU A 1 41  ? -0.912  1.645   6.546   1.00 16.21 ? 709  LEU A CG  1 
ATOM   307  C  CD1 . LEU A 1 41  ? -0.931  0.228   5.974   1.00 16.56 ? 709  LEU A CD1 1 
ATOM   308  C  CD2 . LEU A 1 41  ? -2.230  2.376   6.252   1.00 18.57 ? 709  LEU A CD2 1 
ATOM   309  N  N   . ASP A 1 42  ? 0.265   3.901   10.745  1.00 14.62 ? 710  ASP A N   1 
ATOM   310  C  CA  . ASP A 1 42  ? 0.374   4.089   12.202  1.00 16.24 ? 710  ASP A CA  1 
ATOM   311  C  C   . ASP A 1 42  ? -0.853  4.846   12.699  1.00 19.07 ? 710  ASP A C   1 
ATOM   312  O  O   . ASP A 1 42  ? -1.150  4.800   13.901  1.00 21.01 ? 710  ASP A O   1 
ATOM   313  C  CB  . ASP A 1 42  ? 1.629   4.861   12.609  1.00 16.64 ? 710  ASP A CB  1 
ATOM   314  C  CG  . ASP A 1 42  ? 2.915   4.089   12.392  1.00 15.29 ? 710  ASP A CG  1 
ATOM   315  O  OD1 . ASP A 1 42  ? 2.882   2.852   12.224  1.00 17.70 ? 710  ASP A OD1 1 
ATOM   316  O  OD2 . ASP A 1 42  ? 3.935   4.767   12.404  1.00 16.95 ? 710  ASP A OD2 1 
ATOM   317  N  N   . ASP A 1 43  ? -1.550  5.539   11.790  1.00 19.92 ? 711  ASP A N   1 
ATOM   318  C  CA  . ASP A 1 43  ? -2.640  6.469   12.203  1.00 22.58 ? 711  ASP A CA  1 
ATOM   319  C  C   . ASP A 1 43  ? -3.954  6.099   11.530  1.00 21.19 ? 711  ASP A C   1 
ATOM   320  O  O   . ASP A 1 43  ? -3.988  5.416   10.493  1.00 19.05 ? 711  ASP A O   1 
ATOM   321  C  CB  . ASP A 1 43  ? -2.286  7.944   11.927  1.00 27.64 ? 711  ASP A CB  1 
ATOM   322  C  CG  . ASP A 1 43  ? -1.045  8.421   12.704  1.00 32.88 ? 711  ASP A CG  1 
ATOM   323  O  OD1 . ASP A 1 43  ? -0.752  7.917   13.826  1.00 35.12 ? 711  ASP A OD1 1 
ATOM   324  O  OD2 . ASP A 1 43  ? -0.346  9.322   12.183  1.00 37.24 ? 711  ASP A OD2 1 
ATOM   325  N  N   . ILE A 1 44  ? -5.061  6.473   12.170  1.00 20.31 ? 712  ILE A N   1 
ATOM   326  C  CA  . ILE A 1 44  ? -6.385  6.090   11.636  1.00 20.06 ? 712  ILE A CA  1 
ATOM   327  C  C   . ILE A 1 44  ? -6.661  6.675   10.240  1.00 18.45 ? 712  ILE A C   1 
ATOM   328  O  O   . ILE A 1 44  ? -7.336  6.031   9.413   1.00 18.49 ? 712  ILE A O   1 
ATOM   329  C  CB  . ILE A 1 44  ? -7.511  6.514   12.629  1.00 21.96 ? 712  ILE A CB  1 
ATOM   330  C  CG1 . ILE A 1 44  ? -8.868  5.916   12.241  1.00 23.66 ? 712  ILE A CG1 1 
ATOM   331  C  CG2 . ILE A 1 44  ? -7.572  8.033   12.754  1.00 22.53 ? 712  ILE A CG2 1 
ATOM   332  C  CD1 . ILE A 1 44  ? -9.915  6.046   13.344  1.00 26.95 ? 712  ILE A CD1 1 
ATOM   333  N  N   . GLU A 1 45  ? -6.179  7.866   9.930   1.00 19.53 ? 713  GLU A N   1 
ATOM   334  C  CA  . GLU A 1 45  ? -6.512  8.451   8.614   1.00 20.88 ? 713  GLU A CA  1 
ATOM   335  C  C   . GLU A 1 45  ? -5.898  7.655   7.490   1.00 17.47 ? 713  GLU A C   1 
ATOM   336  O  O   . GLU A 1 45  ? -6.544  7.430   6.470   1.00 16.71 ? 713  GLU A O   1 
ATOM   337  C  CB  . GLU A 1 45  ? -6.083  9.904   8.471   1.00 25.44 ? 713  GLU A CB  1 
ATOM   338  C  CG  . GLU A 1 45  ? -6.834  10.869  9.372   1.00 31.91 ? 713  GLU A CG  1 
ATOM   339  C  CD  . GLU A 1 45  ? -5.911  11.429  10.415  1.00 39.13 ? 713  GLU A CD  1 
ATOM   340  O  OE1 . GLU A 1 45  ? -5.213  10.611  11.091  1.00 42.81 ? 713  GLU A OE1 1 
ATOM   341  O  OE2 . GLU A 1 45  ? -5.854  12.678  10.511  1.00 44.76 ? 713  GLU A OE2 1 
ATOM   342  N  N   . GLY A 1 46  ? -4.636  7.234   7.676   1.00 16.66 ? 714  GLY A N   1 
ATOM   343  C  CA  . GLY A 1 46  ? -3.980  6.392   6.681   1.00 16.82 ? 714  GLY A CA  1 
ATOM   344  C  C   . GLY A 1 46  ? -4.672  5.030   6.539   1.00 15.59 ? 714  GLY A C   1 
ATOM   345  O  O   . GLY A 1 46  ? -4.946  4.524   5.419   1.00 15.29 ? 714  GLY A O   1 
ATOM   346  N  N   . GLN A 1 47  ? -5.007  4.454   7.669   1.00 15.22 ? 715  GLN A N   1 
ATOM   347  C  CA  . GLN A 1 47  ? -5.768  3.178   7.677   1.00 14.98 ? 715  GLN A CA  1 
ATOM   348  C  C   . GLN A 1 47  ? -7.098  3.310   6.952   1.00 15.00 ? 715  GLN A C   1 
ATOM   349  O  O   . GLN A 1 47  ? -7.476  2.434   6.170   1.00 14.52 ? 715  GLN A O   1 
ATOM   350  C  CB  . GLN A 1 47  ? -5.966  2.656   9.101   1.00 17.44 ? 715  GLN A CB  1 
ATOM   351  C  CG  . GLN A 1 47  ? -4.679  2.313   9.838   1.00 18.99 ? 715  GLN A CG  1 
ATOM   352  C  CD  . GLN A 1 47  ? -4.879  2.298   11.348  1.00 23.62 ? 715  GLN A CD  1 
ATOM   353  O  OE1 . GLN A 1 47  ? -6.006  2.406   11.835  1.00 25.20 ? 715  GLN A OE1 1 
ATOM   354  N  NE2 . GLN A 1 47  ? -3.796  2.170   12.092  1.00 25.01 ? 715  GLN A NE2 1 
ATOM   355  N  N   . GLU A 1 48  ? -7.805  4.418   7.207   1.00 14.98 ? 716  GLU A N   1 
ATOM   356  C  CA  . GLU A 1 48  ? -9.074  4.683   6.564   1.00 15.79 ? 716  GLU A CA  1 
ATOM   357  C  C   . GLU A 1 48  ? -8.936  4.717   5.044   1.00 14.17 ? 716  GLU A C   1 
ATOM   358  O  O   . GLU A 1 48  ? -9.784  4.153   4.335   1.00 13.85 ? 716  GLU A O   1 
ATOM   359  C  CB  . GLU A 1 48  ? -9.648  5.992   7.099   1.00 16.19 ? 716  GLU A CB  1 
ATOM   360  C  CG  . GLU A 1 48  ? -10.981 6.389   6.491   1.00 19.53 ? 716  GLU A CG  1 
ATOM   361  C  CD  . GLU A 1 48  ? -11.438 7.805   6.844   1.00 21.35 ? 716  GLU A CD  1 
ATOM   362  O  OE1 . GLU A 1 48  ? -10.614 8.661   7.249   1.00 23.09 ? 716  GLU A OE1 1 
ATOM   363  O  OE2 . GLU A 1 48  ? -12.656 8.085   6.689   1.00 26.80 ? 716  GLU A OE2 1 
ATOM   364  N  N   . LEU A 1 49  ? -7.896  5.364   4.528   1.00 13.04 ? 717  LEU A N   1 
ATOM   365  C  CA  A LEU A 1 49  ? -7.699  5.421   3.083   0.50 13.12 ? 717  LEU A CA  1 
ATOM   366  C  CA  B LEU A 1 49  ? -7.673  5.436   3.088   0.50 13.68 ? 717  LEU A CA  1 
ATOM   367  C  C   . LEU A 1 49  ? -7.483  4.026   2.501   1.00 12.93 ? 717  LEU A C   1 
ATOM   368  O  O   . LEU A 1 49  ? -8.095  3.676   1.473   1.00 13.26 ? 717  LEU A O   1 
ATOM   369  C  CB  A LEU A 1 49  ? -6.530  6.323   2.705   0.50 13.31 ? 717  LEU A CB  1 
ATOM   370  C  CB  B LEU A 1 49  ? -6.461  6.329   2.785   0.50 14.76 ? 717  LEU A CB  1 
ATOM   371  C  CG  A LEU A 1 49  ? -6.808  7.801   2.926   0.50 12.68 ? 717  LEU A CG  1 
ATOM   372  C  CG  B LEU A 1 49  ? -6.102  6.665   1.335   0.50 14.92 ? 717  LEU A CG  1 
ATOM   373  C  CD1 A LEU A 1 49  ? -5.545  8.630   2.700   0.50 12.75 ? 717  LEU A CD1 1 
ATOM   374  C  CD1 B LEU A 1 49  ? -7.197  7.481   0.664   0.50 15.73 ? 717  LEU A CD1 1 
ATOM   375  C  CD2 A LEU A 1 49  ? -7.927  8.283   2.011   0.50 12.75 ? 717  LEU A CD2 1 
ATOM   376  C  CD2 B LEU A 1 49  ? -4.797  7.445   1.292   0.50 15.37 ? 717  LEU A CD2 1 
ATOM   377  N  N   . VAL A 1 50  ? -6.631  3.225   3.144   1.00 13.42 ? 718  VAL A N   1 
ATOM   378  C  CA  . VAL A 1 50  ? -6.425  1.836   2.681   1.00 14.73 ? 718  VAL A CA  1 
ATOM   379  C  C   . VAL A 1 50  ? -7.765  1.048   2.722   1.00 15.30 ? 718  VAL A C   1 
ATOM   380  O  O   . VAL A 1 50  ? -8.112  0.278   1.772   1.00 14.46 ? 718  VAL A O   1 
ATOM   381  C  CB  . VAL A 1 50  ? -5.295  1.122   3.469   1.00 14.03 ? 718  VAL A CB  1 
ATOM   382  C  CG1 . VAL A 1 50  ? -5.324  -0.382  3.158   1.00 15.08 ? 718  VAL A CG1 1 
ATOM   383  C  CG2 . VAL A 1 50  ? -3.959  1.726   3.137   1.00 14.88 ? 718  VAL A CG2 1 
ATOM   384  N  N   . TYR A 1 51  ? -8.541  1.256   3.781   1.00 16.61 ? 719  TYR A N   1 
ATOM   385  C  CA  . TYR A 1 51  ? -9.834  0.560   3.909   1.00 17.51 ? 719  TYR A CA  1 
ATOM   386  C  C   . TYR A 1 51  ? -10.755 0.891   2.719   1.00 16.30 ? 719  TYR A C   1 
ATOM   387  O  O   . TYR A 1 51  ? -11.366 -0.008  2.097   1.00 15.45 ? 719  TYR A O   1 
ATOM   388  C  CB  . TYR A 1 51  ? -10.503 0.887   5.234   1.00 18.52 ? 719  TYR A CB  1 
ATOM   389  C  CG  . TYR A 1 51  ? -11.750 0.075   5.470   1.00 23.04 ? 719  TYR A CG  1 
ATOM   390  C  CD1 . TYR A 1 51  ? -11.674 -1.298  5.630   1.00 25.36 ? 719  TYR A CD1 1 
ATOM   391  C  CD2 . TYR A 1 51  ? -12.998 0.685   5.537   1.00 25.66 ? 719  TYR A CD2 1 
ATOM   392  C  CE1 . TYR A 1 51  ? -12.823 -2.059  5.854   1.00 29.51 ? 719  TYR A CE1 1 
ATOM   393  C  CE2 . TYR A 1 51  ? -14.158 -0.070  5.739   1.00 28.54 ? 719  TYR A CE2 1 
ATOM   394  C  CZ  . TYR A 1 51  ? -14.050 -1.441  5.902   1.00 30.31 ? 719  TYR A CZ  1 
ATOM   395  O  OH  . TYR A 1 51  ? -15.172 -2.205  6.127   1.00 35.60 ? 719  TYR A OH  1 
ATOM   396  N  N   . TYR A 1 52  ? -10.822 2.178   2.372   1.00 15.96 ? 720  TYR A N   1 
ATOM   397  C  CA  . TYR A 1 52  ? -11.625 2.601   1.208   1.00 16.70 ? 720  TYR A CA  1 
ATOM   398  C  C   . TYR A 1 52  ? -11.130 1.951   -0.087  1.00 16.36 ? 720  TYR A C   1 
ATOM   399  O  O   . TYR A 1 52  ? -11.932 1.479   -0.903  1.00 17.65 ? 720  TYR A O   1 
ATOM   400  C  CB  . TYR A 1 52  ? -11.636 4.132   1.058   1.00 17.74 ? 720  TYR A CB  1 
ATOM   401  C  CG  . TYR A 1 52  ? -12.386 4.856   2.128   1.00 19.63 ? 720  TYR A CG  1 
ATOM   402  C  CD1 . TYR A 1 52  ? -13.568 4.334   2.654   1.00 22.24 ? 720  TYR A CD1 1 
ATOM   403  C  CD2 . TYR A 1 52  ? -11.919 6.062   2.628   1.00 21.49 ? 720  TYR A CD2 1 
ATOM   404  C  CE1 . TYR A 1 52  ? -14.237 4.992   3.668   1.00 22.19 ? 720  TYR A CE1 1 
ATOM   405  C  CE2 . TYR A 1 52  ? -12.602 6.740   3.605   1.00 21.26 ? 720  TYR A CE2 1 
ATOM   406  C  CZ  . TYR A 1 52  ? -13.744 6.208   4.133   1.00 23.27 ? 720  TYR A CZ  1 
ATOM   407  O  OH  . TYR A 1 52  ? -14.413 6.886   5.130   1.00 25.62 ? 720  TYR A OH  1 
ATOM   408  N  N   . ALA A 1 53  ? -9.813  1.935   -0.283  1.00 14.58 ? 721  ALA A N   1 
ATOM   409  C  CA  . ALA A 1 53  ? -9.206  1.248   -1.417  1.00 14.94 ? 721  ALA A CA  1 
ATOM   410  C  C   . ALA A 1 53  ? -9.475  -0.238  -1.463  1.00 14.59 ? 721  ALA A C   1 
ATOM   411  O  O   . ALA A 1 53  ? -9.695  -0.781  -2.564  1.00 16.54 ? 721  ALA A O   1 
ATOM   412  C  CB  . ALA A 1 53  ? -7.713  1.479   -1.440  1.00 14.81 ? 721  ALA A CB  1 
ATOM   413  N  N   . LEU A 1 54  ? -9.468  -0.900  -0.307  1.00 15.25 ? 722  LEU A N   1 
ATOM   414  C  CA  . LEU A 1 54  ? -9.838  -2.329  -0.244  1.00 17.07 ? 722  LEU A CA  1 
ATOM   415  C  C   . LEU A 1 54  ? -11.289 -2.540  -0.690  1.00 19.05 ? 722  LEU A C   1 
ATOM   416  O  O   . LEU A 1 54  ? -11.580 -3.441  -1.486  1.00 19.47 ? 722  LEU A O   1 
ATOM   417  C  CB  . LEU A 1 54  ? -9.616  -2.923  1.165   1.00 18.43 ? 722  LEU A CB  1 
ATOM   418  C  CG  . LEU A 1 54  ? -8.147  -3.103  1.595   1.00 20.28 ? 722  LEU A CG  1 
ATOM   419  C  CD1 . LEU A 1 54  ? -8.027  -3.424  3.074   1.00 22.08 ? 722  LEU A CD1 1 
ATOM   420  C  CD2 . LEU A 1 54  ? -7.455  -4.175  0.782   1.00 22.06 ? 722  LEU A CD2 1 
ATOM   421  N  N   . ARG A 1 55  ? -12.172 -1.678  -0.216  1.00 19.55 ? 723  ARG A N   1 
ATOM   422  C  CA  . ARG A 1 55  ? -13.602 -1.732  -0.597  1.00 21.53 ? 723  ARG A CA  1 
ATOM   423  C  C   . ARG A 1 55  ? -13.795 -1.474  -2.104  1.00 21.48 ? 723  ARG A C   1 
ATOM   424  O  O   . ARG A 1 55  ? -14.604 -2.142  -2.785  1.00 22.08 ? 723  ARG A O   1 
ATOM   425  C  CB  . ARG A 1 55  ? -14.413 -0.732  0.243   1.00 25.48 ? 723  ARG A CB  1 
ATOM   426  C  CG  . ARG A 1 55  ? -14.558 -1.099  1.721   1.00 29.67 ? 723  ARG A CG  1 
ATOM   427  C  CD  . ARG A 1 55  ? -15.875 -0.579  2.340   1.00 36.38 ? 723  ARG A CD  1 
ATOM   428  N  NE  . ARG A 1 55  ? -16.336 0.704   1.774   1.00 39.80 ? 723  ARG A NE  1 
ATOM   429  C  CZ  . ARG A 1 55  ? -16.714 1.787   2.470   1.00 44.17 ? 723  ARG A CZ  1 
ATOM   430  N  NH1 . ARG A 1 55  ? -16.735 1.805   3.804   1.00 45.12 ? 723  ARG A NH1 1 
ATOM   431  N  NH2 . ARG A 1 55  ? -17.091 2.878   1.812   1.00 42.06 ? 723  ARG A NH2 1 
ATOM   432  N  N   . PHE A 1 56  ? -13.024 -0.536  -2.636  1.00 20.43 ? 724  PHE A N   1 
ATOM   433  C  CA  . PHE A 1 56  ? -13.050 -0.231  -4.068  1.00 19.90 ? 724  PHE A CA  1 
ATOM   434  C  C   . PHE A 1 56  ? -12.608 -1.450  -4.858  1.00 19.45 ? 724  PHE A C   1 
ATOM   435  O  O   . PHE A 1 56  ? -13.288 -1.864  -5.803  1.00 18.47 ? 724  PHE A O   1 
ATOM   436  C  CB  . PHE A 1 56  ? -12.194 1.010   -4.364  1.00 19.43 ? 724  PHE A CB  1 
ATOM   437  C  CG  . PHE A 1 56  ? -11.965 1.264   -5.805  1.00 20.49 ? 724  PHE A CG  1 
ATOM   438  C  CD1 . PHE A 1 56  ? -13.029 1.573   -6.665  1.00 20.95 ? 724  PHE A CD1 1 
ATOM   439  C  CD2 . PHE A 1 56  ? -10.708 1.159   -6.326  1.00 19.30 ? 724  PHE A CD2 1 
ATOM   440  C  CE1 . PHE A 1 56  ? -12.788 1.786   -8.001  1.00 21.82 ? 724  PHE A CE1 1 
ATOM   441  C  CE2 . PHE A 1 56  ? -10.454 1.404   -7.646  1.00 21.88 ? 724  PHE A CE2 1 
ATOM   442  C  CZ  . PHE A 1 56  ? -11.495 1.735   -8.493  1.00 20.93 ? 724  PHE A CZ  1 
ATOM   443  N  N   . ARG A 1 57  ? -11.481 -2.058  -4.463  1.00 17.70 ? 725  ARG A N   1 
ATOM   444  C  CA  . ARG A 1 57  ? -10.995 -3.235  -5.173  1.00 17.75 ? 725  ARG A CA  1 
ATOM   445  C  C   . ARG A 1 57  ? -12.029 -4.381  -5.073  1.00 18.21 ? 725  ARG A C   1 
ATOM   446  O  O   . ARG A 1 57  ? -12.242 -5.121  -6.034  1.00 18.43 ? 725  ARG A O   1 
ATOM   447  C  CB  . ARG A 1 57  ? -9.620  -3.671  -4.642  1.00 19.21 ? 725  ARG A CB  1 
ATOM   448  C  CG  . ARG A 1 57  ? -9.185  -5.038  -5.114  1.00 19.01 ? 725  ARG A CG  1 
ATOM   449  C  CD  . ARG A 1 57  ? -9.128  -5.059  -6.622  1.00 19.59 ? 725  ARG A CD  1 
ATOM   450  N  NE  . ARG A 1 57  ? -8.706  -6.338  -7.156  1.00 20.59 ? 725  ARG A NE  1 
ATOM   451  C  CZ  . ARG A 1 57  ? -9.431  -7.446  -7.196  1.00 20.78 ? 725  ARG A CZ  1 
ATOM   452  N  NH1 . ARG A 1 57  ? -10.671 -7.495  -6.720  1.00 20.92 ? 725  ARG A NH1 1 
ATOM   453  N  NH2 . ARG A 1 57  ? -8.893  -8.528  -7.755  1.00 22.06 ? 725  ARG A NH2 1 
ATOM   454  N  N   . LYS A 1 58  ? -12.679 -4.527  -3.925  1.00 19.57 ? 726  LYS A N   1 
ATOM   455  C  CA  . LYS A 1 58  ? -13.608 -5.647  -3.749  1.00 22.48 ? 726  LYS A CA  1 
ATOM   456  C  C   . LYS A 1 58  ? -14.698 -5.595  -4.819  1.00 23.12 ? 726  LYS A C   1 
ATOM   457  O  O   . LYS A 1 58  ? -15.114 -6.644  -5.332  1.00 22.57 ? 726  LYS A O   1 
ATOM   458  C  CB  . LYS A 1 58  ? -14.236 -5.626  -2.364  1.00 25.38 ? 726  LYS A CB  1 
ATOM   459  C  CG  . LYS A 1 58  ? -14.868 -6.944  -1.978  1.00 30.06 ? 726  LYS A CG  1 
ATOM   460  C  CD  . LYS A 1 58  ? -15.090 -7.058  -0.474  1.00 32.78 ? 726  LYS A CD  1 
ATOM   461  C  CE  . LYS A 1 58  ? -15.736 -8.382  -0.093  1.00 36.02 ? 726  LYS A CE  1 
ATOM   462  N  NZ  . LYS A 1 58  ? -15.459 -9.497  -1.050  1.00 37.73 ? 726  LYS A NZ  1 
ATOM   463  N  N   . SER A 1 59  ? -15.103 -4.374  -5.166  1.00 23.10 ? 727  SER A N   1 
ATOM   464  C  CA  . SER A 1 59  ? -16.203 -4.117  -6.079  1.00 24.95 ? 727  SER A CA  1 
ATOM   465  C  C   . SER A 1 59  ? -15.760 -3.884  -7.538  1.00 23.96 ? 727  SER A C   1 
ATOM   466  O  O   . SER A 1 59  ? -16.601 -3.706  -8.423  1.00 22.72 ? 727  SER A O   1 
ATOM   467  C  CB  . SER A 1 59  ? -16.976 -2.891  -5.562  1.00 26.69 ? 727  SER A CB  1 
ATOM   468  O  OG  . SER A 1 59  ? -17.718 -3.243  -4.412  1.00 31.97 ? 727  SER A OG  1 
ATOM   469  N  N   . ASN A 1 60  ? -14.446 -3.847  -7.780  1.00 20.82 ? 728  ASN A N   1 
ATOM   470  C  CA  . ASN A 1 60  ? -13.885 -3.483  -9.075  1.00 22.48 ? 728  ASN A CA  1 
ATOM   471  C  C   . ASN A 1 60  ? -12.683 -4.353  -9.391  1.00 22.79 ? 728  ASN A C   1 
ATOM   472  O  O   . ASN A 1 60  ? -11.535 -3.955  -9.164  1.00 21.83 ? 728  ASN A O   1 
ATOM   473  C  CB  . ASN A 1 60  ? -13.466 -2.017  -9.076  1.00 22.59 ? 728  ASN A CB  1 
ATOM   474  C  CG  . ASN A 1 60  ? -14.643 -1.085  -8.979  1.00 23.79 ? 728  ASN A CG  1 
ATOM   475  O  OD1 . ASN A 1 60  ? -15.174 -0.616  -10.011 1.00 23.68 ? 728  ASN A OD1 1 
ATOM   476  N  ND2 . ASN A 1 60  ? -15.084 -0.807  -7.738  1.00 23.85 ? 728  ASN A ND2 1 
ATOM   477  N  N   . ASP A 1 61  ? -12.934 -5.551  -9.912  1.00 23.14 ? 729  ASP A N   1 
ATOM   478  C  CA  . ASP A 1 61  ? -11.924 -6.583  -9.861  1.00 24.22 ? 729  ASP A CA  1 
ATOM   479  C  C   . ASP A 1 61  ? -10.920 -6.581  -11.020 1.00 22.92 ? 729  ASP A C   1 
ATOM   480  O  O   . ASP A 1 61  ? -10.005 -7.413  -11.054 1.00 25.77 ? 729  ASP A O   1 
ATOM   481  C  CB  . ASP A 1 61  ? -12.563 -7.956  -9.676  1.00 26.63 ? 729  ASP A CB  1 
ATOM   482  C  CG  . ASP A 1 61  ? -13.319 -8.438  -10.892 1.00 27.73 ? 729  ASP A CG  1 
ATOM   483  O  OD1 . ASP A 1 61  ? -13.381 -7.752  -11.936 1.00 28.87 ? 729  ASP A OD1 1 
ATOM   484  O  OD2 . ASP A 1 61  ? -13.847 -9.551  -10.780 1.00 29.04 ? 729  ASP A OD2 1 
ATOM   485  N  N   . GLY A 1 62  ? -11.066 -5.628  -11.940 1.00 22.52 ? 730  GLY A N   1 
ATOM   486  C  CA  . GLY A 1 62  ? -10.003 -5.275  -12.879 1.00 23.39 ? 730  GLY A CA  1 
ATOM   487  C  C   . GLY A 1 62  ? -8.842  -4.445  -12.339 1.00 22.61 ? 730  GLY A C   1 
ATOM   488  O  O   . GLY A 1 62  ? -7.846  -4.249  -13.023 1.00 24.55 ? 730  GLY A O   1 
ATOM   489  N  N   . VAL A 1 63  ? -8.962  -4.011  -11.093 1.00 20.93 ? 731  VAL A N   1 
ATOM   490  C  CA  . VAL A 1 63  ? -7.978  -3.137  -10.459 1.00 19.66 ? 731  VAL A CA  1 
ATOM   491  C  C   . VAL A 1 63  ? -6.899  -3.991  -9.811  1.00 17.43 ? 731  VAL A C   1 
ATOM   492  O  O   . VAL A 1 63  ? -7.187  -4.944  -9.090  1.00 18.67 ? 731  VAL A O   1 
ATOM   493  C  CB  . VAL A 1 63  ? -8.655  -2.232  -9.390  1.00 19.83 ? 731  VAL A CB  1 
ATOM   494  C  CG1 . VAL A 1 63  ? -7.609  -1.502  -8.538  1.00 20.52 ? 731  VAL A CG1 1 
ATOM   495  C  CG2 . VAL A 1 63  ? -9.620  -1.243  -10.059 1.00 21.43 ? 731  VAL A CG2 1 
ATOM   496  N  N   . ARG A 1 64  ? -5.644  -3.650  -10.075 1.00 17.09 ? 732  ARG A N   1 
ATOM   497  C  CA  . ARG A 1 64  ? -4.527  -4.140  -9.285  1.00 17.02 ? 732  ARG A CA  1 
ATOM   498  C  C   . ARG A 1 64  ? -4.240  -3.121  -8.196  1.00 15.34 ? 732  ARG A C   1 
ATOM   499  O  O   . ARG A 1 64  ? -3.953  -1.978  -8.502  1.00 15.23 ? 732  ARG A O   1 
ATOM   500  C  CB  . ARG A 1 64  ? -3.285  -4.297  -10.150 1.00 17.40 ? 732  ARG A CB  1 
ATOM   501  C  CG  . ARG A 1 64  ? -2.086  -4.882  -9.427  1.00 18.91 ? 732  ARG A CG  1 
ATOM   502  C  CD  . ARG A 1 64  ? -0.837  -4.825  -10.288 1.00 20.65 ? 732  ARG A CD  1 
ATOM   503  N  NE  . ARG A 1 64  ? 0.286   -5.493  -9.626  1.00 20.97 ? 732  ARG A NE  1 
ATOM   504  C  CZ  . ARG A 1 64  ? 1.145   -4.899  -8.784  1.00 20.37 ? 732  ARG A CZ  1 
ATOM   505  N  NH1 . ARG A 1 64  ? 1.016   -3.618  -8.458  1.00 20.60 ? 732  ARG A NH1 1 
ATOM   506  N  NH2 . ARG A 1 64  ? 2.153   -5.604  -8.255  1.00 21.11 ? 732  ARG A NH2 1 
ATOM   507  N  N   . LEU A 1 65  ? -4.385  -3.532  -6.934  1.00 14.78 ? 733  LEU A N   1 
ATOM   508  C  CA  . LEU A 1 65  ? -4.176  -2.624  -5.796  1.00 14.66 ? 733  LEU A CA  1 
ATOM   509  C  C   . LEU A 1 65  ? -2.915  -3.028  -5.081  1.00 14.99 ? 733  LEU A C   1 
ATOM   510  O  O   . LEU A 1 65  ? -2.780  -4.192  -4.687  1.00 16.35 ? 733  LEU A O   1 
ATOM   511  C  CB  . LEU A 1 65  ? -5.347  -2.705  -4.818  1.00 14.81 ? 733  LEU A CB  1 
ATOM   512  C  CG  . LEU A 1 65  ? -5.181  -1.969  -3.474  1.00 14.68 ? 733  LEU A CG  1 
ATOM   513  C  CD1 . LEU A 1 65  ? -5.000  -0.492  -3.748  1.00 14.74 ? 733  LEU A CD1 1 
ATOM   514  C  CD2 . LEU A 1 65  ? -6.348  -2.284  -2.535  1.00 14.99 ? 733  LEU A CD2 1 
ATOM   515  N  N   . ASP A 1 66  ? -2.019  -2.084  -4.824  1.00 13.79 ? 734  ASP A N   1 
ATOM   516  C  CA  . ASP A 1 66  ? -0.923  -2.355  -3.901  1.00 14.28 ? 734  ASP A CA  1 
ATOM   517  C  C   . ASP A 1 66  ? -0.837  -1.262  -2.847  1.00 12.74 ? 734  ASP A C   1 
ATOM   518  O  O   . ASP A 1 66  ? -1.378  -0.172  -3.008  1.00 12.75 ? 734  ASP A O   1 
ATOM   519  C  CB  . ASP A 1 66  ? 0.427   -2.575  -4.621  1.00 15.51 ? 734  ASP A CB  1 
ATOM   520  C  CG  . ASP A 1 66  ? 0.878   -1.381  -5.458  1.00 16.58 ? 734  ASP A CG  1 
ATOM   521  O  OD1 . ASP A 1 66  ? 0.066   -0.623  -6.012  1.00 16.35 ? 734  ASP A OD1 1 
ATOM   522  O  OD2 . ASP A 1 66  ? 2.120   -1.200  -5.580  1.00 21.80 ? 734  ASP A OD2 1 
ATOM   523  N  N   . ILE A 1 67  ? -0.252  -1.626  -1.708  1.00 12.97 ? 735  ILE A N   1 
ATOM   524  C  CA  . ILE A 1 67  ? -0.339  -0.815  -0.494  1.00 12.63 ? 735  ILE A CA  1 
ATOM   525  C  C   . ILE A 1 67  ? 1.046   -0.556  0.080   1.00 12.26 ? 735  ILE A C   1 
ATOM   526  O  O   . ILE A 1 67  ? 1.756   -1.507  0.384   1.00 13.51 ? 735  ILE A O   1 
ATOM   527  C  CB  . ILE A 1 67  ? -1.190  -1.516  0.570   1.00 13.66 ? 735  ILE A CB  1 
ATOM   528  C  CG1 . ILE A 1 67  ? -2.605  -1.720  0.049   1.00 14.02 ? 735  ILE A CG1 1 
ATOM   529  C  CG2 . ILE A 1 67  ? -1.189  -0.707  1.850   1.00 14.18 ? 735  ILE A CG2 1 
ATOM   530  C  CD1 . ILE A 1 67  ? -3.374  -2.817  0.746   1.00 15.11 ? 735  ILE A CD1 1 
ATOM   531  N  N   . VAL A 1 68  ? 1.410   0.720   0.172   1.00 13.07 ? 736  VAL A N   1 
ATOM   532  C  CA  . VAL A 1 68  ? 2.738   1.130   0.696   1.00 12.97 ? 736  VAL A CA  1 
ATOM   533  C  C   . VAL A 1 68  ? 2.544   1.852   2.035   1.00 12.70 ? 736  VAL A C   1 
ATOM   534  O  O   . VAL A 1 68  ? 2.043   2.980   2.061   1.00 12.38 ? 736  VAL A O   1 
ATOM   535  C  CB  . VAL A 1 68  ? 3.472   2.081   -0.254  1.00 13.25 ? 736  VAL A CB  1 
ATOM   536  C  CG1 . VAL A 1 68  ? 4.871   2.406   0.259   1.00 13.74 ? 736  VAL A CG1 1 
ATOM   537  C  CG2 . VAL A 1 68  ? 3.616   1.488   -1.655  1.00 12.38 ? 736  VAL A CG2 1 
ATOM   538  N  N   . HIS A 1 69  ? 2.950   1.209   3.118   1.00 12.70 ? 737  HIS A N   1 
ATOM   539  C  CA  . HIS A 1 69  ? 2.952   1.853   4.443   1.00 12.49 ? 737  HIS A CA  1 
ATOM   540  C  C   . HIS A 1 69  ? 4.042   2.907   4.516   1.00 13.46 ? 737  HIS A C   1 
ATOM   541  O  O   . HIS A 1 69  ? 5.208   2.632   4.198   1.00 13.33 ? 737  HIS A O   1 
ATOM   542  C  CB  . HIS A 1 69  ? 3.087   0.785   5.526   1.00 13.16 ? 737  HIS A CB  1 
ATOM   543  C  CG  . HIS A 1 69  ? 3.378   1.338   6.885   1.00 12.92 ? 737  HIS A CG  1 
ATOM   544  N  ND1 . HIS A 1 69  ? 2.609   2.328   7.451   1.00 13.80 ? 737  HIS A ND1 1 
ATOM   545  C  CD2 . HIS A 1 69  ? 4.315   1.012   7.817   1.00 13.32 ? 737  HIS A CD2 1 
ATOM   546  C  CE1 . HIS A 1 69  ? 3.076   2.620   8.656   1.00 14.37 ? 737  HIS A CE1 1 
ATOM   547  N  NE2 . HIS A 1 69  ? 4.109   1.825   8.910   1.00 13.03 ? 737  HIS A NE2 1 
ATOM   548  N  N   . ASN A 1 70  ? 3.643   4.140   4.831   1.00 13.08 ? 738  ASN A N   1 
ATOM   549  C  CA  . ASN A 1 70  ? 4.508   5.289   4.708   1.00 13.64 ? 738  ASN A CA  1 
ATOM   550  C  C   . ASN A 1 70  ? 4.512   6.088   5.994   1.00 15.34 ? 738  ASN A C   1 
ATOM   551  O  O   . ASN A 1 70  ? 3.948   7.187   6.015   1.00 14.18 ? 738  ASN A O   1 
ATOM   552  C  CB  . ASN A 1 70  ? 4.079   6.208   3.552   1.00 14.15 ? 738  ASN A CB  1 
ATOM   553  C  CG  . ASN A 1 70  ? 4.994   7.405   3.424   1.00 14.52 ? 738  ASN A CG  1 
ATOM   554  O  OD1 . ASN A 1 70  ? 6.164   7.356   3.829   1.00 16.23 ? 738  ASN A OD1 1 
ATOM   555  N  ND2 . ASN A 1 70  ? 4.488   8.480   2.863   1.00 14.01 ? 738  ASN A ND2 1 
ATOM   556  N  N   . PRO A 1 71  ? 5.114   5.541   7.072   1.00 15.36 ? 739  PRO A N   1 
ATOM   557  C  CA  . PRO A 1 71  ? 4.976   6.220   8.386   1.00 15.81 ? 739  PRO A CA  1 
ATOM   558  C  C   . PRO A 1 71  ? 5.793   7.512   8.468   1.00 16.19 ? 739  PRO A C   1 
ATOM   559  O  O   . PRO A 1 71  ? 6.883   7.600   7.922   1.00 16.98 ? 739  PRO A O   1 
ATOM   560  C  CB  . PRO A 1 71  ? 5.523   5.177   9.378   1.00 16.26 ? 739  PRO A CB  1 
ATOM   561  C  CG  . PRO A 1 71  ? 6.499   4.382   8.582   1.00 16.53 ? 739  PRO A CG  1 
ATOM   562  C  CD  . PRO A 1 71  ? 5.873   4.278   7.200   1.00 16.19 ? 739  PRO A CD  1 
ATOM   563  N  N   . LYS A 1 72  ? 5.273   8.499   9.199   1.00 16.09 ? 740  LYS A N   1 
ATOM   564  C  CA  . LYS A 1 72  ? 6.009   9.742   9.431   1.00 18.82 ? 740  LYS A CA  1 
ATOM   565  C  C   . LYS A 1 72  ? 7.169   9.461   10.403  1.00 18.11 ? 740  LYS A C   1 
ATOM   566  O  O   . LYS A 1 72  ? 8.294   9.921   10.226  1.00 19.41 ? 740  LYS A O   1 
ATOM   567  C  CB  . LYS A 1 72  ? 5.077   10.786  10.021  1.00 20.79 ? 740  LYS A CB  1 
ATOM   568  C  CG  . LYS A 1 72  ? 5.752   12.117  10.327  1.00 23.61 ? 740  LYS A CG  1 
ATOM   569  C  CD  . LYS A 1 72  ? 4.770   13.266  10.382  1.00 28.90 ? 740  LYS A CD  1 
ATOM   570  C  CE  . LYS A 1 72  ? 3.541   12.993  11.223  1.00 31.86 ? 740  LYS A CE  1 
ATOM   571  N  NZ  . LYS A 1 72  ? 2.291   13.121  10.408  1.00 35.45 ? 740  LYS A NZ  1 
ATOM   572  N  N   . ASP A 1 73  ? 6.871   8.642   11.393  1.00 17.71 ? 741  ASP A N   1 
ATOM   573  C  CA  . ASP A 1 73  ? 7.880   8.199   12.372  1.00 18.52 ? 741  ASP A CA  1 
ATOM   574  C  C   . ASP A 1 73  ? 8.498   6.886   11.886  1.00 18.80 ? 741  ASP A C   1 
ATOM   575  O  O   . ASP A 1 73  ? 7.776   5.933   11.710  1.00 23.14 ? 741  ASP A O   1 
ATOM   576  C  CB  . ASP A 1 73  ? 7.196   7.968   13.716  1.00 20.00 ? 741  ASP A CB  1 
ATOM   577  C  CG  . ASP A 1 73  ? 8.115   7.281   14.716  1.00 21.84 ? 741  ASP A CG  1 
ATOM   578  O  OD1 . ASP A 1 73  ? 9.243   7.757   14.834  1.00 21.89 ? 741  ASP A OD1 1 
ATOM   579  O  OD2 . ASP A 1 73  ? 7.748   6.216   15.260  1.00 24.83 ? 741  ASP A OD2 1 
ATOM   580  N  N   . THR A 1 74  ? 9.822   6.805   11.762  1.00 21.43 ? 742  THR A N   1 
ATOM   581  C  CA  . THR A 1 74  ? 10.469  5.536   11.390  1.00 21.50 ? 742  THR A CA  1 
ATOM   582  C  C   . THR A 1 74  ? 11.188  4.837   12.549  1.00 21.52 ? 742  THR A C   1 
ATOM   583  O  O   . THR A 1 74  ? 12.082  3.986   12.312  1.00 20.98 ? 742  THR A O   1 
ATOM   584  C  CB  . THR A 1 74  ? 11.501  5.744   10.272  1.00 22.31 ? 742  THR A CB  1 
ATOM   585  O  OG1 . THR A 1 74  ? 12.456  6.730   10.679  1.00 23.78 ? 742  THR A OG1 1 
ATOM   586  C  CG2 . THR A 1 74  ? 10.824  6.160   8.985   1.00 21.50 ? 742  THR A CG2 1 
ATOM   587  N  N   . SER A 1 75  ? 10.828  5.171   13.798  1.00 22.11 ? 743  SER A N   1 
ATOM   588  C  CA  . SER A 1 75  ? 11.433  4.475   14.950  1.00 20.06 ? 743  SER A CA  1 
ATOM   589  C  C   . SER A 1 75  ? 11.171  2.972   14.928  1.00 20.45 ? 743  SER A C   1 
ATOM   590  O  O   . SER A 1 75  ? 12.064  2.157   15.222  1.00 21.14 ? 743  SER A O   1 
ATOM   591  C  CB  . SER A 1 75  ? 10.995  5.120   16.277  1.00 20.05 ? 743  SER A CB  1 
ATOM   592  O  OG  . SER A 1 75  ? 9.626   4.887   16.555  1.00 19.20 ? 743  SER A OG  1 
ATOM   593  N  N   . ARG A 1 76  ? 9.963   2.578   14.510  1.00 18.80 ? 744  ARG A N   1 
ATOM   594  C  CA  . ARG A 1 76  ? 9.698   1.218   14.106  1.00 19.67 ? 744  ARG A CA  1 
ATOM   595  C  C   . ARG A 1 76  ? 9.960   1.117   12.595  1.00 18.71 ? 744  ARG A C   1 
ATOM   596  O  O   . ARG A 1 76  ? 9.480   1.949   11.828  1.00 19.28 ? 744  ARG A O   1 
ATOM   597  C  CB  . ARG A 1 76  ? 8.254   0.871   14.445  1.00 20.52 ? 744  ARG A CB  1 
ATOM   598  C  CG  . ARG A 1 76  ? 7.757   -0.434  13.884  1.00 20.52 ? 744  ARG A CG  1 
ATOM   599  C  CD  . ARG A 1 76  ? 6.435   -0.860  14.436  1.00 20.38 ? 744  ARG A CD  1 
ATOM   600  N  NE  . ARG A 1 76  ? 5.320   0.034   14.082  1.00 20.21 ? 744  ARG A NE  1 
ATOM   601  C  CZ  . ARG A 1 76  ? 4.162   0.034   14.691  1.00 23.75 ? 744  ARG A CZ  1 
ATOM   602  N  NH1 . ARG A 1 76  ? 3.961   -0.770  15.751  1.00 20.59 ? 744  ARG A NH1 1 
ATOM   603  N  NH2 . ARG A 1 76  ? 3.173   0.877   14.280  1.00 21.04 ? 744  ARG A NH2 1 
ATOM   604  N  N   . SER A 1 77  ? 10.698  0.090   12.190  1.00 17.25 ? 745  SER A N   1 
ATOM   605  C  CA  . SER A 1 77  ? 10.987  -0.147  10.805  1.00 17.16 ? 745  SER A CA  1 
ATOM   606  C  C   . SER A 1 77  ? 9.678   -0.118  9.996   1.00 15.90 ? 745  SER A C   1 
ATOM   607  O  O   . SER A 1 77  ? 8.767   -0.869  10.339  1.00 16.15 ? 745  SER A O   1 
ATOM   608  C  CB  . SER A 1 77  ? 11.579  -1.544  10.683  1.00 17.42 ? 745  SER A CB  1 
ATOM   609  O  OG  . SER A 1 77  ? 11.712  -1.928  9.345   1.00 16.92 ? 745  SER A OG  1 
ATOM   610  N  N   . PRO A 1 78  ? 9.614   0.690   8.919   1.00 16.15 ? 746  PRO A N   1 
ATOM   611  C  CA  . PRO A 1 78  ? 8.445   0.691   8.010   1.00 15.67 ? 746  PRO A CA  1 
ATOM   612  C  C   . PRO A 1 78  ? 8.134   -0.696  7.442   1.00 15.17 ? 746  PRO A C   1 
ATOM   613  O  O   . PRO A 1 78  ? 6.976   -1.009  7.138   1.00 15.10 ? 746  PRO A O   1 
ATOM   614  C  CB  . PRO A 1 78  ? 8.875   1.650   6.911   1.00 15.39 ? 746  PRO A CB  1 
ATOM   615  C  CG  . PRO A 1 78  ? 9.795   2.622   7.599   1.00 16.25 ? 746  PRO A CG  1 
ATOM   616  C  CD  . PRO A 1 78  ? 10.524  1.812   8.623   1.00 16.25 ? 746  PRO A CD  1 
ATOM   617  N  N   . SER A 1 79  ? 9.138   -1.576  7.350   1.00 15.49 ? 747  SER A N   1 
ATOM   618  C  CA  . SER A 1 79  ? 8.884   -2.956  6.942   1.00 15.22 ? 747  SER A CA  1 
ATOM   619  C  C   . SER A 1 79  ? 8.051   -3.818  7.894   1.00 15.80 ? 747  SER A C   1 
ATOM   620  O  O   . SER A 1 79  ? 7.585   -4.898  7.507   1.00 17.13 ? 747  SER A O   1 
ATOM   621  C  CB  . SER A 1 79  ? 10.214  -3.699  6.707   1.00 16.00 ? 747  SER A CB  1 
ATOM   622  O  OG  . SER A 1 79  ? 10.782  -4.083  7.950   1.00 16.11 ? 747  SER A OG  1 
ATOM   623  N  N   . VAL A 1 80  ? 7.874   -3.396  9.145   1.00 16.57 ? 748  VAL A N   1 
ATOM   624  C  CA  . VAL A 1 80  ? 7.150   -4.225  10.097  1.00 18.13 ? 748  VAL A CA  1 
ATOM   625  C  C   . VAL A 1 80  ? 5.663   -4.296  9.792   1.00 17.18 ? 748  VAL A C   1 
ATOM   626  O  O   . VAL A 1 80  ? 5.143   -5.387  9.590   1.00 17.11 ? 748  VAL A O   1 
ATOM   627  C  CB  . VAL A 1 80  ? 7.433   -3.795  11.549  1.00 18.68 ? 748  VAL A CB  1 
ATOM   628  C  CG1 . VAL A 1 80  ? 6.490   -4.503  12.525  1.00 19.13 ? 748  VAL A CG1 1 
ATOM   629  C  CG2 . VAL A 1 80  ? 8.897   -4.051  11.852  1.00 21.13 ? 748  VAL A CG2 1 
ATOM   630  N  N   . LEU A 1 81  ? 4.962   -3.160  9.715   1.00 17.36 ? 749  LEU A N   1 
ATOM   631  C  CA  . LEU A 1 81  ? 3.544   -3.201  9.301   1.00 16.86 ? 749  LEU A CA  1 
ATOM   632  C  C   . LEU A 1 81  ? 3.357   -3.727  7.877   1.00 15.74 ? 749  LEU A C   1 
ATOM   633  O  O   . LEU A 1 81  ? 2.391   -4.456  7.591   1.00 17.10 ? 749  LEU A O   1 
ATOM   634  C  CB  . LEU A 1 81  ? 2.855   -1.829  9.457   1.00 16.96 ? 749  LEU A CB  1 
ATOM   635  C  CG  . LEU A 1 81  ? 2.132   -1.602  10.781  1.00 19.08 ? 749  LEU A CG  1 
ATOM   636  C  CD1 . LEU A 1 81  ? 2.927   -2.066  11.994  1.00 19.24 ? 749  LEU A CD1 1 
ATOM   637  C  CD2 . LEU A 1 81  ? 1.654   -0.145  10.898  1.00 18.90 ? 749  LEU A CD2 1 
ATOM   638  N  N   . ALA A 1 82  ? 4.290   -3.400  6.986   1.00 14.72 ? 750  ALA A N   1 
ATOM   639  C  CA  . ALA A 1 82  ? 4.272   -3.946  5.639   1.00 14.76 ? 750  ALA A CA  1 
ATOM   640  C  C   . ALA A 1 82  ? 4.260   -5.485  5.665   1.00 14.61 ? 750  ALA A C   1 
ATOM   641  O  O   . ALA A 1 82  ? 3.425   -6.120  5.035   1.00 16.67 ? 750  ALA A O   1 
ATOM   642  C  CB  . ALA A 1 82  ? 5.452   -3.407  4.832   1.00 14.14 ? 750  ALA A CB  1 
ATOM   643  N  N   . GLN A 1 83  ? 5.157   -6.083  6.441   1.00 14.98 ? 751  GLN A N   1 
ATOM   644  C  CA  . GLN A 1 83  ? 5.206   -7.539  6.543   1.00 15.83 ? 751  GLN A CA  1 
ATOM   645  C  C   . GLN A 1 83  ? 3.997   -8.144  7.238   1.00 16.41 ? 751  GLN A C   1 
ATOM   646  O  O   . GLN A 1 83  ? 3.567   -9.244  6.875   1.00 16.47 ? 751  GLN A O   1 
ATOM   647  C  CB  . GLN A 1 83  ? 6.504   -7.979  7.259   1.00 17.22 ? 751  GLN A CB  1 
ATOM   648  C  CG  . GLN A 1 83  ? 7.735   -7.836  6.369   1.00 17.63 ? 751  GLN A CG  1 
ATOM   649  C  CD  . GLN A 1 83  ? 8.997   -8.190  7.125   1.00 17.89 ? 751  GLN A CD  1 
ATOM   650  O  OE1 . GLN A 1 83  ? 9.411   -9.373  7.143   1.00 18.78 ? 751  GLN A OE1 1 
ATOM   651  N  NE2 . GLN A 1 83  ? 9.597   -7.195  7.787   1.00 16.98 ? 751  GLN A NE2 1 
ATOM   652  N  N   . ARG A 1 84  ? 3.485   -7.464  8.265   1.00 17.14 ? 752  ARG A N   1 
ATOM   653  C  CA  . ARG A 1 84  ? 2.249   -7.907  8.913   1.00 18.70 ? 752  ARG A CA  1 
ATOM   654  C  C   . ARG A 1 84  ? 1.121   -7.978  7.915   1.00 19.69 ? 752  ARG A C   1 
ATOM   655  O  O   . ARG A 1 84  ? 0.372   -8.939  7.884   1.00 20.04 ? 752  ARG A O   1 
ATOM   656  C  CB  . ARG A 1 84  ? 1.868   -6.975  10.035  1.00 20.16 ? 752  ARG A CB  1 
ATOM   657  C  CG  . ARG A 1 84  ? 2.768   -7.146  11.219  1.00 21.73 ? 752  ARG A CG  1 
ATOM   658  C  CD  . ARG A 1 84  ? 2.281   -6.273  12.343  1.00 22.74 ? 752  ARG A CD  1 
ATOM   659  N  NE  . ARG A 1 84  ? 3.131   -6.478  13.475  1.00 21.41 ? 752  ARG A NE  1 
ATOM   660  C  CZ  . ARG A 1 84  ? 3.214   -5.702  14.530  1.00 23.36 ? 752  ARG A CZ  1 
ATOM   661  N  NH1 . ARG A 1 84  ? 2.523   -4.579  14.615  1.00 22.50 ? 752  ARG A NH1 1 
ATOM   662  N  NH2 . ARG A 1 84  ? 4.052   -6.062  15.498  1.00 25.34 ? 752  ARG A NH2 1 
ATOM   663  N  N   . LEU A 1 85  ? 0.970   -6.932  7.110   1.00 18.46 ? 753  LEU A N   1 
ATOM   664  C  CA  . LEU A 1 85  ? -0.117  -6.897  6.128   1.00 19.68 ? 753  LEU A CA  1 
ATOM   665  C  C   . LEU A 1 85  ? 0.146   -7.879  5.034   1.00 19.98 ? 753  LEU A C   1 
ATOM   666  O  O   . LEU A 1 85  ? -0.780  -8.569  4.568   1.00 20.24 ? 753  LEU A O   1 
ATOM   667  C  CB  . LEU A 1 85  ? -0.245  -5.501  5.504   1.00 21.24 ? 753  LEU A CB  1 
ATOM   668  C  CG  . LEU A 1 85  ? -1.422  -4.607  5.737   1.00 23.79 ? 753  LEU A CG  1 
ATOM   669  C  CD1 . LEU A 1 85  ? -1.522  -3.600  4.605   1.00 20.89 ? 753  LEU A CD1 1 
ATOM   670  C  CD2 . LEU A 1 85  ? -2.709  -5.397  5.931   1.00 20.60 ? 753  LEU A CD2 1 
ATOM   671  N  N   . LYS A 1 86  ? 1.414   -7.980  4.612   1.00 19.21 ? 754  LYS A N   1 
ATOM   672  C  CA  . LYS A 1 86  ? 1.804   -8.906  3.566   1.00 21.05 ? 754  LYS A CA  1 
ATOM   673  C  C   . LYS A 1 86  ? 1.466   -10.356 3.952   1.00 20.80 ? 754  LYS A C   1 
ATOM   674  O  O   . LYS A 1 86  ? 1.045   -11.155 3.106   1.00 20.28 ? 754  LYS A O   1 
ATOM   675  C  CB  . LYS A 1 86  ? 3.313   -8.817  3.308   1.00 21.37 ? 754  LYS A CB  1 
ATOM   676  C  CG  . LYS A 1 86  ? 3.793   -9.648  2.137   1.00 24.71 ? 754  LYS A CG  1 
ATOM   677  C  CD  . LYS A 1 86  ? 3.277   -9.097  0.823   1.00 24.76 ? 754  LYS A CD  1 
ATOM   678  C  CE  . LYS A 1 86  ? 3.908   -9.817  -0.349  1.00 25.49 ? 754  LYS A CE  1 
ATOM   679  N  NZ  . LYS A 1 86  ? 3.231   -9.400  -1.600  1.00 24.29 ? 754  LYS A NZ  1 
ATOM   680  N  N   . SER A 1 87  ? 1.618   -10.664 5.237   1.00 20.87 ? 755  SER A N   1 
ATOM   681  C  CA  . SER A 1 87  ? 1.406   -12.020 5.754   1.00 22.60 ? 755  SER A CA  1 
ATOM   682  C  C   . SER A 1 87  ? -0.064  -12.389 5.766   1.00 22.81 ? 755  SER A C   1 
ATOM   683  O  O   . SER A 1 87  ? -0.398  -13.580 5.788   1.00 24.80 ? 755  SER A O   1 
ATOM   684  C  CB  . SER A 1 87  ? 2.011   -12.160 7.153   1.00 21.87 ? 755  SER A CB  1 
ATOM   685  O  OG  . SER A 1 87  ? 1.177   -11.650 8.155   1.00 24.27 ? 755  SER A OG  1 
ATOM   686  N  N   . ARG A 1 88  ? -0.931  -11.377 5.669   1.00 21.59 ? 756  ARG A N   1 
ATOM   687  C  CA  . ARG A 1 88  ? -2.385  -11.570 5.591   1.00 22.13 ? 756  ARG A CA  1 
ATOM   688  C  C   . ARG A 1 88  ? -2.952  -11.140 4.224   1.00 20.72 ? 756  ARG A C   1 
ATOM   689  O  O   . ARG A 1 88  ? -4.151  -10.854 4.062   1.00 19.63 ? 756  ARG A O   1 
ATOM   690  C  CB  . ARG A 1 88  ? -3.012  -10.849 6.784   1.00 23.69 ? 756  ARG A CB  1 
ATOM   691  C  CG  . ARG A 1 88  ? -2.658  -11.562 8.089   1.00 25.54 ? 756  ARG A CG  1 
ATOM   692  C  CD  . ARG A 1 88  ? -2.514  -10.637 9.261   1.00 25.32 ? 756  ARG A CD  1 
ATOM   693  N  NE  . ARG A 1 88  ? -2.054  -11.360 10.444  1.00 31.15 ? 756  ARG A NE  1 
ATOM   694  C  CZ  . ARG A 1 88  ? -1.402  -10.822 11.472  1.00 31.20 ? 756  ARG A CZ  1 
ATOM   695  N  NH1 . ARG A 1 88  ? -1.072  -9.537  11.473  1.00 33.49 ? 756  ARG A NH1 1 
ATOM   696  N  NH2 . ARG A 1 88  ? -1.011  -11.605 12.488  1.00 33.91 ? 756  ARG A NH2 1 
ATOM   697  N  N   . GLU A 1 89  ? -2.101  -11.149 3.213   1.00 20.43 ? 757  GLU A N   1 
ATOM   698  C  CA  . GLU A 1 89  ? -2.499  -10.736 1.875   1.00 20.07 ? 757  GLU A CA  1 
ATOM   699  C  C   . GLU A 1 89  ? -3.720  -11.483 1.342   1.00 21.05 ? 757  GLU A C   1 
ATOM   700  O  O   . GLU A 1 89  ? -4.629  -10.874 0.742   1.00 20.63 ? 757  GLU A O   1 
ATOM   701  C  CB  . GLU A 1 89  ? -1.304  -10.923 0.959   1.00 21.68 ? 757  GLU A CB  1 
ATOM   702  C  CG  . GLU A 1 89  ? -1.420  -10.368 -0.430  1.00 23.41 ? 757  GLU A CG  1 
ATOM   703  C  CD  . GLU A 1 89  ? -0.094  -10.484 -1.121  1.00 23.89 ? 757  GLU A CD  1 
ATOM   704  O  OE1 . GLU A 1 89  ? 0.313   -11.636 -1.430  1.00 28.44 ? 757  GLU A OE1 1 
ATOM   705  O  OE2 . GLU A 1 89  ? 0.585   -9.468  -1.337  1.00 22.64 ? 757  GLU A OE2 1 
ATOM   706  N  N   . ASP A 1 90  ? -3.761  -12.795 1.591   1.00 21.43 ? 758  ASP A N   1 
ATOM   707  C  CA  . ASP A 1 90  ? -4.857  -13.628 1.112   1.00 25.23 ? 758  ASP A CA  1 
ATOM   708  C  C   . ASP A 1 90  ? -6.177  -13.324 1.803   1.00 22.80 ? 758  ASP A C   1 
ATOM   709  O  O   . ASP A 1 90  ? -7.203  -13.841 1.396   1.00 23.77 ? 758  ASP A O   1 
ATOM   710  C  CB  . ASP A 1 90  ? -4.561  -15.118 1.372   1.00 27.77 ? 758  ASP A CB  1 
ATOM   711  C  CG  . ASP A 1 90  ? -3.569  -15.711 0.435   1.00 32.81 ? 758  ASP A CG  1 
ATOM   712  O  OD1 . ASP A 1 90  ? -2.975  -14.994 -0.411  1.00 35.31 ? 758  ASP A OD1 1 
ATOM   713  O  OD2 . ASP A 1 90  ? -3.366  -16.949 0.568   1.00 38.80 ? 758  ASP A OD2 1 
ATOM   714  N  N   . LYS A 1 91  ? -6.148  -12.549 2.878   1.00 21.77 ? 759  LYS A N   1 
ATOM   715  C  CA  . LYS A 1 91  ? -7.339  -12.208 3.650   1.00 20.18 ? 759  LYS A CA  1 
ATOM   716  C  C   . LYS A 1 91  ? -7.886  -10.826 3.287   1.00 18.35 ? 759  LYS A C   1 
ATOM   717  O  O   . LYS A 1 91  ? -8.924  -10.448 3.808   1.00 19.90 ? 759  LYS A O   1 
ATOM   718  C  CB  . LYS A 1 91  ? -7.054  -12.211 5.164   1.00 19.73 ? 759  LYS A CB  1 
ATOM   719  C  CG  . LYS A 1 91  ? -6.725  -13.595 5.751   1.00 20.94 ? 759  LYS A CG  1 
ATOM   720  C  CD  . LYS A 1 91  ? -6.313  -13.541 7.238   1.00 23.41 ? 759  LYS A CD  1 
ATOM   721  C  CE  . LYS A 1 91  ? -6.245  -14.983 7.806   1.00 21.64 ? 759  LYS A CE  1 
ATOM   722  N  NZ  . LYS A 1 91  ? -5.322  -15.203 8.964   1.00 24.05 ? 759  LYS A NZ  1 
ATOM   723  N  N   . LEU A 1 92  ? -7.180  -10.056 2.462   1.00 19.15 ? 760  LEU A N   1 
ATOM   724  C  CA  . LEU A 1 92  ? -7.493  -8.621  2.371   1.00 19.69 ? 760  LEU A CA  1 
ATOM   725  C  C   . LEU A 1 92  ? -8.912  -8.413  1.859   1.00 21.44 ? 760  LEU A C   1 
ATOM   726  O  O   . LEU A 1 92  ? -9.634  -7.561  2.372   1.00 24.67 ? 760  LEU A O   1 
ATOM   727  C  CB  . LEU A 1 92  ? -6.485  -7.898  1.494   1.00 20.89 ? 760  LEU A CB  1 
ATOM   728  C  CG  . LEU A 1 92  ? -5.062  -7.853  2.019   1.00 20.93 ? 760  LEU A CG  1 
ATOM   729  C  CD1 . LEU A 1 92  ? -4.108  -7.337  0.945   1.00 21.66 ? 760  LEU A CD1 1 
ATOM   730  C  CD2 . LEU A 1 92  ? -4.961  -6.980  3.271   1.00 22.80 ? 760  LEU A CD2 1 
ATOM   731  N  N   . LEU A 1 93  ? -9.332  -9.235  0.906   1.00 22.33 ? 761  LEU A N   1 
ATOM   732  C  CA  . LEU A 1 93  ? -10.732 -9.154  0.404   1.00 26.47 ? 761  LEU A CA  1 
ATOM   733  C  C   . LEU A 1 93  ? -11.765 -9.885  1.233   1.00 28.28 ? 761  LEU A C   1 
ATOM   734  O  O   . LEU A 1 93  ? -12.968 -9.819  0.928   1.00 27.63 ? 761  LEU A O   1 
ATOM   735  C  CB  . LEU A 1 93  ? -10.813 -9.634  -1.035  1.00 28.71 ? 761  LEU A CB  1 
ATOM   736  C  CG  . LEU A 1 93  ? -10.011 -8.744  -1.990  1.00 28.82 ? 761  LEU A CG  1 
ATOM   737  C  CD1 . LEU A 1 93  ? -10.218 -9.249  -3.396  1.00 30.60 ? 761  LEU A CD1 1 
ATOM   738  C  CD2 . LEU A 1 93  ? -10.384 -7.270  -1.904  1.00 29.65 ? 761  LEU A CD2 1 
ATOM   739  N  N   . ASP A 1 94  ? -11.315 -10.581 2.275   1.00 27.19 ? 762  ASP A N   1 
ATOM   740  C  CA  . ASP A 1 94  ? -12.230 -11.122 3.277   1.00 27.52 ? 762  ASP A CA  1 
ATOM   741  C  C   . ASP A 1 94  ? -12.579 -10.141 4.397   1.00 28.71 ? 762  ASP A C   1 
ATOM   742  O  O   . ASP A 1 94  ? -13.536 -10.382 5.148   1.00 32.68 ? 762  ASP A O   1 
ATOM   743  C  CB  . ASP A 1 94  ? -11.620 -12.383 3.877   1.00 25.54 ? 762  ASP A CB  1 
ATOM   744  C  CG  . ASP A 1 94  ? -11.502 -13.515 2.867   1.00 22.69 ? 762  ASP A CG  1 
ATOM   745  O  OD1 . ASP A 1 94  ? -12.351 -13.630 1.971   1.00 26.56 ? 762  ASP A OD1 1 
ATOM   746  O  OD2 . ASP A 1 94  ? -10.539 -14.278 2.934   1.00 25.09 ? 762  ASP A OD2 1 
ATOM   747  N  N   . PHE A 1 95  ? -11.840 -9.047  4.508   1.00 29.84 ? 763  PHE A N   1 
ATOM   748  C  CA  . PHE A 1 95  ? -12.186 -8.002  5.474   1.00 30.58 ? 763  PHE A CA  1 
ATOM   749  C  C   . PHE A 1 95  ? -13.597 -7.456  5.140   1.00 31.87 ? 763  PHE A C   1 
ATOM   750  O  O   . PHE A 1 95  ? -13.989 -7.376  3.969   1.00 33.75 ? 763  PHE A O   1 
ATOM   751  C  CB  . PHE A 1 95  ? -11.106 -6.904  5.520   1.00 29.77 ? 763  PHE A CB  1 
ATOM   752  C  CG  . PHE A 1 95  ? -9.716  -7.378  5.968   1.00 30.15 ? 763  PHE A CG  1 
ATOM   753  C  CD1 . PHE A 1 95  ? -9.521  -8.597  6.617   1.00 29.98 ? 763  PHE A CD1 1 
ATOM   754  C  CD2 . PHE A 1 95  ? -8.591  -6.589  5.722   1.00 29.91 ? 763  PHE A CD2 1 
ATOM   755  C  CE1 . PHE A 1 95  ? -8.245  -9.004  7.009   1.00 27.32 ? 763  PHE A CE1 1 
ATOM   756  C  CE2 . PHE A 1 95  ? -7.315  -6.991  6.107   1.00 29.54 ? 763  PHE A CE2 1 
ATOM   757  C  CZ  . PHE A 1 95  ? -7.141  -8.210  6.752   1.00 29.23 ? 763  PHE A CZ  1 
ATOM   758  N  N   . THR A 1 96  ? -14.397 -7.194  6.169   1.00 31.15 ? 764  THR A N   1 
ATOM   759  C  CA  . THR A 1 96  ? -15.725 -6.579  5.980   1.00 31.97 ? 764  THR A CA  1 
ATOM   760  C  C   . THR A 1 96  ? -15.935 -5.395  6.881   1.00 31.23 ? 764  THR A C   1 
ATOM   761  O  O   . THR A 1 96  ? -16.990 -4.772  6.846   1.00 32.10 ? 764  THR A O   1 
ATOM   762  C  CB  . THR A 1 96  ? -16.884 -7.560  6.284   1.00 33.20 ? 764  THR A CB  1 
ATOM   763  O  OG1 . THR A 1 96  ? -17.021 -7.731  7.709   1.00 35.51 ? 764  THR A OG1 1 
ATOM   764  C  CG2 . THR A 1 96  ? -16.661 -8.879  5.617   1.00 34.83 ? 764  THR A CG2 1 
ATOM   765  N  N   . ARG A 1 97  ? -14.940 -5.113  7.708   1.00 27.94 ? 765  ARG A N   1 
ATOM   766  C  CA  . ARG A 1 97  ? -15.066 -4.276  8.876   1.00 29.92 ? 765  ARG A CA  1 
ATOM   767  C  C   . ARG A 1 97  ? -13.743 -3.533  8.961   1.00 27.01 ? 765  ARG A C   1 
ATOM   768  O  O   . ARG A 1 97  ? -12.704 -4.142  8.765   1.00 23.92 ? 765  ARG A O   1 
ATOM   769  C  CB  . ARG A 1 97  ? -15.162 -5.161  10.118  1.00 35.70 ? 765  ARG A CB  1 
ATOM   770  C  CG  . ARG A 1 97  ? -16.436 -5.067  10.918  1.00 42.42 ? 765  ARG A CG  1 
ATOM   771  C  CD  . ARG A 1 97  ? -16.738 -6.403  11.571  1.00 44.72 ? 765  ARG A CD  1 
ATOM   772  N  NE  . ARG A 1 97  ? -15.549 -7.115  12.085  1.00 46.08 ? 765  ARG A NE  1 
ATOM   773  C  CZ  . ARG A 1 97  ? -15.279 -7.330  13.374  1.00 46.97 ? 765  ARG A CZ  1 
ATOM   774  N  NH1 . ARG A 1 97  ? -16.094 -6.891  14.336  1.00 47.25 ? 765  ARG A NH1 1 
ATOM   775  N  NH2 . ARG A 1 97  ? -14.177 -7.990  13.710  1.00 49.85 ? 765  ARG A NH2 1 
ATOM   776  N  N   . PHE A 1 98  ? -13.763 -2.241  9.277   1.00 22.87 ? 766  PHE A N   1 
ATOM   777  C  CA  . PHE A 1 98  ? -12.506 -1.528  9.550   1.00 22.12 ? 766  PHE A CA  1 
ATOM   778  C  C   . PHE A 1 98  ? -11.645 -2.205  10.601  1.00 22.86 ? 766  PHE A C   1 
ATOM   779  O  O   . PHE A 1 98  ? -10.399 -2.310  10.438  1.00 21.94 ? 766  PHE A O   1 
ATOM   780  C  CB  . PHE A 1 98  ? -12.802 -0.103  10.009  1.00 23.07 ? 766  PHE A CB  1 
ATOM   781  C  CG  . PHE A 1 98  ? -11.584 0.713   10.228  1.00 21.07 ? 766  PHE A CG  1 
ATOM   782  C  CD1 . PHE A 1 98  ? -10.826 1.146   9.138   1.00 21.20 ? 766  PHE A CD1 1 
ATOM   783  C  CD2 . PHE A 1 98  ? -11.162 1.032   11.508  1.00 21.99 ? 766  PHE A CD2 1 
ATOM   784  C  CE1 . PHE A 1 98  ? -9.702  1.907   9.347   1.00 20.32 ? 766  PHE A CE1 1 
ATOM   785  C  CE2 . PHE A 1 98  ? -10.020 1.782   11.715  1.00 22.97 ? 766  PHE A CE2 1 
ATOM   786  C  CZ  . PHE A 1 98  ? -9.299  2.228   10.633  1.00 21.02 ? 766  PHE A CZ  1 
ATOM   787  N  N   . LEU A 1 99  ? -12.279 -2.683  11.673  1.00 22.97 ? 767  LEU A N   1 
ATOM   788  C  CA  . LEU A 1 99  ? -11.550 -3.364  12.747  1.00 24.28 ? 767  LEU A CA  1 
ATOM   789  C  C   . LEU A 1 99  ? -10.696 -4.510  12.195  1.00 21.55 ? 767  LEU A C   1 
ATOM   790  O  O   . LEU A 1 99  ? -9.669  -4.814  12.766  1.00 23.04 ? 767  LEU A O   1 
ATOM   791  C  CB  . LEU A 1 99  ? -12.525 -3.898  13.813  1.00 26.53 ? 767  LEU A CB  1 
ATOM   792  C  CG  . LEU A 1 99  ? -11.945 -4.686  15.001  1.00 30.05 ? 767  LEU A CG  1 
ATOM   793  C  CD1 . LEU A 1 99  ? -11.145 -3.791  15.931  1.00 31.77 ? 767  LEU A CD1 1 
ATOM   794  C  CD2 . LEU A 1 99  ? -13.012 -5.429  15.805  1.00 31.83 ? 767  LEU A CD2 1 
ATOM   795  N  N   . ASP A 1 100 ? -11.113 -5.146  11.096  1.00 21.29 ? 768  ASP A N   1 
ATOM   796  C  CA  . ASP A 1 100 ? -10.360 -6.282  10.526  1.00 19.99 ? 768  ASP A CA  1 
ATOM   797  C  C   . ASP A 1 100 ? -8.987  -5.821  10.047  1.00 19.46 ? 768  ASP A C   1 
ATOM   798  O  O   . ASP A 1 100 ? -7.987  -6.490  10.257  1.00 18.15 ? 768  ASP A O   1 
ATOM   799  C  CB  . ASP A 1 100 ? -11.089 -6.919  9.340   1.00 21.56 ? 768  ASP A CB  1 
ATOM   800  C  CG  . ASP A 1 100 ? -12.465 -7.538  9.701   1.00 23.02 ? 768  ASP A CG  1 
ATOM   801  O  OD1 . ASP A 1 100 ? -12.759 -7.815  10.889  1.00 25.65 ? 768  ASP A OD1 1 
ATOM   802  O  OD2 . ASP A 1 100 ? -13.249 -7.719  8.747   1.00 23.70 ? 768  ASP A OD2 1 
ATOM   803  N  N   . LEU A 1 101 ? -8.935  -4.666  9.374   1.00 18.90 ? 769  LEU A N   1 
ATOM   804  C  CA  . LEU A 1 101 ? -7.669  -4.071  8.970   1.00 18.64 ? 769  LEU A CA  1 
ATOM   805  C  C   . LEU A 1 101 ? -6.800  -3.646  10.157  1.00 18.33 ? 769  LEU A C   1 
ATOM   806  O  O   . LEU A 1 101 ? -5.616  -3.894  10.175  1.00 17.80 ? 769  LEU A O   1 
ATOM   807  C  CB  . LEU A 1 101 ? -7.920  -2.837  8.066   1.00 17.46 ? 769  LEU A CB  1 
ATOM   808  C  CG  . LEU A 1 101 ? -6.647  -2.075  7.600   1.00 17.76 ? 769  LEU A CG  1 
ATOM   809  C  CD1 . LEU A 1 101 ? -5.740  -2.955  6.768   1.00 19.26 ? 769  LEU A CD1 1 
ATOM   810  C  CD2 . LEU A 1 101 ? -7.068  -0.869  6.771   1.00 17.59 ? 769  LEU A CD2 1 
ATOM   811  N  N   A GLU A 1 102 ? -7.407  -2.989  11.154  0.50 19.01 ? 770  GLU A N   1 
ATOM   812  N  N   B GLU A 1 102 ? -7.412  -2.990  11.147  0.50 19.58 ? 770  GLU A N   1 
ATOM   813  C  CA  A GLU A 1 102 ? -6.701  -2.654  12.386  0.50 19.88 ? 770  GLU A CA  1 
ATOM   814  C  CA  B GLU A 1 102 ? -6.730  -2.664  12.388  0.50 20.92 ? 770  GLU A CA  1 
ATOM   815  C  C   A GLU A 1 102 ? -6.036  -3.879  12.986  0.50 19.52 ? 770  GLU A C   1 
ATOM   816  C  C   B GLU A 1 102 ? -6.047  -3.875  12.989  0.50 20.08 ? 770  GLU A C   1 
ATOM   817  O  O   A GLU A 1 102 ? -4.864  -3.830  13.331  0.50 19.39 ? 770  GLU A O   1 
ATOM   818  O  O   B GLU A 1 102 ? -4.874  -3.813  13.334  0.50 19.83 ? 770  GLU A O   1 
ATOM   819  C  CB  A GLU A 1 102 ? -7.660  -2.101  13.438  0.50 21.10 ? 770  GLU A CB  1 
ATOM   820  C  CB  B GLU A 1 102 ? -7.733  -2.128  13.404  0.50 23.06 ? 770  GLU A CB  1 
ATOM   821  C  CG  A GLU A 1 102 ? -8.313  -0.775  13.125  0.50 21.99 ? 770  GLU A CG  1 
ATOM   822  C  CG  B GLU A 1 102 ? -7.641  -0.641  13.618  0.50 25.21 ? 770  GLU A CG  1 
ATOM   823  C  CD  A GLU A 1 102 ? -9.025  -0.248  14.362  0.50 22.72 ? 770  GLU A CD  1 
ATOM   824  C  CD  B GLU A 1 102 ? -8.508  -0.180  14.768  0.50 26.11 ? 770  GLU A CD  1 
ATOM   825  O  OE1 A GLU A 1 102 ? -10.111 -0.770  14.663  0.50 23.83 ? 770  GLU A OE1 1 
ATOM   826  O  OE1 B GLU A 1 102 ? -9.180  0.859   14.617  0.50 27.22 ? 770  GLU A OE1 1 
ATOM   827  O  OE2 A GLU A 1 102 ? -8.479  0.635   15.062  0.50 24.94 ? 770  GLU A OE2 1 
ATOM   828  O  OE2 B GLU A 1 102 ? -8.508  -0.858  15.814  0.50 28.67 ? 770  GLU A OE2 1 
ATOM   829  N  N   . THR A 1 103 ? -6.801  -4.974  13.085  1.00 19.95 ? 771  THR A N   1 
ATOM   830  C  CA  . THR A 1 103 ? -6.319  -6.245  13.663  1.00 20.20 ? 771  THR A CA  1 
ATOM   831  C  C   . THR A 1 103 ? -5.139  -6.795  12.854  1.00 19.87 ? 771  THR A C   1 
ATOM   832  O  O   . THR A 1 103 ? -4.110  -7.201  13.421  1.00 19.38 ? 771  THR A O   1 
ATOM   833  C  CB  . THR A 1 103 ? -7.499  -7.255  13.764  1.00 21.67 ? 771  THR A CB  1 
ATOM   834  O  OG1 . THR A 1 103 ? -8.521  -6.709  14.633  1.00 22.03 ? 771  THR A OG1 1 
ATOM   835  C  CG2 . THR A 1 103 ? -7.070  -8.618  14.282  1.00 21.65 ? 771  THR A CG2 1 
ATOM   836  N  N   . ALA A 1 104 ? -5.238  -6.715  11.527  1.00 17.62 ? 772  ALA A N   1 
ATOM   837  C  CA  . ALA A 1 104 ? -4.155  -7.170  10.648  1.00 18.20 ? 772  ALA A CA  1 
ATOM   838  C  C   . ALA A 1 104 ? -2.859  -6.410  10.879  1.00 19.77 ? 772  ALA A C   1 
ATOM   839  O  O   . ALA A 1 104 ? -1.808  -6.946  10.684  1.00 24.57 ? 772  ALA A O   1 
ATOM   840  C  CB  . ALA A 1 104 ? -4.565  -7.098  9.180   1.00 16.74 ? 772  ALA A CB  1 
ATOM   841  N  N   . LEU A 1 105 ? -2.939  -5.147  11.277  1.00 17.85 ? 773  LEU A N   1 
ATOM   842  C  CA  . LEU A 1 105 ? -1.768  -4.336  11.499  1.00 19.11 ? 773  LEU A CA  1 
ATOM   843  C  C   . LEU A 1 105 ? -1.177  -4.449  12.899  1.00 20.05 ? 773  LEU A C   1 
ATOM   844  O  O   . LEU A 1 105 ? -0.079  -3.988  13.100  1.00 21.54 ? 773  LEU A O   1 
ATOM   845  C  CB  . LEU A 1 105 ? -2.066  -2.878  11.157  1.00 19.44 ? 773  LEU A CB  1 
ATOM   846  C  CG  . LEU A 1 105 ? -2.453  -2.643  9.696   1.00 20.29 ? 773  LEU A CG  1 
ATOM   847  C  CD1 . LEU A 1 105 ? -3.131  -1.281  9.586   1.00 20.60 ? 773  LEU A CD1 1 
ATOM   848  C  CD2 . LEU A 1 105 ? -1.274  -2.734  8.730   1.00 19.46 ? 773  LEU A CD2 1 
ATOM   849  N  N   . GLU A 1 106 ? -1.876  -5.104  13.824  1.00 23.33 ? 774  GLU A N   1 
ATOM   850  C  CA  . GLU A 1 106 ? -1.648  -4.958  15.271  1.00 28.67 ? 774  GLU A CA  1 
ATOM   851  C  C   . GLU A 1 106 ? -0.602  -5.927  15.802  1.00 29.03 ? 774  GLU A C   1 
ATOM   852  O  O   . GLU A 1 106 ? 0.088   -5.620  16.778  1.00 31.57 ? 774  GLU A O   1 
ATOM   853  C  CB  . GLU A 1 106 ? -2.962  -5.186  16.023  1.00 32.26 ? 774  GLU A CB  1 
ATOM   854  C  CG  . GLU A 1 106 ? -3.107  -4.354  17.296  1.00 38.14 ? 774  GLU A CG  1 
ATOM   855  C  CD  . GLU A 1 106 ? -4.297  -3.413  17.212  1.00 42.87 ? 774  GLU A CD  1 
ATOM   856  O  OE1 . GLU A 1 106 ? -5.440  -3.915  17.196  1.00 48.44 ? 774  GLU A OE1 1 
ATOM   857  O  OE2 . GLU A 1 106 ? -4.087  -2.182  17.138  1.00 49.76 ? 774  GLU A OE2 1 
ATOM   858  N  N   . THR A 1 107 ? -0.481  -7.095  15.184  1.00 29.77 ? 775  THR A N   1 
ATOM   859  C  CA  . THR A 1 107 ? 0.414   -8.137  15.692  1.00 30.75 ? 775  THR A CA  1 
ATOM   860  C  C   . THR A 1 107 ? 1.074   -8.950  14.582  1.00 31.49 ? 775  THR A C   1 
ATOM   861  O  O   . THR A 1 107 ? 0.615   -8.978  13.435  1.00 29.38 ? 775  THR A O   1 
ATOM   862  C  CB  . THR A 1 107 ? -0.304  -9.133  16.639  1.00 32.76 ? 775  THR A CB  1 
ATOM   863  O  OG1 . THR A 1 107 ? -1.113  -10.031 15.873  1.00 34.78 ? 775  THR A OG1 1 
ATOM   864  C  CG2 . THR A 1 107 ? -1.139  -8.439  17.674  1.00 34.08 ? 775  THR A CG2 1 
ATOM   865  N  N   . GLY A 1 108 ? 2.181   -9.595  14.955  1.00 31.27 ? 776  GLY A N   1 
ATOM   866  C  CA  . GLY A 1 108 ? 3.042   -10.322 14.029  1.00 31.22 ? 776  GLY A CA  1 
ATOM   867  C  C   . GLY A 1 108 ? 4.477   -9.903  14.205  1.00 30.33 ? 776  GLY A C   1 
ATOM   868  O  O   . GLY A 1 108 ? 4.816   -8.740  13.991  1.00 27.20 ? 776  GLY A O   1 
ATOM   869  N  N   . GLU A 1 109 ? 5.317   -10.840 14.641  1.00 30.05 ? 777  GLU A N   1 
ATOM   870  C  CA  . GLU A 1 109 ? 6.744   -10.583 14.810  1.00 29.63 ? 777  GLU A CA  1 
ATOM   871  C  C   . GLU A 1 109 ? 7.481   -10.820 13.502  1.00 28.47 ? 777  GLU A C   1 
ATOM   872  O  O   . GLU A 1 109 ? 7.477   -11.933 12.967  1.00 29.63 ? 777  GLU A O   1 
ATOM   873  C  CB  . GLU A 1 109 ? 7.335   -11.472 15.910  1.00 31.47 ? 777  GLU A CB  1 
ATOM   874  C  CG  . GLU A 1 109 ? 6.757   -11.192 17.285  1.00 34.40 ? 777  GLU A CG  1 
ATOM   875  C  CD  . GLU A 1 109 ? 6.984   -9.759  17.711  1.00 34.99 ? 777  GLU A CD  1 
ATOM   876  O  OE1 . GLU A 1 109 ? 8.161   -9.388  17.907  1.00 39.17 ? 777  GLU A OE1 1 
ATOM   877  O  OE2 . GLU A 1 109 ? 5.994   -9.004  17.835  1.00 34.42 ? 777  GLU A OE2 1 
ATOM   878  N  N   . PHE A 1 110 ? 8.128   -9.771  13.008  1.00 26.70 ? 778  PHE A N   1 
ATOM   879  C  CA  . PHE A 1 110 ? 8.932   -9.846  11.795  1.00 26.09 ? 778  PHE A CA  1 
ATOM   880  C  C   . PHE A 1 110 ? 10.214  -9.091  12.035  1.00 27.31 ? 778  PHE A C   1 
ATOM   881  O  O   . PHE A 1 110 ? 10.203  -7.994  12.600  1.00 29.83 ? 778  PHE A O   1 
ATOM   882  C  CB  . PHE A 1 110 ? 8.166   -9.248  10.601  1.00 24.19 ? 778  PHE A CB  1 
ATOM   883  C  CG  . PHE A 1 110 ? 6.950   -10.031 10.238  1.00 22.30 ? 778  PHE A CG  1 
ATOM   884  C  CD1 . PHE A 1 110 ? 7.057   -11.131 9.415   1.00 22.76 ? 778  PHE A CD1 1 
ATOM   885  C  CD2 . PHE A 1 110 ? 5.714   -9.704  10.741  1.00 22.33 ? 778  PHE A CD2 1 
ATOM   886  C  CE1 . PHE A 1 110 ? 5.944   -11.888 9.089   1.00 21.80 ? 778  PHE A CE1 1 
ATOM   887  C  CE2 . PHE A 1 110 ? 4.594   -10.456 10.425  1.00 21.82 ? 778  PHE A CE2 1 
ATOM   888  C  CZ  . PHE A 1 110 ? 4.717   -11.549 9.592   1.00 22.30 ? 778  PHE A CZ  1 
ATOM   889  N  N   . GLU A 1 111 ? 11.320  -9.687  11.611  1.00 30.57 ? 779  GLU A N   1 
ATOM   890  C  CA  . GLU A 1 111 ? 12.575  -8.972  11.507  1.00 32.29 ? 779  GLU A CA  1 
ATOM   891  C  C   . GLU A 1 111 ? 12.403  -7.783  10.565  1.00 27.68 ? 779  GLU A C   1 
ATOM   892  O  O   . GLU A 1 111 ? 11.770  -7.927  9.504   1.00 27.42 ? 779  GLU A O   1 
ATOM   893  C  CB  . GLU A 1 111 ? 13.689  -9.895  10.998  1.00 35.55 ? 779  GLU A CB  1 
ATOM   894  C  CG  . GLU A 1 111 ? 15.095  -9.439  11.392  1.00 42.66 ? 779  GLU A CG  1 
ATOM   895  C  CD  . GLU A 1 111 ? 16.105  -10.576 11.430  1.00 46.97 ? 779  GLU A CD  1 
ATOM   896  O  OE1 . GLU A 1 111 ? 15.770  -11.666 11.948  1.00 49.97 ? 779  GLU A OE1 1 
ATOM   897  O  OE2 . GLU A 1 111 ? 17.240  -10.383 10.941  1.00 52.82 ? 779  GLU A OE2 1 
ATOM   898  N  N   . PRO A 1 112 ? 12.969  -6.619  10.936  1.00 24.30 ? 780  PRO A N   1 
ATOM   899  C  CA  . PRO A 1 112 ? 13.065  -5.533  9.986   1.00 22.85 ? 780  PRO A CA  1 
ATOM   900  C  C   . PRO A 1 112 ? 13.822  -5.932  8.739   1.00 22.42 ? 780  PRO A C   1 
ATOM   901  O  O   . PRO A 1 112 ? 14.850  -6.625  8.823   1.00 19.91 ? 780  PRO A O   1 
ATOM   902  C  CB  . PRO A 1 112 ? 13.874  -4.470  10.722  1.00 24.48 ? 780  PRO A CB  1 
ATOM   903  C  CG  . PRO A 1 112 ? 13.621  -4.741  12.159  1.00 25.00 ? 780  PRO A CG  1 
ATOM   904  C  CD  . PRO A 1 112 ? 13.469  -6.220  12.266  1.00 24.93 ? 780  PRO A CD  1 
ATOM   905  N  N   . ASP A 1 113 ? 13.288  -5.493  7.608   1.00 19.92 ? 781  ASP A N   1 
ATOM   906  C  CA  . ASP A 1 113 ? 13.903  -5.631  6.312   1.00 20.47 ? 781  ASP A CA  1 
ATOM   907  C  C   . ASP A 1 113 ? 14.587  -4.327  5.970   1.00 20.53 ? 781  ASP A C   1 
ATOM   908  O  O   . ASP A 1 113 ? 13.972  -3.345  5.499   1.00 18.27 ? 781  ASP A O   1 
ATOM   909  C  CB  . ASP A 1 113 ? 12.869  -6.045  5.263   1.00 20.37 ? 781  ASP A CB  1 
ATOM   910  C  CG  . ASP A 1 113 ? 13.475  -6.305  3.871   1.00 20.03 ? 781  ASP A CG  1 
ATOM   911  O  OD1 . ASP A 1 113 ? 14.613  -5.868  3.580   1.00 19.22 ? 781  ASP A OD1 1 
ATOM   912  O  OD2 . ASP A 1 113 ? 12.773  -6.939  3.070   1.00 21.11 ? 781  ASP A OD2 1 
ATOM   913  N  N   . VAL A 1 114 ? 15.906  -4.316  6.176   1.00 19.18 ? 782  VAL A N   1 
ATOM   914  C  CA  . VAL A 1 114 ? 16.686  -3.123  5.979   1.00 20.97 ? 782  VAL A CA  1 
ATOM   915  C  C   . VAL A 1 114 ? 16.658  -2.623  4.538   1.00 19.53 ? 782  VAL A C   1 
ATOM   916  O  O   . VAL A 1 114 ? 16.578  -1.421  4.301   1.00 19.47 ? 782  VAL A O   1 
ATOM   917  C  CB  . VAL A 1 114 ? 18.165  -3.372  6.421   1.00 24.09 ? 782  VAL A CB  1 
ATOM   918  C  CG1 . VAL A 1 114 ? 19.079  -2.236  5.990   1.00 26.31 ? 782  VAL A CG1 1 
ATOM   919  C  CG2 . VAL A 1 114 ? 18.231  -3.592  7.925   1.00 27.79 ? 782  VAL A CG2 1 
ATOM   920  N  N   . ALA A 1 115 ? 16.703  -3.543  3.572   1.00 18.90 ? 783  ALA A N   1 
ATOM   921  C  CA  . ALA A 1 115 ? 16.715  -3.195  2.173   1.00 19.24 ? 783  ALA A CA  1 
ATOM   922  C  C   . ALA A 1 115 ? 15.354  -2.632  1.756   1.00 18.01 ? 783  ALA A C   1 
ATOM   923  O  O   . ALA A 1 115 ? 15.278  -1.686  0.990   1.00 17.94 ? 783  ALA A O   1 
ATOM   924  C  CB  . ALA A 1 115 ? 17.048  -4.422  1.327   1.00 21.81 ? 783  ALA A CB  1 
ATOM   925  N  N   . TYR A 1 116 ? 14.307  -3.217  2.308   1.00 17.98 ? 784  TYR A N   1 
ATOM   926  C  CA  . TYR A 1 116 ? 12.945  -2.708  2.071   1.00 17.12 ? 784  TYR A CA  1 
ATOM   927  C  C   . TYR A 1 116 ? 12.848  -1.266  2.526   1.00 15.36 ? 784  TYR A C   1 
ATOM   928  O  O   . TYR A 1 116 ? 12.349  -0.397  1.801   1.00 15.90 ? 784  TYR A O   1 
ATOM   929  C  CB  . TYR A 1 116 ? 11.887  -3.555  2.759   1.00 15.46 ? 784  TYR A CB  1 
ATOM   930  C  CG  . TYR A 1 116 ? 10.487  -2.980  2.679   1.00 15.45 ? 784  TYR A CG  1 
ATOM   931  C  CD1 . TYR A 1 116 ? 10.040  -2.068  3.602   1.00 14.22 ? 784  TYR A CD1 1 
ATOM   932  C  CD2 . TYR A 1 116 ? 9.595   -3.378  1.667   1.00 14.11 ? 784  TYR A CD2 1 
ATOM   933  C  CE1 . TYR A 1 116 ? 8.773   -1.542  3.529   1.00 14.85 ? 784  TYR A CE1 1 
ATOM   934  C  CE2 . TYR A 1 116 ? 8.311   -2.872  1.596   1.00 15.29 ? 784  TYR A CE2 1 
ATOM   935  C  CZ  . TYR A 1 116 ? 7.914   -1.928  2.524   1.00 15.10 ? 784  TYR A CZ  1 
ATOM   936  O  OH  . TYR A 1 116 ? 6.634   -1.382  2.477   1.00 15.38 ? 784  TYR A OH  1 
ATOM   937  N  N   . ASP A 1 117 ? 13.317  -0.993  3.738   1.00 16.94 ? 785  ASP A N   1 
ATOM   938  C  CA  . ASP A 1 117 ? 13.226  0.370   4.275   1.00 18.08 ? 785  ASP A CA  1 
ATOM   939  C  C   . ASP A 1 117 ? 13.977  1.357   3.396   1.00 18.68 ? 785  ASP A C   1 
ATOM   940  O  O   . ASP A 1 117 ? 13.507  2.470   3.175   1.00 19.93 ? 785  ASP A O   1 
ATOM   941  C  CB  . ASP A 1 117 ? 13.754  0.431   5.727   1.00 19.23 ? 785  ASP A CB  1 
ATOM   942  C  CG  . ASP A 1 117 ? 12.878  -0.292  6.735   1.00 18.79 ? 785  ASP A CG  1 
ATOM   943  O  OD1 . ASP A 1 117 ? 11.695  -0.681  6.459   1.00 17.29 ? 785  ASP A OD1 1 
ATOM   944  O  OD2 . ASP A 1 117 ? 13.395  -0.480  7.886   1.00 19.26 ? 785  ASP A OD2 1 
ATOM   945  N  N   . ALA A 1 118 ? 15.175  0.981   2.908   1.00 19.11 ? 786  ALA A N   1 
ATOM   946  C  CA  . ALA A 1 118 ? 15.922  1.838   2.019   1.00 18.46 ? 786  ALA A CA  1 
ATOM   947  C  C   . ALA A 1 118 ? 15.181  2.060   0.691   1.00 18.04 ? 786  ALA A C   1 
ATOM   948  O  O   . ALA A 1 118 ? 15.144  3.168   0.197   1.00 19.78 ? 786  ALA A O   1 
ATOM   949  C  CB  . ALA A 1 118 ? 17.326  1.257   1.771   1.00 19.71 ? 786  ALA A CB  1 
ATOM   950  N  N   . SER A 1 119 ? 14.531  1.021   0.170   1.00 18.49 ? 787  SER A N   1 
ATOM   951  C  CA  . SER A 1 119 ? 13.758  1.133   -1.065  1.00 18.30 ? 787  SER A CA  1 
ATOM   952  C  C   . SER A 1 119 ? 12.571  2.085   -0.878  1.00 17.84 ? 787  SER A C   1 
ATOM   953  O  O   . SER A 1 119 ? 12.232  2.870   -1.767  1.00 18.47 ? 787  SER A O   1 
ATOM   954  C  CB  . SER A 1 119 ? 13.233  -0.237  -1.516  1.00 19.43 ? 787  SER A CB  1 
ATOM   955  O  OG  . SER A 1 119 ? 14.308  -1.109  -1.869  1.00 24.03 ? 787  SER A OG  1 
ATOM   956  N  N   . LEU A 1 120 ? 11.949  2.037   0.295   1.00 17.02 ? 788  LEU A N   1 
ATOM   957  C  CA  . LEU A 1 120 ? 10.856  2.985   0.599   1.00 16.36 ? 788  LEU A CA  1 
ATOM   958  C  C   . LEU A 1 120 ? 11.352  4.444   0.635   1.00 17.23 ? 788  LEU A C   1 
ATOM   959  O  O   . LEU A 1 120 ? 10.790  5.306   -0.014  1.00 18.46 ? 788  LEU A O   1 
ATOM   960  C  CB  . LEU A 1 120 ? 10.179  2.628   1.924   1.00 15.87 ? 788  LEU A CB  1 
ATOM   961  C  CG  . LEU A 1 120 ? 9.120   3.602   2.454   1.00 15.14 ? 788  LEU A CG  1 
ATOM   962  C  CD1 . LEU A 1 120 ? 7.965   3.648   1.445   1.00 17.30 ? 788  LEU A CD1 1 
ATOM   963  C  CD2 . LEU A 1 120 ? 8.697   3.186   3.857   1.00 16.31 ? 788  LEU A CD2 1 
ATOM   964  N  N   . ALA A 1 121 ? 12.431  4.701   1.376   1.00 18.33 ? 789  ALA A N   1 
ATOM   965  C  CA  . ALA A 1 121 ? 13.026  6.028   1.422   1.00 20.75 ? 789  ALA A CA  1 
ATOM   966  C  C   . ALA A 1 121 ? 13.362  6.533   0.016   1.00 21.05 ? 789  ALA A C   1 
ATOM   967  O  O   . ALA A 1 121 ? 13.074  7.683   -0.307  1.00 22.48 ? 789  ALA A O   1 
ATOM   968  C  CB  . ALA A 1 121 ? 14.256  6.032   2.333   1.00 21.94 ? 789  ALA A CB  1 
ATOM   969  N  N   . ASN A 1 122 ? 13.945  5.667   -0.819  1.00 22.42 ? 790  ASN A N   1 
ATOM   970  C  CA  . ASN A 1 122 ? 14.266  6.011   -2.201  1.00 23.74 ? 790  ASN A CA  1 
ATOM   971  C  C   . ASN A 1 122 ? 13.036  6.351   -3.048  1.00 23.04 ? 790  ASN A C   1 
ATOM   972  O  O   . ASN A 1 122 ? 13.056  7.325   -3.812  1.00 24.45 ? 790  ASN A O   1 
ATOM   973  C  CB  . ASN A 1 122 ? 15.055  4.896   -2.874  1.00 27.10 ? 790  ASN A CB  1 
ATOM   974  C  CG  . ASN A 1 122 ? 16.430  4.684   -2.251  1.00 31.02 ? 790  ASN A CG  1 
ATOM   975  O  OD1 . ASN A 1 122 ? 16.929  5.536   -1.519  1.00 31.38 ? 790  ASN A OD1 1 
ATOM   976  N  ND2 . ASN A 1 122 ? 17.049  3.529   -2.544  1.00 31.89 ? 790  ASN A ND2 1 
ATOM   977  N  N   . PHE A 1 123 ? 11.987  5.545   -2.905  1.00 20.63 ? 791  PHE A N   1 
ATOM   978  C  CA  . PHE A 1 123 ? 10.678  5.788   -3.523  1.00 20.66 ? 791  PHE A CA  1 
ATOM   979  C  C   . PHE A 1 123 ? 10.100  7.144   -3.171  1.00 20.53 ? 791  PHE A C   1 
ATOM   980  O  O   . PHE A 1 123 ? 9.632   7.875   -4.032  1.00 21.13 ? 791  PHE A O   1 
ATOM   981  C  CB  . PHE A 1 123 ? 9.713   4.653   -3.133  1.00 19.75 ? 791  PHE A CB  1 
ATOM   982  C  CG  . PHE A 1 123 ? 8.261   4.927   -3.430  1.00 19.64 ? 791  PHE A CG  1 
ATOM   983  C  CD1 . PHE A 1 123 ? 7.748   4.802   -4.726  1.00 19.70 ? 791  PHE A CD1 1 
ATOM   984  C  CD2 . PHE A 1 123 ? 7.400   5.214   -2.413  1.00 19.84 ? 791  PHE A CD2 1 
ATOM   985  C  CE1 . PHE A 1 123 ? 6.410   5.039   -4.977  1.00 19.97 ? 791  PHE A CE1 1 
ATOM   986  C  CE2 . PHE A 1 123 ? 6.042   5.440   -2.656  1.00 19.63 ? 791  PHE A CE2 1 
ATOM   987  C  CZ  . PHE A 1 123 ? 5.540   5.323   -3.923  1.00 20.26 ? 791  PHE A CZ  1 
ATOM   988  N  N   . LEU A 1 124 ? 10.154  7.497   -1.900  1.00 21.29 ? 792  LEU A N   1 
ATOM   989  C  CA  . LEU A 1 124 ? 9.658   8.789   -1.505  1.00 21.30 ? 792  LEU A CA  1 
ATOM   990  C  C   . LEU A 1 124 ? 10.506  9.904   -2.129  1.00 24.70 ? 792  LEU A C   1 
ATOM   991  O  O   . LEU A 1 124 ? 9.958   10.837  -2.709  1.00 25.22 ? 792  LEU A O   1 
ATOM   992  C  CB  . LEU A 1 124 ? 9.680   8.903   -0.004  1.00 21.52 ? 792  LEU A CB  1 
ATOM   993  C  CG  . LEU A 1 124 ? 8.728   7.941   0.712   1.00 21.58 ? 792  LEU A CG  1 
ATOM   994  C  CD1 . LEU A 1 124 ? 9.035   8.016   2.203   1.00 21.10 ? 792  LEU A CD1 1 
ATOM   995  C  CD2 . LEU A 1 124 ? 7.266   8.268   0.460   1.00 21.08 ? 792  LEU A CD2 1 
ATOM   996  N  N   . ALA A 1 125 ? 11.820  9.806   -1.979  1.00 27.05 ? 793  ALA A N   1 
ATOM   997  C  CA  . ALA A 1 125 ? 12.723  10.881  -2.436  1.00 31.24 ? 793  ALA A CA  1 
ATOM   998  C  C   . ALA A 1 125 ? 12.536  11.133  -3.914  1.00 34.43 ? 793  ALA A C   1 
ATOM   999  O  O   . ALA A 1 125 ? 12.333  12.286  -4.340  1.00 39.39 ? 793  ALA A O   1 
ATOM   1000 C  CB  . ALA A 1 125 ? 14.184  10.551  -2.123  1.00 32.01 ? 793  ALA A CB  1 
ATOM   1001 N  N   . SER A 1 126 ? 12.565  10.059  -4.697  1.00 35.38 ? 794  SER A N   1 
ATOM   1002 C  CA  . SER A 1 126 ? 12.473  10.177  -6.136  1.00 35.72 ? 794  SER A CA  1 
ATOM   1003 C  C   . SER A 1 126 ? 11.063  10.532  -6.584  1.00 34.62 ? 794  SER A C   1 
ATOM   1004 O  O   . SER A 1 126 ? 10.903  11.077  -7.666  1.00 37.86 ? 794  SER A O   1 
ATOM   1005 C  CB  . SER A 1 126 ? 12.976  8.897   -6.839  1.00 34.61 ? 794  SER A CB  1 
ATOM   1006 O  OG  . SER A 1 126 ? 12.054  7.829   -6.697  1.00 35.36 ? 794  SER A OG  1 
ATOM   1007 N  N   . SER A 1 127 ? 10.041  10.251  -5.771  1.00 32.97 ? 795  SER A N   1 
ATOM   1008 C  CA  . SER A 1 127 ? 8.683   10.697  -6.085  1.00 31.88 ? 795  SER A CA  1 
ATOM   1009 C  C   . SER A 1 127 ? 8.305   12.082  -5.514  1.00 29.66 ? 795  SER A C   1 
ATOM   1010 O  O   . SER A 1 127 ? 7.181   12.513  -5.655  1.00 29.75 ? 795  SER A O   1 
ATOM   1011 C  CB  . SER A 1 127 ? 7.645   9.617   -5.718  1.00 33.59 ? 795  SER A CB  1 
ATOM   1012 O  OG  . SER A 1 127 ? 7.442   9.481   -4.314  1.00 33.37 ? 795  SER A OG  1 
ATOM   1013 N  N   . ASN A 1 128 ? 9.260   12.768  -4.895  1.00 32.23 ? 796  ASN A N   1 
ATOM   1014 C  CA  . ASN A 1 128 ? 9.026   14.052  -4.226  1.00 32.83 ? 796  ASN A CA  1 
ATOM   1015 C  C   . ASN A 1 128 ? 7.884   14.044  -3.217  1.00 29.51 ? 796  ASN A C   1 
ATOM   1016 O  O   . ASN A 1 128 ? 7.165   15.026  -3.080  1.00 28.26 ? 796  ASN A O   1 
ATOM   1017 C  CB  . ASN A 1 128 ? 8.789   15.166  -5.247  1.00 36.75 ? 796  ASN A CB  1 
ATOM   1018 C  CG  . ASN A 1 128 ? 9.890   15.253  -6.271  1.00 41.07 ? 796  ASN A CG  1 
ATOM   1019 O  OD1 . ASN A 1 128 ? 9.638   15.178  -7.472  1.00 46.68 ? 796  ASN A OD1 1 
ATOM   1020 N  ND2 . ASN A 1 128 ? 11.128  15.401  -5.800  1.00 42.21 ? 796  ASN A ND2 1 
HETATM 1021 N  N   . MSE A 1 129 ? 7.739   12.940  -2.501  1.00 25.98 ? 797  MSE A N   1 
HETATM 1022 C  CA  . MSE A 1 129 ? 6.828   12.867  -1.372  1.00 25.56 ? 797  MSE A CA  1 
HETATM 1023 C  C   . MSE A 1 129 ? 7.600   12.712  -0.096  1.00 23.36 ? 797  MSE A C   1 
HETATM 1024 O  O   . MSE A 1 129 ? 8.814   12.460  -0.102  1.00 23.16 ? 797  MSE A O   1 
HETATM 1025 C  CB  . MSE A 1 129 ? 5.823   11.710  -1.527  1.00 27.94 ? 797  MSE A CB  1 
HETATM 1026 C  CG  . MSE A 1 129 ? 4.802   11.953  -2.627  1.00 31.01 ? 797  MSE A CG  1 
HETATM 1027 SE SE  . MSE A 1 129 ? 3.474   13.394  -2.218  1.00 39.92 ? 797  MSE A SE  1 
HETATM 1028 C  CE  . MSE A 1 129 ? 3.785   14.028  -4.041  1.00 38.01 ? 797  MSE A CE  1 
ATOM   1029 N  N   . LYS A 1 130 ? 6.900   12.922  1.014   1.00 21.97 ? 798  LYS A N   1 
ATOM   1030 C  CA  . LYS A 1 130 ? 7.492   12.891  2.340   1.00 23.11 ? 798  LYS A CA  1 
ATOM   1031 C  C   . LYS A 1 130 ? 7.026   11.685  3.124   1.00 19.88 ? 798  LYS A C   1 
ATOM   1032 O  O   . LYS A 1 130 ? 5.894   11.216  2.979   1.00 18.18 ? 798  LYS A O   1 
ATOM   1033 C  CB  . LYS A 1 130 ? 7.151   14.173  3.124   1.00 26.40 ? 798  LYS A CB  1 
ATOM   1034 C  CG  . LYS A 1 130 ? 7.438   15.464  2.363   1.00 31.52 ? 798  LYS A CG  1 
ATOM   1035 C  CD  . LYS A 1 130 ? 8.924   15.670  2.104   1.00 35.40 ? 798  LYS A CD  1 
ATOM   1036 C  CE  . LYS A 1 130 ? 9.210   16.969  1.349   1.00 38.21 ? 798  LYS A CE  1 
ATOM   1037 N  NZ  . LYS A 1 130 ? 9.429   16.743  -0.115  1.00 39.98 ? 798  LYS A NZ  1 
ATOM   1038 N  N   . ALA A 1 131 ? 7.889   11.206  4.011   1.00 19.21 ? 799  ALA A N   1 
ATOM   1039 C  CA  . ALA A 1 131 ? 7.468   10.239  4.990   1.00 17.62 ? 799  ALA A CA  1 
ATOM   1040 C  C   . ALA A 1 131 ? 6.230   10.774  5.716   1.00 17.29 ? 799  ALA A C   1 
ATOM   1041 O  O   . ALA A 1 131 ? 6.211   11.972  6.121   1.00 18.30 ? 799  ALA A O   1 
ATOM   1042 C  CB  . ALA A 1 131 ? 8.600   9.982   5.966   1.00 17.72 ? 799  ALA A CB  1 
ATOM   1043 N  N   . GLY A 1 132 ? 5.201   9.922   5.869   1.00 15.95 ? 800  GLY A N   1 
ATOM   1044 C  CA  . GLY A 1 132 ? 3.954   10.280  6.528   1.00 16.28 ? 800  GLY A CA  1 
ATOM   1045 C  C   . GLY A 1 132 ? 2.845   10.759  5.592   1.00 17.04 ? 800  GLY A C   1 
ATOM   1046 O  O   . GLY A 1 132 ? 1.704   10.842  5.999   1.00 16.69 ? 800  GLY A O   1 
ATOM   1047 N  N   . ASP A 1 133 ? 3.193   11.052  4.345   1.00 16.13 ? 801  ASP A N   1 
ATOM   1048 C  CA  . ASP A 1 133 ? 2.209   11.598  3.396   1.00 15.42 ? 801  ASP A CA  1 
ATOM   1049 C  C   . ASP A 1 133 ? 1.259   10.501  2.961   1.00 15.73 ? 801  ASP A C   1 
ATOM   1050 O  O   . ASP A 1 133 ? 1.690   9.388   2.718   1.00 15.44 ? 801  ASP A O   1 
ATOM   1051 C  CB  . ASP A 1 133 ? 2.861   12.084  2.132   1.00 16.43 ? 801  ASP A CB  1 
ATOM   1052 C  CG  . ASP A 1 133 ? 3.546   13.414  2.276   1.00 16.95 ? 801  ASP A CG  1 
ATOM   1053 O  OD1 . ASP A 1 133 ? 3.311   14.099  3.270   1.00 18.79 ? 801  ASP A OD1 1 
ATOM   1054 O  OD2 . ASP A 1 133 ? 4.317   13.747  1.336   1.00 19.37 ? 801  ASP A OD2 1 
ATOM   1055 N  N   . ASN A 1 134 ? -0.017  10.856  2.788   1.00 14.84 ? 802  ASN A N   1 
ATOM   1056 C  CA  . ASN A 1 134 ? -1.004  9.933   2.290   1.00 15.11 ? 802  ASN A CA  1 
ATOM   1057 C  C   . ASN A 1 134 ? -1.313  10.322  0.880   1.00 15.31 ? 802  ASN A C   1 
ATOM   1058 O  O   . ASN A 1 134 ? -1.701  11.453  0.632   1.00 16.11 ? 802  ASN A O   1 
ATOM   1059 C  CB  . ASN A 1 134 ? -2.257  9.984   3.147   1.00 15.60 ? 802  ASN A CB  1 
ATOM   1060 C  CG  . ASN A 1 134 ? -2.029  9.451   4.553   1.00 16.25 ? 802  ASN A CG  1 
ATOM   1061 O  OD1 . ASN A 1 134 ? -1.075  8.664   4.790   1.00 15.85 ? 802  ASN A OD1 1 
ATOM   1062 N  ND2 . ASN A 1 134 ? -2.891  9.859   5.500   1.00 16.52 ? 802  ASN A ND2 1 
ATOM   1063 N  N   . PHE A 1 135 ? -1.131  9.405   -0.064  1.00 14.49 ? 803  PHE A N   1 
ATOM   1064 C  CA  . PHE A 1 135 ? -1.398  9.706   -1.467  1.00 15.51 ? 803  PHE A CA  1 
ATOM   1065 C  C   . PHE A 1 135 ? -1.737  8.451   -2.256  1.00 14.92 ? 803  PHE A C   1 
ATOM   1066 O  O   . PHE A 1 135 ? -1.652  7.360   -1.730  1.00 14.31 ? 803  PHE A O   1 
ATOM   1067 C  CB  . PHE A 1 135 ? -0.260  10.507  -2.109  1.00 16.15 ? 803  PHE A CB  1 
ATOM   1068 C  CG  . PHE A 1 135 ? 1.073   9.820   -2.141  1.00 16.44 ? 803  PHE A CG  1 
ATOM   1069 C  CD1 . PHE A 1 135 ? 1.918   9.802   -1.015  1.00 15.97 ? 803  PHE A CD1 1 
ATOM   1070 C  CD2 . PHE A 1 135 ? 1.499   9.162   -3.291  1.00 17.03 ? 803  PHE A CD2 1 
ATOM   1071 C  CE1 . PHE A 1 135 ? 3.159   9.200   -1.072  1.00 17.70 ? 803  PHE A CE1 1 
ATOM   1072 C  CE2 . PHE A 1 135 ? 2.745   8.528   -3.327  1.00 17.60 ? 803  PHE A CE2 1 
ATOM   1073 C  CZ  . PHE A 1 135 ? 3.561   8.536   -2.200  1.00 17.12 ? 803  PHE A CZ  1 
ATOM   1074 N  N   . VAL A 1 136 ? -2.167  8.625   -3.501  1.00 15.71 ? 804  VAL A N   1 
ATOM   1075 C  CA  . VAL A 1 136 ? -2.414  7.470   -4.369  1.00 16.09 ? 804  VAL A CA  1 
ATOM   1076 C  C   . VAL A 1 136 ? -1.637  7.687   -5.676  1.00 16.02 ? 804  VAL A C   1 
ATOM   1077 O  O   . VAL A 1 136 ? -1.257  8.803   -6.026  1.00 16.11 ? 804  VAL A O   1 
ATOM   1078 C  CB  . VAL A 1 136 ? -3.888  7.176   -4.645  1.00 17.68 ? 804  VAL A CB  1 
ATOM   1079 C  CG1 . VAL A 1 136 ? -4.672  6.910   -3.362  1.00 17.88 ? 804  VAL A CG1 1 
ATOM   1080 C  CG2 . VAL A 1 136 ? -4.516  8.247   -5.493  1.00 18.15 ? 804  VAL A CG2 1 
ATOM   1081 N  N   . ILE A 1 137 ? -1.344  6.595   -6.353  1.00 14.56 ? 805  ILE A N   1 
ATOM   1082 C  CA  . ILE A 1 137 ? -0.844  6.641   -7.702  1.00 15.92 ? 805  ILE A CA  1 
ATOM   1083 C  C   . ILE A 1 137 ? -1.856  5.847   -8.527  1.00 14.88 ? 805  ILE A C   1 
ATOM   1084 O  O   . ILE A 1 137 ? -2.117  4.672   -8.251  1.00 14.99 ? 805  ILE A O   1 
ATOM   1085 C  CB  . ILE A 1 137 ? 0.527   5.989   -7.861  1.00 18.31 ? 805  ILE A CB  1 
ATOM   1086 C  CG1 . ILE A 1 137 ? 1.516   6.445   -6.789  1.00 19.61 ? 805  ILE A CG1 1 
ATOM   1087 C  CG2 . ILE A 1 137 ? 1.081   6.286   -9.260  1.00 18.40 ? 805  ILE A CG2 1 
ATOM   1088 C  CD1 . ILE A 1 137 ? 2.768   5.592   -6.753  1.00 20.91 ? 805  ILE A CD1 1 
ATOM   1089 N  N   . LEU A 1 138 ? -2.438  6.497   -9.520  1.00 15.16 ? 806  LEU A N   1 
ATOM   1090 C  CA  . LEU A 1 138 ? -3.404  5.867   -10.419 1.00 15.94 ? 806  LEU A CA  1 
ATOM   1091 C  C   . LEU A 1 138 ? -2.836  5.909   -11.852 1.00 16.33 ? 806  LEU A C   1 
ATOM   1092 O  O   . LEU A 1 138 ? -2.766  6.961   -12.440 1.00 17.73 ? 806  LEU A O   1 
ATOM   1093 C  CB  . LEU A 1 138 ? -4.753  6.603   -10.369 1.00 17.17 ? 806  LEU A CB  1 
ATOM   1094 C  CG  . LEU A 1 138 ? -5.882  6.064   -11.254 1.00 19.53 ? 806  LEU A CG  1 
ATOM   1095 C  CD1 . LEU A 1 138 ? -6.112  4.610   -10.871 1.00 20.21 ? 806  LEU A CD1 1 
ATOM   1096 C  CD2 . LEU A 1 138 ? -7.141  6.921   -11.102 1.00 21.32 ? 806  LEU A CD2 1 
ATOM   1097 N  N   . ASN A 1 139 ? -2.469  4.745   -12.364 1.00 16.52 ? 807  ASN A N   1 
ATOM   1098 C  CA  . ASN A 1 139 ? -1.925  4.582   -13.728 1.00 19.10 ? 807  ASN A CA  1 
ATOM   1099 C  C   . ASN A 1 139 ? -0.863  5.634   -13.974 1.00 19.69 ? 807  ASN A C   1 
ATOM   1100 O  O   . ASN A 1 139 ? -0.903  6.384   -14.966 1.00 20.93 ? 807  ASN A O   1 
ATOM   1101 C  CB  . ASN A 1 139 ? -3.055  4.720   -14.735 1.00 20.44 ? 807  ASN A CB  1 
ATOM   1102 C  CG  . ASN A 1 139 ? -4.092  3.661   -14.572 1.00 20.28 ? 807  ASN A CG  1 
ATOM   1103 O  OD1 . ASN A 1 139 ? -3.785  2.513   -14.250 1.00 21.48 ? 807  ASN A OD1 1 
ATOM   1104 N  ND2 . ASN A 1 139 ? -5.356  4.035   -14.773 1.00 23.06 ? 807  ASN A ND2 1 
ATOM   1105 N  N   . GLY A 1 140 ? 0.065   5.707   -13.031 1.00 20.14 ? 808  GLY A N   1 
ATOM   1106 C  CA  . GLY A 1 140 ? 1.189   6.637   -13.115 1.00 20.82 ? 808  GLY A CA  1 
ATOM   1107 C  C   . GLY A 1 140 ? 0.965   8.067   -12.647 1.00 20.96 ? 808  GLY A C   1 
ATOM   1108 O  O   . GLY A 1 140 ? 1.917   8.828   -12.534 1.00 24.85 ? 808  GLY A O   1 
ATOM   1109 N  N   . ARG A 1 141 ? -0.281  8.477   -12.413 1.00 20.52 ? 809  ARG A N   1 
ATOM   1110 C  CA  . ARG A 1 141 ? -0.565  9.822   -11.925 1.00 20.96 ? 809  ARG A CA  1 
ATOM   1111 C  C   . ARG A 1 141 ? -0.545  9.817   -10.387 1.00 20.04 ? 809  ARG A C   1 
ATOM   1112 O  O   . ARG A 1 141 ? -1.256  9.058   -9.773  1.00 18.23 ? 809  ARG A O   1 
ATOM   1113 C  CB  . ARG A 1 141 ? -1.929  10.348  -12.430 1.00 24.49 ? 809  ARG A CB  1 
ATOM   1114 C  CG  . ARG A 1 141 ? -1.890  11.222  -13.695 1.00 29.17 ? 809  ARG A CG  1 
ATOM   1115 C  CD  . ARG A 1 141 ? -1.223  12.578  -13.456 1.00 29.93 ? 809  ARG A CD  1 
ATOM   1116 N  NE  . ARG A 1 141 ? -2.084  13.626  -12.857 1.00 30.11 ? 809  ARG A NE  1 
ATOM   1117 C  CZ  . ARG A 1 141 ? -1.666  14.561  -11.989 1.00 31.93 ? 809  ARG A CZ  1 
ATOM   1118 N  NH1 . ARG A 1 141 ? -0.406  14.599  -11.565 1.00 31.43 ? 809  ARG A NH1 1 
ATOM   1119 N  NH2 . ARG A 1 141 ? -2.508  15.476  -11.515 1.00 32.75 ? 809  ARG A NH2 1 
ATOM   1120 N  N   . VAL A 1 142 ? 0.294   10.658  -9.793  1.00 19.28 ? 810  VAL A N   1 
ATOM   1121 C  CA  . VAL A 1 142 ? 0.398   10.794  -8.338  1.00 20.16 ? 810  VAL A CA  1 
ATOM   1122 C  C   . VAL A 1 142 ? -0.579  11.859  -7.891  1.00 20.85 ? 810  VAL A C   1 
ATOM   1123 O  O   . VAL A 1 142 ? -0.471  12.999  -8.344  1.00 23.24 ? 810  VAL A O   1 
ATOM   1124 C  CB  . VAL A 1 142 ? 1.793   11.246  -7.904  1.00 20.40 ? 810  VAL A CB  1 
ATOM   1125 C  CG1 . VAL A 1 142 ? 1.828   11.514  -6.388  1.00 21.97 ? 810  VAL A CG1 1 
ATOM   1126 C  CG2 . VAL A 1 142 ? 2.838   10.213  -8.300  1.00 22.18 ? 810  VAL A CG2 1 
ATOM   1127 N  N   . LEU A 1 143 ? -1.508  11.496  -7.007  1.00 18.58 ? 811  LEU A N   1 
ATOM   1128 C  CA  . LEU A 1 143 ? -2.516  12.419  -6.522  1.00 19.01 ? 811  LEU A CA  1 
ATOM   1129 C  C   . LEU A 1 143 ? -2.378  12.561  -5.023  1.00 19.19 ? 811  LEU A C   1 
ATOM   1130 O  O   . LEU A 1 143 ? -2.429  11.546  -4.293  1.00 18.47 ? 811  LEU A O   1 
ATOM   1131 C  CB  . LEU A 1 143 ? -3.911  11.908  -6.851  1.00 18.39 ? 811  LEU A CB  1 
ATOM   1132 C  CG  . LEU A 1 143 ? -4.210  11.671  -8.337  1.00 19.95 ? 811  LEU A CG  1 
ATOM   1133 C  CD1 . LEU A 1 143 ? -5.506  10.913  -8.470  1.00 21.93 ? 811  LEU A CD1 1 
ATOM   1134 C  CD2 . LEU A 1 143 ? -4.226  12.987  -9.104  1.00 19.87 ? 811  LEU A CD2 1 
ATOM   1135 N  N   . GLY A 1 144 ? -2.199  13.804  -4.576  1.00 19.62 ? 812  GLY A N   1 
ATOM   1136 C  CA  . GLY A 1 144 ? -2.002  14.137  -3.184  1.00 19.86 ? 812  GLY A CA  1 
ATOM   1137 C  C   . GLY A 1 144 ? -0.754  14.970  -2.944  1.00 20.21 ? 812  GLY A C   1 
ATOM   1138 O  O   . GLY A 1 144 ? -0.141  15.419  -3.888  1.00 20.55 ? 812  GLY A O   1 
ATOM   1139 N  N   . PRO A 1 145 ? -0.342  15.147  -1.669  1.00 19.15 ? 813  PRO A N   1 
ATOM   1140 C  CA  . PRO A 1 145 ? -0.945  14.418  -0.542  1.00 18.01 ? 813  PRO A CA  1 
ATOM   1141 C  C   . PRO A 1 145 ? -2.422  14.806  -0.233  1.00 17.01 ? 813  PRO A C   1 
ATOM   1142 O  O   . PRO A 1 145 ? -2.877  15.884  -0.576  1.00 16.29 ? 813  PRO A O   1 
ATOM   1143 C  CB  . PRO A 1 145 ? -0.027  14.741  0.650   1.00 20.01 ? 813  PRO A CB  1 
ATOM   1144 C  CG  . PRO A 1 145 ? 1.102   15.542  0.144   1.00 20.95 ? 813  PRO A CG  1 
ATOM   1145 C  CD  . PRO A 1 145 ? 0.804   15.985  -1.261  1.00 19.88 ? 813  PRO A CD  1 
ATOM   1146 N  N   . ILE A 1 146 ? -3.110  13.898  0.432   1.00 16.28 ? 814  ILE A N   1 
ATOM   1147 C  CA  . ILE A 1 146 ? -4.417  14.084  0.989   1.00 16.51 ? 814  ILE A CA  1 
ATOM   1148 C  C   . ILE A 1 146 ? -4.190  14.533  2.436   1.00 17.81 ? 814  ILE A C   1 
ATOM   1149 O  O   . ILE A 1 146 ? -3.752  13.744  3.294   1.00 17.05 ? 814  ILE A O   1 
ATOM   1150 C  CB  . ILE A 1 146 ? -5.193  12.758  0.953   1.00 17.98 ? 814  ILE A CB  1 
ATOM   1151 C  CG1 . ILE A 1 146 ? -5.223  12.223  -0.498  1.00 17.76 ? 814  ILE A CG1 1 
ATOM   1152 C  CG2 . ILE A 1 146 ? -6.553  12.915  1.591   1.00 17.53 ? 814  ILE A CG2 1 
ATOM   1153 C  CD1 . ILE A 1 146 ? -5.545  10.737  -0.627  1.00 20.62 ? 814  ILE A CD1 1 
ATOM   1154 N  N   . THR A 1 147 ? -4.488  15.791  2.718   1.00 18.85 ? 815  THR A N   1 
ATOM   1155 C  CA  . THR A 1 147 ? -4.175  16.347  4.016   1.00 22.68 ? 815  THR A CA  1 
ATOM   1156 C  C   . THR A 1 147 ? -5.298  16.103  5.027   1.00 26.40 ? 815  THR A C   1 
ATOM   1157 O  O   . THR A 1 147 ? -6.427  15.718  4.670   1.00 22.72 ? 815  THR A O   1 
ATOM   1158 C  CB  . THR A 1 147 ? -3.754  17.824  3.898   1.00 25.65 ? 815  THR A CB  1 
ATOM   1159 O  OG1 . THR A 1 147 ? -4.783  18.588  3.306   1.00 24.50 ? 815  THR A OG1 1 
ATOM   1160 C  CG2 . THR A 1 147 ? -2.554  17.925  3.012   1.00 27.39 ? 815  THR A CG2 1 
ATOM   1161 N  N   . SER A 1 148 ? -4.898  16.285  6.280   1.00 31.84 ? 816  SER A N   1 
ATOM   1162 C  CA  . SER A 1 148 ? -5.525  15.773  7.510   1.00 37.28 ? 816  SER A CA  1 
ATOM   1163 C  C   . SER A 1 148 ? -6.944  15.266  7.410   1.00 41.12 ? 816  SER A C   1 
ATOM   1164 O  O   . SER A 1 148 ? -7.559  14.977  8.437   1.00 43.56 ? 816  SER A O   1 
ATOM   1165 C  CB  . SER A 1 148 ? -5.506  16.897  8.552   1.00 36.41 ? 816  SER A CB  1 
ATOM   1166 O  OG  . SER A 1 148 ? -6.321  17.957  8.105   1.00 37.76 ? 816  SER A OG  1 
HETATM 1167 O  O47 . PQE B 2 .   ? -12.327 -3.448  -30.645 1.00 79.41 ? 2000 PQE A O47 1 
HETATM 1168 C  C68 . PQE B 2 .   ? -11.550 -2.592  -29.798 1.00 78.45 ? 2000 PQE A C68 1 
HETATM 1169 C  C52 . PQE B 2 .   ? -12.063 -1.157  -29.900 1.00 77.92 ? 2000 PQE A C52 1 
HETATM 1170 O  O70 . PQE B 2 .   ? -12.351 -0.625  -28.602 1.00 79.29 ? 2000 PQE A O70 1 
HETATM 1171 C  C55 . PQE B 2 .   ? -11.196 -0.375  -27.789 1.00 80.58 ? 2000 PQE A C55 1 
HETATM 1172 C  C58 . PQE B 2 .   ? -11.361 0.926   -26.997 1.00 81.59 ? 2000 PQE A C58 1 
HETATM 1173 O  O71 . PQE B 2 .   ? -11.074 0.697   -25.614 1.00 83.21 ? 2000 PQE A O71 1 
HETATM 1174 C  C61 . PQE B 2 .   ? -10.498 1.805   -24.908 1.00 84.97 ? 2000 PQE A C61 1 
HETATM 1175 C  C62 . PQE B 2 .   ? -10.049 1.321   -23.528 1.00 85.30 ? 2000 PQE A C62 1 
HETATM 1176 C  C63 . PQE B 2 .   ? -9.575  2.429   -22.588 1.00 85.51 ? 2000 PQE A C63 1 
HETATM 1177 C  C66 . PQE B 2 .   ? -9.295  1.853   -21.198 1.00 84.96 ? 2000 PQE A C66 1 
HETATM 1178 C  C67 . PQE B 2 .   ? -8.897  2.922   -20.178 1.00 84.29 ? 2000 PQE A C67 1 
HETATM 1179 O  O72 . PQE B 2 .   ? -9.976  3.155   -19.262 1.00 82.57 ? 2000 PQE A O72 1 
HETATM 1180 C  C65 . PQE B 2 .   ? -9.644  3.166   -17.865 1.00 79.49 ? 2000 PQE A C65 1 
HETATM 1181 C  C64 . PQE B 2 .   ? -10.166 1.891   -17.203 1.00 77.10 ? 2000 PQE A C64 1 
HETATM 1182 O  O73 . PQE B 2 .   ? -10.506 2.117   -15.833 1.00 72.19 ? 2000 PQE A O73 1 
HETATM 1183 C  C60 . PQE B 2 .   ? -11.259 1.020   -15.303 1.00 68.52 ? 2000 PQE A C60 1 
HETATM 1184 C  C59 . PQE B 2 .   ? -11.325 1.076   -13.778 1.00 66.03 ? 2000 PQE A C59 1 
HETATM 1185 O  O74 . PQE B 2 .   ? -12.657 1.415   -13.387 1.00 62.45 ? 2000 PQE A O74 1 
HETATM 1186 C  C57 . PQE B 2 .   ? -12.861 1.523   -11.979 1.00 57.03 ? 2000 PQE A C57 1 
HETATM 1187 C  C56 . PQE B 2 .   ? -13.018 2.997   -11.622 1.00 56.06 ? 2000 PQE A C56 1 
HETATM 1188 O  O75 . PQE B 2 .   ? -11.758 3.656   -11.785 1.00 54.50 ? 2000 PQE A O75 1 
HETATM 1189 C  C54 . PQE B 2 .   ? -11.802 5.074   -11.636 1.00 51.22 ? 2000 PQE A C54 1 
HETATM 1190 C  C53 . PQE B 2 .   ? -11.636 5.439   -10.173 1.00 50.87 ? 2000 PQE A C53 1 
HETATM 1191 O  O76 . PQE B 2 .   ? -10.250 5.548   -9.879  1.00 52.13 ? 2000 PQE A O76 1 
HETATM 1192 C  C51 . PQE B 2 .   ? -9.973  6.170   -8.621  1.00 50.48 ? 2000 PQE A C51 1 
HETATM 1193 C  C50 . PQE B 2 .   ? -10.371 5.248   -7.474  1.00 47.83 ? 2000 PQE A C50 1 
HETATM 1194 C  C49 . PQE B 2 .   ? -9.498  5.454   -6.233  1.00 46.58 ? 2000 PQE A C49 1 
HETATM 1195 C  C48 . PQE B 2 .   ? -10.299 5.194   -4.955  1.00 46.55 ? 2000 PQE A C48 1 
HETATM 1196 C  C47 . PQE B 2 .   ? -9.512  4.488   -3.860  1.00 46.69 ? 2000 PQE A C47 1 
HETATM 1197 C  C46 . PQE B 2 .   ? -8.994  5.452   -2.804  1.00 47.89 ? 2000 PQE A C46 1 
HETATM 1198 C  C45 . PQE B 2 .   ? -10.021 5.717   -1.705  1.00 49.64 ? 2000 PQE A C45 1 
HETATM 1199 C  C44 . PQE B 2 .   ? -10.739 7.062   -1.811  1.00 48.13 ? 2000 PQE A C44 1 
HETATM 1200 C  C43 . PQE B 2 .   ? -9.774  8.232   -1.931  1.00 50.55 ? 2000 PQE A C43 1 
HETATM 1201 C  C42 . PQE B 2 .   ? -10.319 9.481   -1.243  1.00 49.60 ? 2000 PQE A C42 1 
HETATM 1202 C  C41 . PQE B 2 .   ? -9.643  10.713  -1.827  1.00 49.35 ? 2000 PQE A C41 1 
HETATM 1203 C  C40 . PQE B 2 .   ? -9.935  11.988  -1.078  1.00 50.72 ? 2000 PQE A C40 1 
HETATM 1204 O  O   . HOH C 3 .   ? -1.043  13.421  3.882   1.00 14.71 ? 2101 HOH A O   1 
HETATM 1205 O  O   . HOH C 3 .   ? 8.092   6.384   5.655   1.00 16.44 ? 2102 HOH A O   1 
HETATM 1206 O  O   . HOH C 3 .   ? -0.252  2.474   -9.341  1.00 17.09 ? 2103 HOH A O   1 
HETATM 1207 O  O   . HOH C 3 .   ? 5.234   1.893   11.653  1.00 15.16 ? 2104 HOH A O   1 
HETATM 1208 O  O   . HOH C 3 .   ? -1.137  -1.618  -8.278  1.00 16.78 ? 2105 HOH A O   1 
HETATM 1209 O  O   . HOH C 3 .   ? 3.997   7.472   11.860  1.00 17.52 ? 2106 HOH A O   1 
HETATM 1210 O  O   . HOH C 3 .   ? 10.096  -7.524  3.654   1.00 25.66 ? 2107 HOH A O   1 
HETATM 1211 O  O   . HOH C 3 .   ? -4.863  12.041  5.213   1.00 19.14 ? 2108 HOH A O   1 
HETATM 1212 O  O   . HOH C 3 .   ? 12.743  2.365   -4.360  1.00 18.20 ? 2109 HOH A O   1 
HETATM 1213 O  O   . HOH C 3 .   ? -2.664  15.923  -6.465  1.00 21.19 ? 2110 HOH A O   1 
HETATM 1214 O  O   . HOH C 3 .   ? 14.184  -0.975  -7.125  1.00 19.45 ? 2111 HOH A O   1 
HETATM 1215 O  O   . HOH C 3 .   ? 12.661  -0.248  -5.014  1.00 20.67 ? 2112 HOH A O   1 
HETATM 1216 O  O   . HOH C 3 .   ? 6.203   0.099   4.513   1.00 14.16 ? 2113 HOH A O   1 
HETATM 1217 O  O   . HOH C 3 .   ? 13.624  -0.883  -9.897  1.00 23.11 ? 2114 HOH A O   1 
HETATM 1218 O  O   . HOH C 3 .   ? 3.716   -1.597  2.557   1.00 12.98 ? 2115 HOH A O   1 
HETATM 1219 O  O   . HOH C 3 .   ? -8.395  9.187   5.426   1.00 21.64 ? 2116 HOH A O   1 
HETATM 1220 O  O   . HOH C 3 .   ? 6.368   -6.957  2.941   1.00 22.08 ? 2117 HOH A O   1 
HETATM 1221 O  O   . HOH C 3 .   ? 11.900  -2.422  -15.695 1.00 21.07 ? 2118 HOH A O   1 
HETATM 1222 O  O   . HOH C 3 .   ? -17.196 7.241   4.762   1.00 22.36 ? 2119 HOH A O   1 
HETATM 1223 O  O   . HOH C 3 .   ? 6.088   -0.536  10.396  1.00 16.52 ? 2120 HOH A O   1 
HETATM 1224 O  O   . HOH C 3 .   ? -2.787  -7.590  -11.605 1.00 27.79 ? 2121 HOH A O   1 
HETATM 1225 O  O   . HOH C 3 .   ? 17.194  -1.347  -0.982  1.00 26.28 ? 2122 HOH A O   1 
HETATM 1226 O  O   . HOH C 3 .   ? 5.176   -11.046 5.438   1.00 21.05 ? 2123 HOH A O   1 
HETATM 1227 O  O   . HOH C 3 .   ? 12.227  3.778   5.344   1.00 19.86 ? 2124 HOH A O   1 
HETATM 1228 O  O   . HOH C 3 .   ? -3.841  -8.777  15.733  1.00 28.68 ? 2125 HOH A O   1 
HETATM 1229 O  O   . HOH C 3 .   ? -1.015  0.915   13.444  1.00 26.30 ? 2126 HOH A O   1 
HETATM 1230 O  O   . HOH C 3 .   ? 1.382   10.771  8.799   1.00 22.11 ? 2127 HOH A O   1 
HETATM 1231 O  O   . HOH C 3 .   ? 11.721  -1.870  14.129  1.00 23.29 ? 2128 HOH A O   1 
HETATM 1232 O  O   . HOH C 3 .   ? 13.994  -3.875  -1.084  1.00 32.00 ? 2129 HOH A O   1 
HETATM 1233 O  O   . HOH C 3 .   ? 10.810  6.218   4.919   1.00 21.78 ? 2130 HOH A O   1 
HETATM 1234 O  O   . HOH C 3 .   ? 4.161   13.930  6.055   1.00 26.18 ? 2131 HOH A O   1 
HETATM 1235 O  O   . HOH C 3 .   ? 7.328   3.313   12.471  1.00 22.23 ? 2132 HOH A O   1 
HETATM 1236 O  O   . HOH C 3 .   ? 10.614  12.149  3.979   1.00 25.96 ? 2133 HOH A O   1 
HETATM 1237 O  O   . HOH C 3 .   ? -7.364  11.848  5.558   1.00 27.12 ? 2134 HOH A O   1 
HETATM 1238 O  O   . HOH C 3 .   ? 17.535  0.789   5.361   1.00 26.27 ? 2135 HOH A O   1 
HETATM 1239 O  O   . HOH C 3 .   ? 8.000   -11.358 5.982   1.00 28.33 ? 2136 HOH A O   1 
HETATM 1240 O  O   . HOH C 3 .   ? -2.766  -15.507 8.159   1.00 30.81 ? 2137 HOH A O   1 
HETATM 1241 O  O   . HOH C 3 .   ? 14.022  1.801   9.752   1.00 23.29 ? 2138 HOH A O   1 
HETATM 1242 O  O   . HOH C 3 .   ? 0.648   -0.265  -9.877  1.00 22.12 ? 2139 HOH A O   1 
HETATM 1243 O  O   . HOH C 3 .   ? 8.434   -5.421  3.851   1.00 20.90 ? 2140 HOH A O   1 
HETATM 1244 O  O   . HOH C 3 .   ? 15.810  -0.611  8.865   1.00 30.33 ? 2141 HOH A O   1 
HETATM 1245 O  O   . HOH C 3 .   ? 3.203   0.801   -7.191  1.00 23.71 ? 2142 HOH A O   1 
HETATM 1246 O  O   . HOH C 3 .   ? -0.402  12.621  6.247   1.00 21.78 ? 2143 HOH A O   1 
HETATM 1247 O  O   . HOH C 3 .   ? 3.905   9.557   13.601  1.00 25.00 ? 2144 HOH A O   1 
HETATM 1248 O  O   . HOH C 3 .   ? 13.549  5.459   -6.502  1.00 29.06 ? 2145 HOH A O   1 
HETATM 1249 O  O   . HOH C 3 .   ? -4.901  6.889   15.103  1.00 29.72 ? 2146 HOH A O   1 
HETATM 1250 O  O   . HOH C 3 .   ? -15.810 -5.995  -10.277 1.00 26.97 ? 2147 HOH A O   1 
HETATM 1251 O  O   . HOH C 3 .   ? 1.777   12.614  -11.424 1.00 29.52 ? 2148 HOH A O   1 
HETATM 1252 O  O   . HOH C 3 .   ? -0.142  -1.439  14.485  1.00 27.78 ? 2149 HOH A O   1 
HETATM 1253 O  O   . HOH C 3 .   ? 17.372  -6.748  6.667   1.00 28.68 ? 2150 HOH A O   1 
HETATM 1254 O  O   . HOH C 3 .   ? 3.394   -3.615  -6.360  1.00 25.42 ? 2151 HOH A O   1 
HETATM 1255 O  O   . HOH C 3 .   ? -1.326  -14.273 10.205  1.00 28.82 ? 2152 HOH A O   1 
HETATM 1256 O  O   . HOH C 3 .   ? 15.414  1.898   -4.556  1.00 30.01 ? 2153 HOH A O   1 
HETATM 1257 O  O   . HOH C 3 .   ? 6.008   11.451  13.895  1.00 32.66 ? 2154 HOH A O   1 
HETATM 1258 O  O   . HOH C 3 .   ? 16.641  -4.252  -8.714  1.00 28.78 ? 2155 HOH A O   1 
HETATM 1259 O  O   . HOH C 3 .   ? -6.418  6.736   -15.346 1.00 27.46 ? 2156 HOH A O   1 
HETATM 1260 O  O   . HOH C 3 .   ? 4.799   16.326  0.701   1.00 31.14 ? 2157 HOH A O   1 
HETATM 1261 O  O   . HOH C 3 .   ? 0.844   15.036  -6.273  1.00 30.44 ? 2158 HOH A O   1 
HETATM 1262 O  O   . HOH C 3 .   ? -1.780  -14.479 3.022   1.00 30.16 ? 2159 HOH A O   1 
HETATM 1263 O  O   . HOH C 3 .   ? 12.679  14.493  -2.848  1.00 34.14 ? 2160 HOH A O   1 
HETATM 1264 O  O   . HOH C 3 .   ? 8.679   11.701  13.017  1.00 31.42 ? 2161 HOH A O   1 
HETATM 1265 O  O   . HOH C 3 .   ? -2.220  8.688   8.351   1.00 26.43 ? 2162 HOH A O   1 
HETATM 1266 O  O   . HOH C 3 .   ? -0.825  10.286  9.878   1.00 34.11 ? 2163 HOH A O   1 
HETATM 1267 O  O   . HOH C 3 .   ? 0.687   -16.177 6.004   1.00 37.11 ? 2164 HOH A O   1 
HETATM 1268 O  O   . HOH C 3 .   ? 11.608  8.786   11.259  1.00 39.83 ? 2165 HOH A O   1 
HETATM 1269 O  O   . HOH C 3 .   ? 17.730  0.621   8.218   1.00 30.98 ? 2166 HOH A O   1 
HETATM 1270 O  O   . HOH C 3 .   ? 17.077  -6.713  10.333  1.00 36.67 ? 2167 HOH A O   1 
HETATM 1271 O  O   . HOH C 3 .   ? 18.024  -6.163  4.034   1.00 35.69 ? 2168 HOH A O   1 
HETATM 1272 O  O   . HOH C 3 .   ? 16.093  -7.746  2.192   1.00 33.65 ? 2169 HOH A O   1 
HETATM 1273 O  O   . HOH C 3 .   ? 12.172  8.240   5.507   1.00 34.43 ? 2170 HOH A O   1 
HETATM 1274 O  O   . HOH C 3 .   ? 7.911   13.789  6.819   1.00 34.43 ? 2171 HOH A O   1 
HETATM 1275 O  O   . HOH C 3 .   ? 10.495  -5.938  15.011  1.00 42.19 ? 2172 HOH A O   1 
HETATM 1276 O  O   . HOH C 3 .   ? 7.783   -7.186  14.187  1.00 36.05 ? 2173 HOH A O   1 
HETATM 1277 O  O   . HOH C 3 .   ? 4.543   -13.265 15.781  1.00 38.57 ? 2174 HOH A O   1 
HETATM 1278 O  O   . HOH C 3 .   ? 2.505   -12.995 12.550  1.00 37.63 ? 2175 HOH A O   1 
HETATM 1279 O  O   . HOH C 3 .   ? 3.065   -9.360  17.555  1.00 37.92 ? 2176 HOH A O   1 
HETATM 1280 O  O   . HOH C 3 .   ? 11.340  -11.750 10.183  1.00 33.73 ? 2177 HOH A O   1 
HETATM 1281 O  O   . HOH C 3 .   ? 2.676   -8.299  -8.366  1.00 27.84 ? 2178 HOH A O   1 
HETATM 1282 O  O   . HOH C 3 .   ? 0.838   -11.310 -6.088  1.00 40.90 ? 2179 HOH A O   1 
HETATM 1283 O  O   . HOH C 3 .   ? -3.852  -11.191 -5.824  1.00 35.50 ? 2180 HOH A O   1 
HETATM 1284 O  O   . HOH C 3 .   ? -6.607  -11.657 -3.509  1.00 47.18 ? 2181 HOH A O   1 
HETATM 1285 O  O   . HOH C 3 .   ? -7.084  -10.800 -0.746  1.00 34.91 ? 2182 HOH A O   1 
HETATM 1286 O  O   . HOH C 3 .   ? -10.281 -16.293 0.987   1.00 26.76 ? 2183 HOH A O   1 
HETATM 1287 O  O   . HOH C 3 .   ? -3.646  -9.697  -13.119 1.00 35.80 ? 2184 HOH A O   1 
HETATM 1288 O  O   . HOH C 3 .   ? -12.653 -3.270  -12.473 1.00 30.77 ? 2185 HOH A O   1 
HETATM 1289 O  O   . HOH C 3 .   ? -14.871 -1.906  -12.493 1.00 31.72 ? 2186 HOH A O   1 
HETATM 1290 O  O   . HOH C 3 .   ? -11.470 -10.316 -7.124  1.00 44.62 ? 2187 HOH A O   1 
HETATM 1291 O  O   . HOH C 3 .   ? -13.524 -8.887  -5.472  1.00 44.36 ? 2188 HOH A O   1 
HETATM 1292 O  O   . HOH C 3 .   ? -13.714 -10.962 -3.490  1.00 45.12 ? 2189 HOH A O   1 
HETATM 1293 O  O   . HOH C 3 .   ? -14.960 -2.039  12.438  1.00 27.87 ? 2190 HOH A O   1 
HETATM 1294 O  O   . HOH C 3 .   ? -15.408 -9.344  9.037   1.00 29.29 ? 2191 HOH A O   1 
HETATM 1295 O  O   . HOH C 3 .   ? 5.537   -13.747 12.443  1.00 38.46 ? 2192 HOH A O   1 
HETATM 1296 O  O   . HOH C 3 .   ? 17.792  3.295   9.366   1.00 43.23 ? 2193 HOH A O   1 
HETATM 1297 O  O   . HOH C 3 .   ? 11.247  -9.246  -3.566  1.00 35.42 ? 2194 HOH A O   1 
HETATM 1298 O  O   . HOH C 3 .   ? 4.089   -6.970  -4.386  1.00 26.78 ? 2195 HOH A O   1 
HETATM 1299 O  O   . HOH C 3 .   ? 13.281  9.651   1.498   1.00 29.53 ? 2196 HOH A O   1 
HETATM 1300 O  O   . HOH C 3 .   ? 16.001  -0.802  -4.001  1.00 29.68 ? 2197 HOH A O   1 
HETATM 1301 O  O   . HOH C 3 .   ? 16.496  -4.167  -2.453  1.00 42.69 ? 2198 HOH A O   1 
HETATM 1302 O  O   . HOH C 3 .   ? -3.609  -10.865 -3.165  1.00 35.23 ? 2199 HOH A O   1 
HETATM 1303 O  O   . HOH C 3 .   ? -6.323  -11.241 -7.105  1.00 40.61 ? 2200 HOH A O   1 
HETATM 1304 O  O   . HOH C 3 .   ? -3.120  -14.930 5.439   1.00 34.99 ? 2201 HOH A O   1 
HETATM 1305 O  O   . HOH C 3 .   ? -5.876  -14.428 -2.489  1.00 49.90 ? 2202 HOH A O   1 
HETATM 1306 O  O   . HOH C 3 .   ? -16.900 -3.422  -1.668  1.00 37.30 ? 2203 HOH A O   1 
HETATM 1307 O  O   . HOH C 3 .   ? -16.204 -0.904  9.522   1.00 34.74 ? 2204 HOH A O   1 
HETATM 1308 O  O   . HOH C 3 .   ? -17.055 -9.321  11.616  1.00 29.09 ? 2205 HOH A O   1 
HETATM 1309 O  O   . HOH C 3 .   ? -19.306 -8.140  10.932  1.00 39.91 ? 2206 HOH A O   1 
HETATM 1310 O  O   . HOH C 3 .   ? 3.747   16.898  3.709   1.00 37.12 ? 2207 HOH A O   1 
HETATM 1311 O  O   . HOH C 3 .   ? 0.623   15.470  4.036   1.00 29.92 ? 2208 HOH A O   1 
HETATM 1312 O  O   . HOH C 3 .   ? -3.405  12.684  7.586   1.00 34.82 ? 2209 HOH A O   1 
HETATM 1313 O  O   . HOH C 3 .   ? -8.035  -6.469  -15.897 1.00 37.37 ? 2210 HOH A O   1 
HETATM 1314 O  O   . HOH C 3 .   ? -2.160  6.653   16.049  1.00 39.91 ? 2211 HOH A O   1 
HETATM 1315 O  O   . HOH C 3 .   ? -2.934  11.909  10.048  1.00 30.53 ? 2212 HOH A O   1 
HETATM 1316 O  O   . HOH C 3 .   ? 1.576   11.139  13.133  1.00 38.20 ? 2213 HOH A O   1 
HETATM 1317 O  O   . HOH C 3 .   ? -6.818  2.632   14.142  1.00 37.79 ? 2214 HOH A O   1 
HETATM 1318 O  O   . HOH C 3 .   ? -3.670  -1.203  13.804  1.00 35.31 ? 2215 HOH A O   1 
HETATM 1319 O  O   . HOH C 3 .   ? 16.266  3.266   5.358   1.00 34.81 ? 2216 HOH A O   1 
HETATM 1320 O  O   . HOH C 3 .   ? 14.984  7.419   5.837   1.00 38.22 ? 2217 HOH A O   1 
HETATM 1321 O  O   . HOH C 3 .   ? 14.102  4.144   7.101   1.00 36.96 ? 2218 HOH A O   1 
HETATM 1322 O  O   . HOH C 3 .   ? 13.437  -9.204  7.284   1.00 40.89 ? 2219 HOH A O   1 
HETATM 1323 O  O   . HOH C 3 .   ? 19.327  -6.992  8.458   1.00 41.34 ? 2220 HOH A O   1 
# 
